data_4GSF
#
_entry.id   4GSF
#
_cell.length_a   263.179
_cell.length_b   263.179
_cell.length_c   90.557
_cell.angle_alpha   90.00
_cell.angle_beta   90.00
_cell.angle_gamma   120.00
#
_symmetry.space_group_name_H-M   'P 65'
#
loop_
_entity.id
_entity.type
_entity.pdbx_description
1 polymer 'Insulin-degrading enzyme'
2 non-polymer 'methyl N-(carboxymethyl)-N-(3-phenylpropanoyl)glycyl-D-histidinate'
3 non-polymer 'ZINC ION'
4 water water
#
_entity_poly.entity_id   1
_entity_poly.type   'polypeptide(L)'
_entity_poly.pdbx_seq_one_letter_code
;MHHHHHHAAGIPMNNPAIKRIGNHITKSPEDKREYRGLELANGIKVLLISDPTTDKSSAALDVHIGSLSDPPNIAGLSHF
LQHMLFLGTKKYPKENEYSQFLSEHAGSSNAFTSGEHTNYYFDVSHEHLEGALDRFAQFFLSPLFDESAKDREVNAVDSE
HEKNVMNDAWRLFQLEKATGNPKHPFSKFGTGNKYTLETRPNQEGIDVRQELLKFHSAYYSSNLMAVVVLGRESLDDLTN
LVVKLFSEVENKNVPLPEFPEHPFQEEHLKQLYKIVPIKDIRNLYVTFPIPDLQKYYKSNPGHYLGHLIGHEGPGSLLSE
LKSKGWVNTLVGGQKEGARGFMFFIINVDLTEEGLLHVEDIILHMFQYIQKLRAEGPQEWVFQELKDLNAVAFRFKDKER
PRGYTSKIAGILHYYPLEEVLTAEYLLEEFRPDLIEMVLDKLRPENVRVAIVSKSFEGKTDRTEEWYGTQYKQEAIPDEV
IKKWQNADLNGKFKLPTKNEFIPTNFEILPLEKEATPYPALIKDTAMSKLWFKQDDKFFLPKANLNFEFFSPFAYVDPLH
SNMAYLYLELLKDSLNEYAYAAELAGLSYDLQNTIYGMYLSVKGYNDKQPILLKKIIEKMATFEIDEKRFEIIKEAYMRS
LNNFRAEQPHQHAMYYLRLLMTEVAWTKDELKEALDDVTLPRLKAFIPQLLSRLHIEALLHGNITKQAALGIMQMVEDTL
IEHAHTKPLLPSQLVRYREVQLPDRGWFVYQQRNEVHNNSGIEIYYQTDMQSTSENMFLELFAQIISEPAFNTLRTKEQL
GYIVFSGPRRANGIQGLRFIIQSEKPPHYLESRVEAFLITMEKSIEDMTEEAFQKHIQALAIRRLDKPKKLSAESAKYWG
EIISQQYNFDRDNTEVAYLKTLTKEDIIKFYKEMLAVDAPRRHKVSVHVLAREMDSNPVVGEFPAQNDINLSQAPALPQP
EVIQNMTEFKRGLPLFPLVKPHINFMAAKL
;
_entity_poly.pdbx_strand_id   A,B
#
# COMPACT_ATOMS: atom_id res chain seq x y z
N ASN A 14 11.94 -39.12 2.84
CA ASN A 14 10.70 -38.36 2.56
C ASN A 14 10.79 -36.89 2.09
N ASN A 15 11.55 -36.02 2.78
CA ASN A 15 11.55 -34.57 2.47
C ASN A 15 12.91 -33.87 2.41
N PRO A 16 13.42 -33.58 1.20
CA PRO A 16 14.73 -32.93 1.08
C PRO A 16 14.89 -31.65 1.91
N ALA A 17 13.83 -30.89 2.11
CA ALA A 17 13.97 -29.58 2.76
C ALA A 17 14.18 -29.64 4.27
N ILE A 18 13.88 -30.79 4.86
CA ILE A 18 14.01 -30.97 6.27
C ILE A 18 15.14 -31.93 6.65
N LYS A 19 16.11 -31.49 7.45
CA LYS A 19 17.06 -32.42 8.09
C LYS A 19 16.36 -33.33 9.09
N ARG A 20 15.58 -32.82 10.01
CA ARG A 20 15.24 -33.63 11.19
C ARG A 20 13.89 -33.23 11.75
N ILE A 21 13.15 -34.16 12.33
CA ILE A 21 11.92 -33.75 12.97
C ILE A 21 11.98 -33.83 14.48
N GLY A 22 12.64 -34.79 15.04
CA GLY A 22 12.71 -34.66 16.50
C GLY A 22 11.41 -35.01 17.22
N ASN A 23 11.60 -35.49 18.44
CA ASN A 23 10.53 -36.18 19.12
C ASN A 23 9.51 -35.20 19.76
N HIS A 24 8.59 -35.76 20.52
CA HIS A 24 7.54 -35.01 21.18
C HIS A 24 8.18 -33.89 22.04
N ILE A 25 7.64 -32.69 21.99
CA ILE A 25 8.22 -31.61 22.70
C ILE A 25 7.59 -31.59 24.07
N THR A 26 8.33 -31.81 25.15
CA THR A 26 7.73 -31.86 26.47
C THR A 26 7.02 -30.58 26.84
N LYS A 27 5.75 -30.66 27.16
CA LYS A 27 5.03 -29.47 27.54
C LYS A 27 4.29 -29.67 28.88
N SER A 28 3.74 -28.59 29.43
CA SER A 28 2.98 -28.78 30.63
C SER A 28 1.75 -29.54 30.20
N PRO A 29 1.21 -30.40 31.07
CA PRO A 29 -0.06 -31.09 30.74
C PRO A 29 -1.29 -30.18 30.82
N GLU A 30 -1.13 -28.94 31.26
CA GLU A 30 -2.18 -27.93 31.17
C GLU A 30 -2.11 -27.14 29.85
N ASP A 31 -1.20 -27.51 28.95
CA ASP A 31 -0.97 -26.72 27.77
C ASP A 31 -1.63 -27.41 26.60
N LYS A 32 -2.66 -26.75 26.12
CA LYS A 32 -3.50 -27.33 25.07
C LYS A 32 -2.88 -27.02 23.69
N ARG A 33 -1.91 -26.09 23.62
CA ARG A 33 -1.24 -25.80 22.35
C ARG A 33 -0.47 -27.06 21.89
N GLU A 34 -0.24 -27.22 20.59
CA GLU A 34 0.55 -28.36 20.07
C GLU A 34 1.84 -27.87 19.42
N TYR A 35 2.85 -28.73 19.36
CA TYR A 35 4.16 -28.29 19.02
C TYR A 35 4.94 -29.27 18.20
N ARG A 36 5.72 -28.76 17.28
CA ARG A 36 6.64 -29.55 16.48
C ARG A 36 7.98 -28.85 16.39
N GLY A 37 9.06 -29.53 16.76
CA GLY A 37 10.37 -29.00 16.57
C GLY A 37 10.90 -29.55 15.28
N LEU A 38 11.73 -28.81 14.58
CA LEU A 38 12.49 -29.44 13.52
C LEU A 38 13.69 -28.63 13.09
N GLU A 39 14.48 -29.20 12.20
CA GLU A 39 15.64 -28.55 11.66
C GLU A 39 15.58 -28.65 10.18
N LEU A 40 15.58 -27.50 9.54
CA LEU A 40 15.61 -27.43 8.10
C LEU A 40 16.97 -27.92 7.54
N ALA A 41 16.97 -28.27 6.25
CA ALA A 41 18.22 -28.65 5.54
C ALA A 41 19.32 -27.59 5.69
N ASN A 42 18.97 -26.31 5.66
CA ASN A 42 20.01 -25.30 5.77
C ASN A 42 20.51 -25.01 7.18
N GLY A 43 19.98 -25.67 8.20
CA GLY A 43 20.52 -25.46 9.55
C GLY A 43 19.56 -24.77 10.51
N ILE A 44 18.48 -24.16 10.01
CA ILE A 44 17.58 -23.39 10.86
C ILE A 44 16.87 -24.28 11.82
N LYS A 45 17.02 -23.98 13.11
CA LYS A 45 16.27 -24.66 14.15
C LYS A 45 14.86 -24.02 14.17
N VAL A 46 13.80 -24.83 14.14
CA VAL A 46 12.47 -24.30 14.07
C VAL A 46 11.53 -24.87 15.13
N LEU A 47 10.78 -24.03 15.84
CA LEU A 47 9.68 -24.52 16.64
C LEU A 47 8.34 -24.08 16.06
N LEU A 48 7.42 -25.01 15.79
CA LEU A 48 6.08 -24.63 15.35
C LEU A 48 5.09 -24.86 16.48
N ILE A 49 4.25 -23.87 16.72
CA ILE A 49 3.26 -23.96 17.73
C ILE A 49 1.87 -23.82 17.14
N SER A 50 1.00 -24.82 17.29
CA SER A 50 -0.39 -24.67 16.88
C SER A 50 -1.30 -24.35 18.02
N ASP A 51 -1.93 -23.17 17.96
CA ASP A 51 -3.01 -22.81 18.85
C ASP A 51 -4.30 -22.44 18.11
N PRO A 52 -5.24 -23.40 18.07
CA PRO A 52 -6.42 -23.14 17.21
C PRO A 52 -7.36 -22.07 17.77
N THR A 53 -7.17 -21.70 19.02
CA THR A 53 -7.96 -20.63 19.58
C THR A 53 -7.31 -19.25 19.54
N THR A 54 -6.09 -19.11 19.06
CA THR A 54 -5.38 -17.85 19.28
C THR A 54 -5.99 -16.72 18.47
N ASP A 55 -5.96 -15.49 18.98
CA ASP A 55 -6.39 -14.34 18.18
C ASP A 55 -5.27 -13.73 17.35
N LYS A 56 -4.09 -13.61 17.93
CA LYS A 56 -3.00 -13.13 17.14
C LYS A 56 -2.10 -14.28 16.83
N SER A 57 -1.55 -14.34 15.64
CA SER A 57 -0.43 -15.23 15.40
C SER A 57 0.87 -14.44 15.58
N SER A 58 1.99 -15.12 15.59
CA SER A 58 3.27 -14.51 15.89
C SER A 58 4.40 -15.31 15.27
N ALA A 59 5.55 -14.69 15.04
CA ALA A 59 6.75 -15.44 14.70
C ALA A 59 7.95 -14.64 15.13
N ALA A 60 9.07 -15.34 15.36
CA ALA A 60 10.30 -14.69 15.78
C ALA A 60 11.42 -15.38 15.09
N LEU A 61 12.51 -14.66 14.90
CA LEU A 61 13.70 -15.22 14.34
C LEU A 61 14.81 -14.67 15.19
N ASP A 62 15.72 -15.55 15.55
CA ASP A 62 16.81 -15.13 16.37
C ASP A 62 18.09 -15.61 15.68
N VAL A 63 18.98 -14.68 15.38
CA VAL A 63 20.25 -14.98 14.78
C VAL A 63 21.21 -14.93 15.90
N HIS A 64 22.06 -15.93 15.92
CA HIS A 64 23.10 -15.98 16.91
C HIS A 64 24.32 -15.09 16.67
N ILE A 65 24.09 -13.83 16.37
CA ILE A 65 25.17 -12.91 16.20
C ILE A 65 24.70 -11.64 16.73
N GLY A 66 25.57 -10.90 17.35
CA GLY A 66 25.24 -9.54 17.82
C GLY A 66 26.48 -8.66 17.97
N SER A 67 26.42 -7.70 18.87
CA SER A 67 27.37 -6.63 18.76
C SER A 67 28.79 -7.03 19.13
N LEU A 68 28.94 -8.11 19.89
CA LEU A 68 30.27 -8.62 20.14
C LEU A 68 31.00 -8.97 18.82
N SER A 69 30.27 -9.13 17.73
CA SER A 69 30.85 -9.38 16.47
C SER A 69 30.88 -8.15 15.57
N ASP A 70 30.69 -6.95 16.12
CA ASP A 70 30.84 -5.77 15.26
C ASP A 70 32.28 -5.58 14.77
N PRO A 71 32.46 -4.99 13.59
CA PRO A 71 33.84 -4.69 13.25
C PRO A 71 34.38 -3.66 14.26
N PRO A 72 35.69 -3.76 14.61
CA PRO A 72 36.22 -2.84 15.66
C PRO A 72 36.20 -1.41 15.18
N ASN A 73 36.25 -1.20 13.87
CA ASN A 73 36.17 0.17 13.38
C ASN A 73 34.75 0.68 13.10
N ILE A 74 33.72 -0.02 13.51
CA ILE A 74 32.30 0.49 13.28
C ILE A 74 31.38 0.04 14.42
N ALA A 75 31.60 0.63 15.59
CA ALA A 75 30.81 0.28 16.75
C ALA A 75 29.32 0.46 16.43
N GLY A 76 28.52 -0.57 16.76
CA GLY A 76 27.08 -0.50 16.70
C GLY A 76 26.54 -0.99 15.38
N LEU A 77 27.39 -1.58 14.57
CA LEU A 77 26.95 -2.00 13.25
C LEU A 77 25.82 -3.01 13.29
N SER A 78 25.88 -3.99 14.15
CA SER A 78 24.82 -4.98 14.09
C SER A 78 23.50 -4.47 14.69
N HIS A 79 23.57 -3.55 15.62
CA HIS A 79 22.40 -2.83 16.05
C HIS A 79 21.87 -2.00 14.89
N PHE A 80 22.73 -1.29 14.20
CA PHE A 80 22.21 -0.48 13.10
C PHE A 80 21.52 -1.33 12.06
N LEU A 81 22.13 -2.47 11.76
CA LEU A 81 21.58 -3.42 10.82
C LEU A 81 20.17 -3.82 11.22
N GLN A 82 20.00 -4.11 12.52
CA GLN A 82 18.72 -4.47 13.08
C GLN A 82 17.69 -3.38 12.70
N HIS A 83 18.01 -2.12 12.90
CA HIS A 83 17.10 -1.07 12.45
C HIS A 83 16.81 -1.13 10.95
N MET A 84 17.84 -1.36 10.14
CA MET A 84 17.68 -1.26 8.71
C MET A 84 16.90 -2.42 8.14
N LEU A 85 16.87 -3.59 8.78
CA LEU A 85 16.09 -4.66 8.10
C LEU A 85 14.59 -4.32 7.87
N PHE A 86 14.06 -3.45 8.69
CA PHE A 86 12.65 -3.08 8.64
C PHE A 86 12.33 -2.11 7.48
N LEU A 87 13.35 -1.60 6.82
CA LEU A 87 13.15 -0.46 6.01
C LEU A 87 13.19 -0.82 4.54
N GLY A 88 12.92 -2.09 4.20
CA GLY A 88 12.65 -2.47 2.82
C GLY A 88 13.42 -3.67 2.30
N THR A 89 12.77 -4.57 1.59
CA THR A 89 13.57 -5.57 0.96
C THR A 89 13.28 -5.58 -0.55
N LYS A 90 13.96 -6.49 -1.27
CA LYS A 90 13.81 -6.60 -2.68
C LYS A 90 12.38 -6.99 -3.05
N LYS A 91 11.79 -7.98 -2.38
CA LYS A 91 10.42 -8.38 -2.65
C LYS A 91 9.42 -7.30 -2.14
N TYR A 92 9.69 -6.61 -1.02
CA TYR A 92 8.80 -5.56 -0.56
C TYR A 92 9.59 -4.24 -0.40
N PRO A 93 9.86 -3.56 -1.52
CA PRO A 93 10.76 -2.37 -1.46
C PRO A 93 10.15 -1.14 -0.74
N LYS A 94 8.84 -1.10 -0.53
CA LYS A 94 8.33 0.11 0.10
C LYS A 94 8.92 0.19 1.51
N GLU A 95 9.51 1.32 1.86
CA GLU A 95 10.17 1.52 3.13
C GLU A 95 9.35 1.05 4.34
N ASN A 96 8.05 1.30 4.33
CA ASN A 96 7.26 0.90 5.48
C ASN A 96 6.20 -0.20 5.21
N GLU A 97 6.50 -1.04 4.22
CA GLU A 97 5.58 -2.09 3.81
C GLU A 97 5.29 -2.96 4.97
N TYR A 98 6.32 -3.24 5.75
CA TYR A 98 6.20 -4.20 6.80
C TYR A 98 5.44 -3.59 7.99
N SER A 99 5.83 -2.41 8.46
CA SER A 99 5.04 -1.72 9.44
C SER A 99 3.57 -1.58 9.12
N GLN A 100 3.28 -1.04 7.93
CA GLN A 100 1.93 -0.70 7.61
C GLN A 100 1.05 -1.93 7.43
N PHE A 101 1.64 -2.99 6.88
CA PHE A 101 0.96 -4.23 6.82
C PHE A 101 0.62 -4.73 8.21
N LEU A 102 1.55 -4.66 9.17
CA LEU A 102 1.23 -5.11 10.54
C LEU A 102 0.11 -4.23 11.12
N SER A 103 0.24 -2.93 10.91
CA SER A 103 -0.67 -2.02 11.51
C SER A 103 -2.07 -2.27 10.99
N GLU A 104 -2.19 -2.54 9.69
CA GLU A 104 -3.51 -2.78 9.12
C GLU A 104 -4.06 -4.14 9.41
N HIS A 105 -3.28 -5.01 10.05
CA HIS A 105 -3.80 -6.28 10.39
C HIS A 105 -3.63 -6.60 11.82
N ALA A 106 -3.66 -5.54 12.61
CA ALA A 106 -3.66 -5.63 14.07
C ALA A 106 -2.38 -6.23 14.68
N GLY A 107 -1.21 -5.98 14.08
CA GLY A 107 0.04 -6.49 14.57
C GLY A 107 1.00 -5.41 15.04
N SER A 108 2.17 -5.85 15.46
CA SER A 108 3.16 -4.99 16.06
C SER A 108 4.47 -5.75 15.92
N SER A 109 5.57 -5.06 15.99
CA SER A 109 6.83 -5.74 15.76
C SER A 109 7.88 -5.07 16.54
N ASN A 110 8.86 -5.78 17.09
CA ASN A 110 10.08 -5.10 17.48
C ASN A 110 11.22 -6.04 17.25
N ALA A 111 12.38 -5.63 17.76
CA ALA A 111 13.62 -6.34 17.60
C ALA A 111 14.59 -5.85 18.64
N PHE A 112 15.54 -6.68 19.05
CA PHE A 112 16.62 -6.20 19.90
C PHE A 112 17.93 -6.91 19.52
N THR A 113 19.06 -6.35 19.97
CA THR A 113 20.41 -6.84 19.65
C THR A 113 21.11 -6.89 21.00
N SER A 114 21.64 -8.04 21.38
CA SER A 114 22.46 -8.16 22.56
C SER A 114 23.87 -8.52 22.04
N GLY A 115 24.78 -9.00 22.89
CA GLY A 115 26.15 -9.18 22.45
C GLY A 115 26.23 -10.37 21.50
N GLU A 116 25.33 -11.35 21.65
CA GLU A 116 25.39 -12.53 20.80
C GLU A 116 24.15 -12.82 20.01
N HIS A 117 23.15 -11.94 20.08
CA HIS A 117 21.92 -12.25 19.38
C HIS A 117 21.31 -11.08 18.75
N THR A 118 20.53 -11.38 17.74
CA THR A 118 19.67 -10.38 17.16
C THR A 118 18.40 -11.11 16.93
N ASN A 119 17.33 -10.51 17.53
CA ASN A 119 16.05 -11.17 17.78
C ASN A 119 14.92 -10.26 17.24
N TYR A 120 14.12 -10.83 16.36
CA TYR A 120 13.14 -10.09 15.53
C TYR A 120 11.81 -10.82 15.68
N TYR A 121 10.76 -10.09 16.03
CA TYR A 121 9.49 -10.77 16.25
C TYR A 121 8.36 -9.85 15.90
N PHE A 122 7.24 -10.49 15.54
CA PHE A 122 5.99 -9.77 15.30
C PHE A 122 4.81 -10.57 15.75
N ASP A 123 3.73 -9.85 15.99
CA ASP A 123 2.41 -10.46 15.95
C ASP A 123 1.45 -9.79 14.93
N VAL A 124 0.42 -10.54 14.57
CA VAL A 124 -0.51 -10.09 13.56
C VAL A 124 -1.80 -10.85 13.88
N SER A 125 -2.92 -10.31 13.39
CA SER A 125 -4.21 -11.02 13.37
C SER A 125 -4.13 -12.44 12.79
N HIS A 126 -4.90 -13.37 13.33
CA HIS A 126 -4.58 -14.75 13.03
C HIS A 126 -4.71 -15.10 11.59
N GLU A 127 -5.59 -14.45 10.87
CA GLU A 127 -5.71 -14.84 9.51
C GLU A 127 -4.74 -14.19 8.54
N HIS A 128 -3.73 -13.46 9.03
CA HIS A 128 -2.78 -12.85 8.14
C HIS A 128 -1.35 -13.22 8.47
N LEU A 129 -1.19 -14.37 9.10
CA LEU A 129 0.11 -14.90 9.36
C LEU A 129 1.00 -15.00 8.13
N GLU A 130 0.56 -15.74 7.15
CA GLU A 130 1.31 -15.90 5.89
C GLU A 130 1.74 -14.50 5.30
N GLY A 131 0.81 -13.57 5.24
CA GLY A 131 1.16 -12.25 4.76
C GLY A 131 2.29 -11.66 5.53
N ALA A 132 2.18 -11.73 6.84
CA ALA A 132 3.14 -11.08 7.69
C ALA A 132 4.47 -11.83 7.57
N LEU A 133 4.38 -13.14 7.60
CA LEU A 133 5.57 -13.97 7.60
C LEU A 133 6.39 -13.85 6.30
N ASP A 134 5.70 -13.81 5.16
CA ASP A 134 6.36 -13.60 3.89
C ASP A 134 7.17 -12.28 3.90
N ARG A 135 6.56 -11.16 4.37
CA ARG A 135 7.34 -9.95 4.44
C ARG A 135 8.50 -10.09 5.40
N PHE A 136 8.26 -10.68 6.55
CA PHE A 136 9.30 -10.92 7.52
C PHE A 136 10.41 -11.79 6.95
N ALA A 137 10.08 -12.84 6.20
CA ALA A 137 11.19 -13.69 5.80
C ALA A 137 12.16 -12.86 4.94
N GLN A 138 11.65 -11.83 4.24
CA GLN A 138 12.53 -11.13 3.33
C GLN A 138 13.64 -10.43 4.05
N PHE A 139 13.44 -10.04 5.31
CA PHE A 139 14.57 -9.46 6.09
C PHE A 139 15.86 -10.28 6.01
N PHE A 140 15.71 -11.58 5.81
CA PHE A 140 16.86 -12.50 5.99
C PHE A 140 17.40 -13.01 4.69
N LEU A 141 16.85 -12.48 3.62
CA LEU A 141 17.10 -12.91 2.28
C LEU A 141 17.68 -11.73 1.48
N SER A 142 17.01 -10.60 1.44
CA SER A 142 17.48 -9.56 0.57
C SER A 142 17.02 -8.13 0.99
N PRO A 143 17.50 -7.67 2.13
CA PRO A 143 17.28 -6.33 2.53
C PRO A 143 17.87 -5.33 1.52
N LEU A 144 17.20 -4.21 1.29
CA LEU A 144 17.73 -3.17 0.40
C LEU A 144 18.94 -2.50 1.07
N PHE A 145 18.76 -2.02 2.31
CA PHE A 145 19.58 -1.01 2.94
C PHE A 145 19.66 0.14 2.03
N ASP A 146 18.51 0.73 1.72
CA ASP A 146 18.46 1.91 0.90
C ASP A 146 19.38 2.98 1.48
N GLU A 147 20.15 3.61 0.59
CA GLU A 147 21.08 4.69 0.93
C GLU A 147 20.36 5.83 1.60
N SER A 148 19.13 6.11 1.23
CA SER A 148 18.49 7.28 1.83
C SER A 148 17.87 6.92 3.21
N ALA A 149 17.32 5.72 3.32
CA ALA A 149 16.95 5.17 4.60
C ALA A 149 18.12 5.17 5.55
N LYS A 150 19.28 4.65 5.12
CA LYS A 150 20.46 4.64 6.03
C LYS A 150 20.80 6.02 6.57
N ASP A 151 20.84 7.01 5.71
CA ASP A 151 21.10 8.37 6.21
C ASP A 151 20.08 8.87 7.23
N ARG A 152 18.86 8.40 7.14
CA ARG A 152 17.88 8.87 8.03
C ARG A 152 17.95 8.06 9.33
N GLU A 153 17.93 6.74 9.22
CA GLU A 153 17.80 5.94 10.37
C GLU A 153 18.96 6.07 11.32
N VAL A 154 20.13 6.39 10.80
CA VAL A 154 21.30 6.61 11.65
C VAL A 154 21.03 7.64 12.78
N ASN A 155 20.14 8.61 12.54
CA ASN A 155 19.65 9.50 13.63
C ASN A 155 18.82 8.85 14.71
N ALA A 156 18.00 7.90 14.31
CA ALA A 156 17.18 7.23 15.29
C ALA A 156 18.11 6.47 16.25
N VAL A 157 19.18 5.88 15.72
CA VAL A 157 20.12 5.15 16.56
C VAL A 157 20.94 6.08 17.46
N ASP A 158 21.28 7.24 16.93
CA ASP A 158 21.87 8.27 17.77
C ASP A 158 21.01 8.76 18.94
N SER A 159 19.75 8.95 18.65
CA SER A 159 18.74 9.40 19.57
C SER A 159 18.54 8.35 20.69
N GLU A 160 18.58 7.06 20.28
CA GLU A 160 18.43 5.94 21.20
C GLU A 160 19.60 6.01 22.15
N HIS A 161 20.80 6.24 21.63
CA HIS A 161 21.92 6.33 22.51
C HIS A 161 21.80 7.53 23.45
N GLU A 162 21.43 8.64 22.88
CA GLU A 162 21.23 9.85 23.63
C GLU A 162 20.32 9.63 24.82
N LYS A 163 19.22 8.93 24.64
CA LYS A 163 18.30 8.62 25.72
C LYS A 163 19.03 7.87 26.82
N ASN A 164 19.95 6.95 26.47
CA ASN A 164 20.72 6.19 27.44
C ASN A 164 21.83 6.95 28.11
N VAL A 165 22.39 7.94 27.43
CA VAL A 165 23.55 8.61 27.95
C VAL A 165 23.56 8.97 29.44
N MET A 166 22.49 9.56 29.97
CA MET A 166 22.50 10.04 31.35
C MET A 166 21.79 9.04 32.23
N ASN A 167 21.65 7.81 31.81
CA ASN A 167 21.03 6.80 32.63
C ASN A 167 22.08 5.96 33.34
N ASP A 168 22.00 5.92 34.67
CA ASP A 168 23.00 5.24 35.50
C ASP A 168 23.22 3.75 35.17
N ALA A 169 22.13 3.01 34.90
CA ALA A 169 22.21 1.61 34.49
C ALA A 169 23.05 1.48 33.21
N TRP A 170 22.80 2.32 32.21
CA TRP A 170 23.55 2.14 31.00
C TRP A 170 25.04 2.42 31.19
N ARG A 171 25.34 3.48 31.94
CA ARG A 171 26.70 3.92 32.25
C ARG A 171 27.47 2.86 32.99
N LEU A 172 26.88 2.30 34.04
CA LEU A 172 27.55 1.21 34.73
C LEU A 172 27.72 0.04 33.80
N PHE A 173 26.74 -0.22 32.98
CA PHE A 173 26.84 -1.35 32.08
C PHE A 173 28.12 -1.22 31.19
N GLN A 174 28.33 -0.03 30.60
CA GLN A 174 29.49 0.26 29.77
C GLN A 174 30.79 0.50 30.57
N LEU A 175 30.71 1.01 31.78
CA LEU A 175 31.89 1.13 32.60
C LEU A 175 32.43 -0.24 32.87
N GLU A 176 31.58 -1.22 33.08
CA GLU A 176 32.14 -2.49 33.37
C GLU A 176 32.91 -2.91 32.14
N LYS A 177 32.34 -2.82 30.94
CA LYS A 177 33.05 -3.25 29.72
C LYS A 177 34.32 -2.46 29.50
N ALA A 178 34.36 -1.25 30.00
CA ALA A 178 35.52 -0.40 29.77
C ALA A 178 36.71 -0.74 30.69
N THR A 179 36.49 -1.55 31.73
CA THR A 179 37.54 -1.79 32.67
C THR A 179 38.08 -3.20 32.62
N GLY A 180 37.58 -4.05 31.75
CA GLY A 180 38.20 -5.35 31.54
C GLY A 180 39.27 -5.23 30.48
N ASN A 181 39.55 -6.33 29.80
CA ASN A 181 40.56 -6.32 28.79
C ASN A 181 40.18 -5.44 27.57
N PRO A 182 40.88 -4.32 27.38
CA PRO A 182 40.37 -3.44 26.29
C PRO A 182 40.40 -4.06 24.91
N LYS A 183 41.09 -5.15 24.73
CA LYS A 183 41.11 -5.76 23.39
C LYS A 183 40.22 -6.99 23.31
N HIS A 184 39.52 -7.28 24.39
CA HIS A 184 38.49 -8.32 24.37
C HIS A 184 37.18 -7.70 23.79
N PRO A 185 36.48 -8.46 22.92
CA PRO A 185 35.27 -7.98 22.28
C PRO A 185 34.23 -7.49 23.28
N PHE A 186 34.21 -8.09 24.48
CA PHE A 186 33.48 -7.53 25.62
C PHE A 186 33.54 -6.04 25.79
N SER A 187 34.61 -5.39 25.44
CA SER A 187 34.73 -3.95 25.73
C SER A 187 34.08 -3.13 24.64
N LYS A 188 33.49 -3.75 23.63
CA LYS A 188 32.87 -2.94 22.54
C LYS A 188 31.66 -2.11 22.94
N PHE A 189 31.33 -1.14 22.08
CA PHE A 189 30.17 -0.26 22.29
C PHE A 189 29.04 -0.70 21.38
N GLY A 190 28.02 -1.37 21.94
CA GLY A 190 26.95 -1.98 21.15
C GLY A 190 25.96 -1.05 20.51
N THR A 191 25.62 0.05 21.11
CA THR A 191 24.55 0.84 20.54
C THR A 191 24.96 1.53 19.28
N GLY A 192 26.14 2.14 19.26
CA GLY A 192 26.52 2.98 18.15
C GLY A 192 25.88 4.34 18.29
N ASN A 193 26.35 5.29 17.49
CA ASN A 193 25.68 6.58 17.34
C ASN A 193 26.00 7.29 16.05
N LYS A 194 25.50 8.52 15.85
CA LYS A 194 25.82 9.29 14.59
C LYS A 194 27.34 9.31 14.34
N TYR A 195 28.12 9.62 15.38
CA TYR A 195 29.57 9.56 15.27
C TYR A 195 30.09 8.19 14.76
N THR A 196 29.74 7.08 15.41
CA THR A 196 30.32 5.80 15.03
C THR A 196 29.76 5.17 13.76
N LEU A 197 28.61 5.64 13.32
CA LEU A 197 27.91 4.96 12.26
C LEU A 197 27.87 5.85 11.03
N GLU A 198 28.14 7.13 11.23
CA GLU A 198 28.18 8.06 10.11
C GLU A 198 29.44 8.95 10.04
N THR A 199 29.62 9.86 10.98
CA THR A 199 30.73 10.75 10.92
C THR A 199 32.08 10.03 10.66
N ARG A 200 32.44 9.08 11.51
CA ARG A 200 33.76 8.55 11.38
C ARG A 200 33.87 7.65 10.16
N PRO A 201 32.87 6.80 9.91
CA PRO A 201 33.04 6.06 8.66
C PRO A 201 33.22 6.94 7.39
N ASN A 202 32.62 8.15 7.36
CA ASN A 202 32.83 9.01 6.19
C ASN A 202 34.30 9.45 6.20
N GLN A 203 34.74 10.05 7.32
CA GLN A 203 36.14 10.35 7.54
C GLN A 203 37.09 9.19 7.10
N GLU A 204 36.66 7.94 7.18
CA GLU A 204 37.56 6.89 6.79
C GLU A 204 37.18 6.18 5.51
N GLY A 205 36.45 6.85 4.63
CA GLY A 205 36.13 6.29 3.33
C GLY A 205 35.25 5.04 3.27
N ILE A 206 34.61 4.69 4.40
CA ILE A 206 33.68 3.55 4.44
C ILE A 206 32.33 3.81 3.75
N ASP A 207 31.97 2.94 2.82
CA ASP A 207 30.60 2.82 2.34
C ASP A 207 29.79 1.92 3.31
N VAL A 208 29.03 2.58 4.18
CA VAL A 208 28.21 1.84 5.12
C VAL A 208 27.17 0.91 4.45
N ARG A 209 26.50 1.35 3.38
CA ARG A 209 25.59 0.41 2.71
C ARG A 209 26.34 -0.90 2.39
N GLN A 210 27.61 -0.80 1.98
CA GLN A 210 28.39 -2.01 1.70
C GLN A 210 28.69 -2.83 2.99
N GLU A 211 29.10 -2.13 4.04
CA GLU A 211 29.48 -2.75 5.31
C GLU A 211 28.29 -3.55 5.89
N LEU A 212 27.09 -2.96 5.84
CA LEU A 212 25.82 -3.66 6.06
C LEU A 212 25.54 -4.81 5.08
N LEU A 213 25.57 -4.61 3.76
CA LEU A 213 25.52 -5.76 2.88
C LEU A 213 26.53 -6.84 3.28
N LYS A 214 27.75 -6.42 3.60
CA LYS A 214 28.88 -7.31 3.86
C LYS A 214 28.65 -8.14 5.16
N PHE A 215 28.32 -7.45 6.24
CA PHE A 215 27.92 -8.10 7.51
C PHE A 215 26.71 -9.05 7.42
N HIS A 216 25.70 -8.62 6.69
CA HIS A 216 24.51 -9.41 6.54
C HIS A 216 24.83 -10.69 5.87
N SER A 217 25.61 -10.52 4.78
CA SER A 217 26.05 -11.62 3.95
C SER A 217 26.93 -12.59 4.74
N ALA A 218 27.77 -12.04 5.60
CA ALA A 218 28.70 -12.85 6.35
C ALA A 218 27.98 -13.59 7.48
N TYR A 219 27.17 -12.86 8.26
CA TYR A 219 26.64 -13.46 9.51
C TYR A 219 25.24 -13.96 9.50
N TYR A 220 24.42 -13.47 8.61
CA TYR A 220 23.07 -13.92 8.60
C TYR A 220 22.99 -15.24 7.90
N SER A 221 23.63 -16.26 8.46
CA SER A 221 23.68 -17.54 7.84
C SER A 221 22.58 -18.43 8.45
N SER A 222 21.86 -19.17 7.64
CA SER A 222 20.91 -20.09 8.20
C SER A 222 21.42 -20.96 9.37
N ASN A 223 22.67 -21.39 9.33
CA ASN A 223 23.11 -22.28 10.41
C ASN A 223 23.10 -21.57 11.79
N LEU A 224 23.03 -20.24 11.80
CA LEU A 224 23.02 -19.50 13.07
C LEU A 224 21.63 -19.00 13.49
N MET A 225 20.59 -19.61 12.95
CA MET A 225 19.25 -19.07 13.06
C MET A 225 18.26 -20.04 13.67
N ALA A 226 17.46 -19.48 14.55
CA ALA A 226 16.28 -20.21 14.98
C ALA A 226 15.00 -19.39 14.71
N VAL A 227 13.94 -20.08 14.35
CA VAL A 227 12.63 -19.51 14.05
C VAL A 227 11.53 -20.19 14.87
N VAL A 228 10.58 -19.38 15.32
CA VAL A 228 9.41 -19.93 15.94
C VAL A 228 8.19 -19.31 15.25
N VAL A 229 7.20 -20.14 14.95
CA VAL A 229 5.99 -19.62 14.38
C VAL A 229 4.81 -20.21 15.18
N LEU A 230 3.85 -19.34 15.51
CA LEU A 230 2.67 -19.68 16.31
C LEU A 230 1.46 -19.20 15.53
N GLY A 231 0.46 -20.06 15.26
CA GLY A 231 -0.75 -19.71 14.49
C GLY A 231 -1.84 -20.73 14.69
N ARG A 232 -3.03 -20.46 14.14
CA ARG A 232 -4.12 -21.45 14.15
C ARG A 232 -3.90 -22.69 13.25
N GLU A 233 -3.00 -22.61 12.29
CA GLU A 233 -2.85 -23.72 11.38
C GLU A 233 -2.38 -24.98 12.07
N SER A 234 -2.63 -26.11 11.45
CA SER A 234 -2.12 -27.37 11.97
C SER A 234 -0.57 -27.36 11.96
N LEU A 235 0.00 -28.28 12.70
CA LEU A 235 1.42 -28.51 12.60
C LEU A 235 1.90 -28.77 11.17
N ASP A 236 1.13 -29.57 10.43
CA ASP A 236 1.52 -29.85 9.02
C ASP A 236 1.51 -28.56 8.17
N ASP A 237 0.47 -27.74 8.35
CA ASP A 237 0.36 -26.53 7.55
C ASP A 237 1.49 -25.59 7.96
N LEU A 238 1.70 -25.39 9.27
CA LEU A 238 2.84 -24.57 9.66
C LEU A 238 4.16 -25.10 9.09
N THR A 239 4.36 -26.43 9.13
CA THR A 239 5.60 -26.99 8.57
C THR A 239 5.82 -26.55 7.12
N ASN A 240 4.81 -26.81 6.26
CA ASN A 240 4.89 -26.41 4.85
C ASN A 240 5.21 -24.95 4.67
N LEU A 241 4.57 -24.14 5.50
CA LEU A 241 4.79 -22.73 5.49
C LEU A 241 6.22 -22.33 5.80
N VAL A 242 6.83 -23.01 6.76
CA VAL A 242 8.13 -22.55 7.22
C VAL A 242 9.18 -22.97 6.24
N VAL A 243 9.02 -24.19 5.72
CA VAL A 243 9.86 -24.70 4.64
C VAL A 243 9.72 -23.77 3.41
N LYS A 244 8.49 -23.42 3.07
CA LYS A 244 8.30 -22.57 1.94
C LYS A 244 9.08 -21.26 2.09
N LEU A 245 8.91 -20.50 3.17
CA LEU A 245 9.55 -19.17 3.21
C LEU A 245 10.98 -19.20 3.72
N PHE A 246 11.41 -20.27 4.39
CA PHE A 246 12.78 -20.23 4.93
C PHE A 246 13.84 -21.20 4.38
N SER A 247 13.44 -22.14 3.52
CA SER A 247 14.43 -23.00 2.88
C SER A 247 15.45 -22.23 2.07
N GLU A 248 15.10 -21.05 1.60
CA GLU A 248 16.05 -20.41 0.75
C GLU A 248 17.12 -19.55 1.43
N VAL A 249 17.18 -19.50 2.74
CA VAL A 249 18.19 -18.73 3.38
C VAL A 249 19.47 -19.46 3.15
N GLU A 250 20.50 -18.75 2.74
CA GLU A 250 21.69 -19.47 2.41
C GLU A 250 22.47 -19.91 3.67
N ASN A 251 22.96 -21.15 3.65
CA ASN A 251 23.91 -21.62 4.66
C ASN A 251 25.35 -21.24 4.30
N LYS A 252 25.92 -20.18 4.87
CA LYS A 252 27.33 -19.87 4.65
C LYS A 252 28.21 -20.52 5.75
N ASN A 253 27.63 -21.42 6.54
CA ASN A 253 28.42 -22.19 7.51
C ASN A 253 29.27 -21.46 8.53
N VAL A 254 28.79 -20.39 9.11
CA VAL A 254 29.63 -19.61 9.97
C VAL A 254 29.93 -20.30 11.28
N PRO A 255 31.20 -20.29 11.70
CA PRO A 255 31.44 -20.82 13.06
C PRO A 255 30.79 -19.88 14.10
N LEU A 256 30.21 -20.47 15.14
CA LEU A 256 29.60 -19.67 16.18
C LEU A 256 30.69 -18.99 16.99
N PRO A 257 30.63 -17.66 17.17
CA PRO A 257 31.71 -17.06 17.96
C PRO A 257 31.70 -17.57 19.39
N GLU A 258 32.88 -17.63 20.02
CA GLU A 258 33.10 -18.15 21.37
C GLU A 258 34.13 -17.22 21.99
N PHE A 259 34.06 -17.03 23.31
CA PHE A 259 34.95 -16.13 24.02
C PHE A 259 35.46 -16.86 25.24
N PRO A 260 36.24 -17.96 25.02
CA PRO A 260 36.81 -18.81 26.08
C PRO A 260 37.64 -18.01 27.13
N GLU A 261 38.26 -16.90 26.72
CA GLU A 261 39.03 -16.08 27.66
C GLU A 261 38.24 -14.96 28.36
N HIS A 262 38.27 -14.93 29.69
CA HIS A 262 37.46 -13.99 30.46
C HIS A 262 37.93 -12.59 30.23
N PRO A 263 37.00 -11.63 30.03
CA PRO A 263 37.54 -10.29 29.80
C PRO A 263 38.23 -9.71 31.04
N PHE A 264 38.11 -10.41 32.15
CA PHE A 264 38.76 -9.99 33.39
C PHE A 264 39.85 -10.99 33.68
N GLN A 265 41.07 -10.53 33.48
CA GLN A 265 42.23 -11.36 33.74
C GLN A 265 42.79 -10.97 35.12
N GLU A 266 44.01 -11.37 35.42
CA GLU A 266 44.55 -11.05 36.72
C GLU A 266 44.65 -9.56 36.94
N GLU A 267 45.14 -8.80 35.96
CA GLU A 267 45.29 -7.35 36.17
C GLU A 267 43.95 -6.67 36.47
N HIS A 268 42.86 -7.37 36.23
CA HIS A 268 41.55 -6.76 36.38
C HIS A 268 40.90 -7.11 37.67
N LEU A 269 41.53 -8.00 38.41
CA LEU A 269 41.01 -8.44 39.68
C LEU A 269 41.61 -7.65 40.81
N LYS A 270 40.96 -7.71 41.97
CA LYS A 270 41.33 -6.94 43.16
C LYS A 270 41.41 -5.45 42.92
N GLN A 271 40.47 -4.97 42.11
CA GLN A 271 40.36 -3.56 41.77
C GLN A 271 39.12 -2.96 42.41
N LEU A 272 39.19 -1.64 42.69
CA LEU A 272 38.14 -0.85 43.32
C LEU A 272 37.78 0.31 42.41
N TYR A 273 36.51 0.59 42.21
CA TYR A 273 36.16 1.69 41.32
C TYR A 273 35.32 2.64 42.07
N LYS A 274 35.47 3.91 41.77
CA LYS A 274 34.75 4.90 42.51
C LYS A 274 34.13 5.70 41.45
N ILE A 275 32.80 5.71 41.46
CA ILE A 275 32.05 6.23 40.35
C ILE A 275 31.06 7.28 40.79
N VAL A 276 30.99 8.35 40.02
CA VAL A 276 29.97 9.38 40.19
C VAL A 276 28.70 9.13 39.38
N PRO A 277 27.56 8.99 40.06
CA PRO A 277 26.25 8.81 39.42
C PRO A 277 25.60 10.09 38.93
N ILE A 278 24.64 9.94 38.00
CA ILE A 278 23.83 11.08 37.61
C ILE A 278 22.83 11.30 38.74
N LYS A 279 22.13 10.26 39.17
CA LYS A 279 21.13 10.43 40.20
C LYS A 279 21.81 10.42 41.57
N ASP A 280 21.13 10.79 42.67
CA ASP A 280 21.77 10.66 43.98
C ASP A 280 21.50 9.27 44.58
N ILE A 281 22.29 8.32 44.10
CA ILE A 281 22.22 6.93 44.54
C ILE A 281 23.54 6.53 45.23
N ARG A 282 23.50 5.46 46.02
CA ARG A 282 24.66 4.94 46.70
C ARG A 282 24.63 3.43 46.48
N ASN A 283 25.56 2.86 45.73
CA ASN A 283 25.52 1.42 45.55
C ASN A 283 26.88 0.83 45.59
N LEU A 284 26.94 -0.45 45.91
CA LEU A 284 28.16 -1.20 45.84
C LEU A 284 27.91 -2.42 45.00
N TYR A 285 28.76 -2.63 44.02
CA TYR A 285 28.69 -3.79 43.13
C TYR A 285 29.88 -4.65 43.42
N VAL A 286 29.65 -5.91 43.75
CA VAL A 286 30.72 -6.83 43.92
C VAL A 286 30.57 -7.92 42.86
N THR A 287 31.67 -8.22 42.16
CA THR A 287 31.64 -9.11 40.99
C THR A 287 32.78 -10.11 41.05
N PHE A 288 32.51 -11.36 40.74
CA PHE A 288 33.58 -12.33 40.58
C PHE A 288 33.47 -12.91 39.17
N PRO A 289 34.56 -13.04 38.40
CA PRO A 289 34.46 -13.75 37.11
C PRO A 289 34.32 -15.22 37.37
N ILE A 290 33.48 -15.88 36.60
CA ILE A 290 33.33 -17.29 36.73
C ILE A 290 33.32 -17.84 35.31
N PRO A 291 33.52 -19.15 35.13
CA PRO A 291 33.30 -19.74 33.80
C PRO A 291 31.80 -19.81 33.34
N ASP A 292 31.60 -20.11 32.05
CA ASP A 292 30.30 -20.32 31.51
C ASP A 292 29.63 -21.54 32.18
N LEU A 293 28.52 -21.32 32.91
CA LEU A 293 27.78 -22.38 33.58
C LEU A 293 26.60 -22.95 32.75
N GLN A 294 26.32 -22.34 31.61
CA GLN A 294 25.15 -22.66 30.82
C GLN A 294 25.02 -24.14 30.57
N LYS A 295 26.12 -24.79 30.16
CA LYS A 295 26.09 -26.22 29.90
C LYS A 295 25.70 -27.05 31.11
N TYR A 296 25.77 -26.48 32.31
CA TYR A 296 25.29 -27.18 33.48
C TYR A 296 23.83 -26.90 33.84
N TYR A 297 23.02 -26.61 32.84
CA TYR A 297 21.67 -26.25 33.13
C TYR A 297 20.83 -27.32 33.79
N LYS A 298 21.14 -28.60 33.61
CA LYS A 298 20.35 -29.63 34.28
C LYS A 298 20.53 -29.60 35.83
N SER A 299 21.58 -28.94 36.32
CA SER A 299 21.75 -28.86 37.76
C SER A 299 21.79 -27.44 38.29
N ASN A 300 22.27 -26.54 37.44
CA ASN A 300 22.24 -25.11 37.70
C ASN A 300 22.89 -24.64 38.98
N PRO A 301 24.17 -24.90 39.12
CA PRO A 301 24.87 -24.53 40.33
C PRO A 301 24.83 -23.07 40.67
N GLY A 302 25.00 -22.16 39.71
CA GLY A 302 24.83 -20.73 40.02
C GLY A 302 23.42 -20.33 40.50
N HIS A 303 22.37 -21.05 40.09
CA HIS A 303 21.06 -20.69 40.59
C HIS A 303 21.00 -21.06 42.07
N TYR A 304 21.55 -22.22 42.42
CA TYR A 304 21.59 -22.69 43.83
C TYR A 304 22.27 -21.62 44.69
N LEU A 305 23.46 -21.17 44.27
CA LEU A 305 24.17 -20.19 45.09
C LEU A 305 23.48 -18.85 45.12
N GLY A 306 22.77 -18.53 44.03
CA GLY A 306 22.04 -17.31 43.87
C GLY A 306 20.90 -17.34 44.85
N HIS A 307 20.19 -18.45 44.87
CA HIS A 307 19.11 -18.60 45.79
C HIS A 307 19.60 -18.36 47.21
N LEU A 308 20.79 -18.86 47.55
CA LEU A 308 21.26 -18.72 48.93
C LEU A 308 21.83 -17.35 49.24
N ILE A 309 22.77 -16.90 48.44
CA ILE A 309 23.36 -15.62 48.73
C ILE A 309 22.34 -14.50 48.62
N GLY A 310 21.44 -14.57 47.65
CA GLY A 310 20.45 -13.54 47.49
C GLY A 310 19.26 -13.68 48.41
N HIS A 311 19.28 -14.64 49.33
CA HIS A 311 18.09 -14.93 50.14
C HIS A 311 17.81 -13.72 51.00
N GLU A 312 16.57 -13.57 51.41
CA GLU A 312 16.19 -12.41 52.19
C GLU A 312 15.47 -12.80 53.49
N GLY A 313 15.42 -14.09 53.81
CA GLY A 313 14.81 -14.53 55.07
C GLY A 313 15.69 -14.44 56.33
N PRO A 314 15.15 -14.97 57.47
CA PRO A 314 15.91 -15.01 58.72
C PRO A 314 17.21 -15.70 58.44
N GLY A 315 18.31 -15.15 58.96
CA GLY A 315 19.54 -15.86 58.88
C GLY A 315 20.30 -15.47 57.68
N SER A 316 19.72 -14.66 56.79
CA SER A 316 20.32 -14.36 55.46
C SER A 316 21.31 -13.24 55.51
N LEU A 317 22.24 -13.21 54.57
CA LEU A 317 23.09 -12.05 54.33
C LEU A 317 22.37 -10.69 54.44
N LEU A 318 21.30 -10.51 53.69
CA LEU A 318 20.67 -9.20 53.73
C LEU A 318 20.09 -8.90 55.12
N SER A 319 19.54 -9.89 55.83
CA SER A 319 19.03 -9.64 57.18
C SER A 319 20.03 -8.89 58.00
N GLU A 320 21.26 -9.41 58.07
CA GLU A 320 22.25 -8.78 58.89
C GLU A 320 22.71 -7.42 58.37
N LEU A 321 22.99 -7.29 57.08
CA LEU A 321 23.37 -5.98 56.56
C LEU A 321 22.29 -4.91 56.81
N LYS A 322 21.05 -5.33 56.88
CA LYS A 322 19.97 -4.40 57.00
C LYS A 322 19.82 -4.03 58.51
N SER A 323 19.95 -5.01 59.40
CA SER A 323 20.07 -4.77 60.84
C SER A 323 21.21 -3.88 61.27
N LYS A 324 22.36 -3.93 60.61
CA LYS A 324 23.45 -3.07 60.98
C LYS A 324 23.16 -1.66 60.48
N GLY A 325 22.09 -1.51 59.67
CA GLY A 325 21.71 -0.25 59.11
C GLY A 325 22.56 0.12 57.95
N TRP A 326 23.16 -0.88 57.33
CA TRP A 326 24.06 -0.62 56.24
C TRP A 326 23.49 -0.76 54.79
N VAL A 327 22.54 -1.68 54.56
CA VAL A 327 21.98 -1.80 53.24
C VAL A 327 20.47 -1.96 53.33
N ASN A 328 19.75 -1.63 52.27
CA ASN A 328 18.30 -1.89 52.21
C ASN A 328 17.82 -3.03 51.29
N THR A 329 18.62 -3.35 50.29
CA THR A 329 18.22 -4.32 49.31
C THR A 329 19.49 -4.94 48.83
N LEU A 330 19.40 -6.17 48.34
CA LEU A 330 20.51 -6.92 47.86
C LEU A 330 20.11 -7.77 46.62
N VAL A 331 21.02 -8.01 45.70
CA VAL A 331 20.77 -8.89 44.56
C VAL A 331 22.00 -9.75 44.45
N GLY A 332 21.85 -11.07 44.27
CA GLY A 332 23.03 -11.91 44.07
C GLY A 332 22.75 -13.08 43.18
N GLY A 333 23.79 -13.53 42.50
CA GLY A 333 23.66 -14.67 41.65
C GLY A 333 24.43 -14.51 40.37
N GLN A 334 24.17 -15.42 39.45
CA GLN A 334 24.94 -15.51 38.27
C GLN A 334 24.40 -14.54 37.25
N LYS A 335 25.28 -14.00 36.43
CA LYS A 335 24.92 -13.00 35.50
C LYS A 335 25.49 -13.46 34.15
N GLU A 336 24.70 -13.37 33.10
CA GLU A 336 25.11 -13.79 31.74
C GLU A 336 26.33 -12.95 31.27
N GLY A 337 27.20 -13.61 30.51
CA GLY A 337 28.42 -13.00 29.99
C GLY A 337 28.31 -13.16 28.49
N ALA A 338 29.06 -14.07 27.86
CA ALA A 338 28.69 -14.62 26.54
C ALA A 338 29.19 -16.08 26.50
N ARG A 339 29.13 -16.78 25.35
CA ARG A 339 29.71 -18.15 25.26
C ARG A 339 31.16 -18.06 25.72
N GLY A 340 31.45 -18.68 26.86
CA GLY A 340 32.79 -18.69 27.39
C GLY A 340 33.02 -18.10 28.75
N PHE A 341 32.26 -17.07 29.15
CA PHE A 341 32.47 -16.44 30.46
C PHE A 341 31.16 -15.95 31.08
N MET A 342 31.05 -15.97 32.41
CA MET A 342 29.95 -15.35 33.13
C MET A 342 30.41 -14.51 34.30
N PHE A 343 29.48 -14.06 35.14
CA PHE A 343 29.90 -13.43 36.35
C PHE A 343 29.06 -13.93 37.46
N PHE A 344 29.56 -13.69 38.65
CA PHE A 344 28.73 -13.87 39.80
C PHE A 344 28.70 -12.52 40.52
N ILE A 345 27.54 -12.04 40.89
CA ILE A 345 27.51 -10.69 41.45
C ILE A 345 26.81 -10.67 42.81
N ILE A 346 27.17 -9.70 43.65
CA ILE A 346 26.40 -9.40 44.84
C ILE A 346 26.36 -7.91 44.95
N ASN A 347 25.20 -7.30 44.77
CA ASN A 347 25.11 -5.84 44.73
C ASN A 347 24.13 -5.40 45.75
N VAL A 348 24.42 -4.30 46.42
CA VAL A 348 23.55 -3.81 47.48
C VAL A 348 23.42 -2.34 47.32
N ASP A 349 22.35 -1.76 47.80
CA ASP A 349 22.34 -0.27 47.86
C ASP A 349 22.91 0.11 49.26
N LEU A 350 23.26 1.38 49.51
CA LEU A 350 23.90 1.74 50.77
C LEU A 350 23.15 2.81 51.51
N THR A 351 23.05 2.69 52.80
CA THR A 351 22.56 3.80 53.62
C THR A 351 23.73 4.76 53.75
N GLU A 352 23.56 5.96 54.29
CA GLU A 352 24.74 6.81 54.53
C GLU A 352 25.77 6.11 55.47
N GLU A 353 25.32 5.31 56.44
CA GLU A 353 26.27 4.57 57.27
C GLU A 353 27.00 3.56 56.43
N GLY A 354 26.21 2.79 55.66
CA GLY A 354 26.74 1.75 54.81
C GLY A 354 27.88 2.26 53.95
N LEU A 355 27.80 3.50 53.51
CA LEU A 355 28.81 4.01 52.64
C LEU A 355 30.19 4.04 53.32
N LEU A 356 30.18 4.30 54.64
CA LEU A 356 31.41 4.36 55.39
C LEU A 356 31.85 2.98 55.90
N HIS A 357 31.11 1.93 55.60
CA HIS A 357 31.46 0.64 56.12
C HIS A 357 31.53 -0.45 55.04
N VAL A 358 31.70 0.02 53.82
CA VAL A 358 31.87 -0.84 52.69
C VAL A 358 32.81 -1.99 52.93
N GLU A 359 33.88 -1.74 53.68
CA GLU A 359 34.83 -2.80 53.94
C GLU A 359 34.25 -3.91 54.82
N ASP A 360 33.49 -3.49 55.83
CA ASP A 360 32.84 -4.42 56.74
C ASP A 360 31.71 -5.15 56.01
N ILE A 361 30.95 -4.42 55.17
CA ILE A 361 29.96 -5.07 54.34
C ILE A 361 30.54 -6.24 53.54
N ILE A 362 31.62 -5.99 52.81
CA ILE A 362 32.24 -7.05 52.02
C ILE A 362 32.76 -8.20 52.89
N LEU A 363 33.27 -7.91 54.09
CA LEU A 363 33.67 -8.99 55.02
C LEU A 363 32.46 -9.84 55.35
N HIS A 364 31.33 -9.21 55.64
CA HIS A 364 30.14 -9.97 55.95
C HIS A 364 29.77 -10.86 54.75
N MET A 365 29.92 -10.35 53.53
CA MET A 365 29.67 -11.18 52.35
C MET A 365 30.51 -12.42 52.35
N PHE A 366 31.80 -12.22 52.61
CA PHE A 366 32.74 -13.34 52.67
C PHE A 366 32.51 -14.31 53.84
N GLN A 367 31.95 -13.77 54.93
CA GLN A 367 31.62 -14.65 56.05
C GLN A 367 30.46 -15.55 55.67
N TYR A 368 29.53 -14.99 54.90
CA TYR A 368 28.35 -15.72 54.51
C TYR A 368 28.79 -16.81 53.49
N ILE A 369 29.63 -16.45 52.52
CA ILE A 369 30.13 -17.47 51.59
C ILE A 369 30.82 -18.58 52.37
N GLN A 370 31.67 -18.18 53.33
CA GLN A 370 32.34 -19.13 54.20
C GLN A 370 31.32 -20.10 54.89
N LYS A 371 30.23 -19.57 55.41
CA LYS A 371 29.22 -20.43 55.99
C LYS A 371 28.75 -21.46 54.95
N LEU A 372 28.58 -21.03 53.70
CA LEU A 372 28.23 -22.02 52.67
C LEU A 372 29.28 -23.10 52.53
N ARG A 373 30.55 -22.73 52.43
CA ARG A 373 31.63 -23.74 52.43
C ARG A 373 31.55 -24.71 53.61
N ALA A 374 31.36 -24.18 54.82
CA ALA A 374 31.28 -24.98 56.02
C ALA A 374 30.17 -25.98 56.05
N GLU A 375 29.00 -25.64 55.51
CA GLU A 375 27.89 -26.58 55.63
C GLU A 375 27.87 -27.51 54.43
N GLY A 376 28.48 -27.11 53.32
CA GLY A 376 28.47 -27.92 52.12
C GLY A 376 27.13 -27.92 51.41
N PRO A 377 27.14 -28.39 50.17
CA PRO A 377 25.94 -28.43 49.35
C PRO A 377 24.84 -29.20 50.07
N GLN A 378 23.62 -28.69 50.03
CA GLN A 378 22.46 -29.21 50.69
C GLN A 378 21.41 -29.81 49.73
N GLU A 379 21.29 -31.13 49.68
CA GLU A 379 20.37 -31.71 48.72
C GLU A 379 18.93 -31.24 48.95
N TRP A 380 18.54 -31.00 50.19
CA TRP A 380 17.16 -30.65 50.43
C TRP A 380 16.87 -29.27 49.80
N VAL A 381 17.83 -28.35 49.82
CA VAL A 381 17.67 -27.07 49.11
C VAL A 381 17.52 -27.25 47.59
N PHE A 382 18.40 -28.05 47.01
CA PHE A 382 18.21 -28.40 45.63
C PHE A 382 16.79 -29.00 45.38
N GLN A 383 16.40 -29.94 46.23
CA GLN A 383 15.06 -30.54 46.17
C GLN A 383 13.95 -29.47 46.16
N GLU A 384 14.14 -28.41 46.94
CA GLU A 384 13.11 -27.41 47.03
C GLU A 384 13.00 -26.63 45.73
N LEU A 385 14.14 -26.17 45.22
CA LEU A 385 14.11 -25.45 43.97
C LEU A 385 13.55 -26.34 42.85
N LYS A 386 13.87 -27.63 42.86
CA LYS A 386 13.40 -28.47 41.83
C LYS A 386 11.88 -28.52 41.86
N ASP A 387 11.34 -28.63 43.07
CA ASP A 387 9.90 -28.70 43.27
C ASP A 387 9.20 -27.41 42.88
N LEU A 388 9.72 -26.27 43.35
CA LEU A 388 9.17 -25.01 42.95
C LEU A 388 9.18 -24.86 41.42
N ASN A 389 10.32 -25.15 40.81
CA ASN A 389 10.44 -25.05 39.39
C ASN A 389 9.40 -25.96 38.73
N ALA A 390 9.19 -27.17 39.27
CA ALA A 390 8.25 -28.09 38.65
C ALA A 390 6.79 -27.57 38.72
N VAL A 391 6.45 -26.94 39.85
CA VAL A 391 5.08 -26.52 40.05
C VAL A 391 4.90 -25.33 39.10
N ALA A 392 5.91 -24.48 39.03
CA ALA A 392 5.84 -23.29 38.20
C ALA A 392 5.66 -23.74 36.77
N PHE A 393 6.40 -24.77 36.41
CA PHE A 393 6.29 -25.16 35.04
C PHE A 393 4.87 -25.73 34.77
N ARG A 394 4.46 -26.65 35.62
CA ARG A 394 3.18 -27.24 35.45
C ARG A 394 2.12 -26.17 35.28
N PHE A 395 2.12 -25.15 36.12
CA PHE A 395 0.98 -24.29 36.15
C PHE A 395 1.29 -22.95 35.58
N LYS A 396 2.29 -22.91 34.70
CA LYS A 396 2.68 -21.66 34.04
C LYS A 396 1.48 -20.99 33.39
N ASP A 397 1.36 -19.69 33.55
CA ASP A 397 0.40 -18.90 32.74
C ASP A 397 0.67 -19.01 31.24
N LYS A 398 -0.40 -19.12 30.46
CA LYS A 398 -0.24 -19.01 29.02
C LYS A 398 0.30 -17.61 28.64
N GLU A 399 1.35 -17.59 27.84
CA GLU A 399 1.99 -16.35 27.41
C GLU A 399 1.29 -15.67 26.22
N ARG A 400 1.48 -14.35 26.11
CA ARG A 400 1.16 -13.60 24.87
C ARG A 400 2.06 -14.14 23.76
N PRO A 401 1.49 -14.42 22.58
CA PRO A 401 2.26 -14.99 21.46
C PRO A 401 3.60 -14.32 21.11
N ARG A 402 3.63 -13.00 21.02
CA ARG A 402 4.83 -12.29 20.58
C ARG A 402 6.00 -12.50 21.57
N GLY A 403 5.74 -12.45 22.88
CA GLY A 403 6.81 -12.67 23.84
C GLY A 403 7.24 -14.12 23.79
N TYR A 404 6.29 -15.03 23.58
CA TYR A 404 6.58 -16.42 23.67
C TYR A 404 7.50 -16.82 22.52
N THR A 405 7.17 -16.41 21.30
CA THR A 405 8.01 -16.77 20.16
C THR A 405 9.39 -16.12 20.28
N SER A 406 9.43 -14.89 20.76
CA SER A 406 10.69 -14.24 20.83
C SER A 406 11.60 -15.00 21.81
N LYS A 407 11.02 -15.41 22.94
CA LYS A 407 11.75 -16.02 24.00
C LYS A 407 12.19 -17.41 23.54
N ILE A 408 11.34 -18.15 22.85
CA ILE A 408 11.73 -19.52 22.44
C ILE A 408 12.78 -19.54 21.31
N ALA A 409 12.67 -18.56 20.42
CA ALA A 409 13.66 -18.37 19.38
C ALA A 409 15.09 -18.20 19.95
N GLY A 410 15.22 -17.37 20.96
CA GLY A 410 16.50 -17.28 21.69
C GLY A 410 16.87 -18.64 22.27
N ILE A 411 15.96 -19.36 22.95
CA ILE A 411 16.47 -20.57 23.51
C ILE A 411 16.65 -21.76 22.61
N LEU A 412 16.07 -21.73 21.41
CA LEU A 412 16.37 -22.80 20.48
C LEU A 412 17.89 -22.99 20.26
N HIS A 413 18.68 -21.92 20.42
CA HIS A 413 20.12 -22.01 20.30
C HIS A 413 20.85 -22.74 21.42
N TYR A 414 20.19 -23.07 22.51
CA TYR A 414 20.91 -23.63 23.66
C TYR A 414 20.40 -24.97 24.09
N TYR A 415 19.27 -25.40 23.60
CA TYR A 415 18.65 -26.59 24.13
C TYR A 415 18.22 -27.48 22.99
N PRO A 416 18.25 -28.81 23.22
CA PRO A 416 17.66 -29.73 22.26
C PRO A 416 16.18 -29.34 21.99
N LEU A 417 15.70 -29.61 20.78
CA LEU A 417 14.36 -29.23 20.42
C LEU A 417 13.40 -29.67 21.50
N GLU A 418 13.54 -30.93 21.91
CA GLU A 418 12.58 -31.61 22.76
C GLU A 418 12.43 -30.96 24.16
N GLU A 419 13.45 -30.22 24.59
CA GLU A 419 13.55 -29.64 25.92
C GLU A 419 13.34 -28.15 25.97
N VAL A 420 13.12 -27.48 24.83
CA VAL A 420 13.09 -26.01 24.83
C VAL A 420 12.04 -25.36 25.71
N LEU A 421 10.95 -26.08 25.97
CA LEU A 421 9.90 -25.58 26.81
C LEU A 421 10.31 -25.78 28.24
N THR A 422 10.95 -26.91 28.57
CA THR A 422 11.29 -27.24 29.97
C THR A 422 12.64 -26.78 30.44
N ALA A 423 13.58 -26.64 29.53
CA ALA A 423 14.97 -26.50 29.91
C ALA A 423 15.18 -25.45 30.99
N GLU A 424 14.51 -24.31 30.90
CA GLU A 424 14.79 -23.29 31.85
C GLU A 424 14.08 -23.52 33.17
N TYR A 425 13.24 -24.55 33.21
CA TYR A 425 12.48 -24.85 34.39
C TYR A 425 12.98 -26.10 35.08
N LEU A 426 13.09 -27.21 34.38
CA LEU A 426 13.30 -28.48 35.09
C LEU A 426 14.77 -28.65 35.53
N LEU A 427 14.94 -29.33 36.66
CA LEU A 427 16.23 -29.51 37.37
C LEU A 427 16.33 -30.97 37.57
N GLU A 428 17.49 -31.51 37.32
CA GLU A 428 17.44 -32.93 37.23
C GLU A 428 18.54 -33.55 38.00
N GLU A 429 19.66 -32.85 38.09
CA GLU A 429 20.88 -33.39 38.59
C GLU A 429 21.27 -32.60 39.79
N PHE A 430 21.53 -33.29 40.88
CA PHE A 430 22.17 -32.65 42.04
C PHE A 430 23.70 -32.79 41.92
N ARG A 431 24.44 -31.67 42.05
CA ARG A 431 25.86 -31.66 41.69
C ARG A 431 26.63 -30.96 42.73
N PRO A 432 26.82 -31.62 43.84
CA PRO A 432 27.60 -30.89 44.86
C PRO A 432 28.98 -30.49 44.37
N ASP A 433 29.55 -31.20 43.38
CA ASP A 433 30.88 -30.89 42.83
C ASP A 433 30.88 -29.54 42.14
N LEU A 434 29.82 -29.24 41.37
CA LEU A 434 29.77 -28.00 40.64
C LEU A 434 29.50 -26.86 41.59
N ILE A 435 28.71 -27.14 42.59
CA ILE A 435 28.43 -26.11 43.55
C ILE A 435 29.73 -25.76 44.28
N GLU A 436 30.52 -26.78 44.65
CA GLU A 436 31.74 -26.54 45.34
C GLU A 436 32.66 -25.74 44.46
N MET A 437 32.74 -26.10 43.18
CA MET A 437 33.60 -25.45 42.19
C MET A 437 33.26 -23.96 41.98
N VAL A 438 31.98 -23.61 41.98
CA VAL A 438 31.63 -22.21 41.82
C VAL A 438 31.89 -21.45 43.10
N LEU A 439 31.60 -22.07 44.23
CA LEU A 439 31.97 -21.49 45.51
C LEU A 439 33.47 -21.20 45.63
N ASP A 440 34.32 -21.98 44.98
CA ASP A 440 35.75 -21.79 45.10
C ASP A 440 36.26 -20.55 44.31
N LYS A 441 35.35 -19.91 43.60
CA LYS A 441 35.71 -18.70 42.87
C LYS A 441 35.21 -17.47 43.59
N LEU A 442 34.40 -17.65 44.62
CA LEU A 442 33.89 -16.47 45.26
C LEU A 442 34.84 -16.15 46.38
N ARG A 443 36.01 -15.69 46.00
CA ARG A 443 37.16 -15.56 46.93
C ARG A 443 37.74 -14.14 46.81
N PRO A 444 38.26 -13.58 47.92
CA PRO A 444 38.75 -12.20 47.81
C PRO A 444 39.79 -11.97 46.74
N GLU A 445 40.62 -12.98 46.41
CA GLU A 445 41.66 -12.72 45.40
C GLU A 445 41.09 -12.54 44.01
N ASN A 446 39.83 -12.92 43.85
CA ASN A 446 39.10 -12.83 42.59
C ASN A 446 38.11 -11.67 42.44
N VAL A 447 38.14 -10.68 43.33
CA VAL A 447 37.02 -9.81 43.50
C VAL A 447 37.20 -8.48 42.83
N ARG A 448 36.13 -7.93 42.24
CA ARG A 448 36.09 -6.53 41.77
C ARG A 448 35.01 -5.81 42.56
N VAL A 449 35.26 -4.56 42.90
CA VAL A 449 34.38 -3.83 43.79
C VAL A 449 34.17 -2.50 43.19
N ALA A 450 32.89 -2.11 43.02
CA ALA A 450 32.54 -0.74 42.56
C ALA A 450 31.67 -0.01 43.58
N ILE A 451 31.97 1.26 43.81
CA ILE A 451 31.17 2.03 44.74
C ILE A 451 30.61 3.20 43.97
N VAL A 452 29.29 3.36 43.98
CA VAL A 452 28.72 4.44 43.22
C VAL A 452 28.20 5.44 44.20
N SER A 453 28.74 6.63 44.14
CA SER A 453 28.37 7.63 45.12
C SER A 453 28.70 9.02 44.70
N LYS A 454 27.82 9.92 45.08
CA LYS A 454 27.99 11.31 44.73
C LYS A 454 29.17 11.95 45.54
N SER A 455 29.56 11.38 46.67
CA SER A 455 30.75 11.84 47.43
C SER A 455 32.04 11.73 46.58
N PHE A 456 32.03 11.00 45.47
CA PHE A 456 33.24 10.98 44.64
C PHE A 456 33.33 12.17 43.65
N GLU A 457 32.35 13.06 43.65
CA GLU A 457 32.39 14.21 42.73
C GLU A 457 33.66 15.04 43.01
N GLY A 458 34.41 15.40 41.96
CA GLY A 458 35.65 16.15 42.15
C GLY A 458 36.84 15.23 42.42
N LYS A 459 36.65 14.12 43.14
CA LYS A 459 37.72 13.21 43.50
C LYS A 459 38.10 12.18 42.43
N THR A 460 37.59 12.29 41.21
CA THR A 460 37.85 11.24 40.20
C THR A 460 38.86 11.76 39.19
N ASP A 461 39.54 10.87 38.45
CA ASP A 461 40.59 11.26 37.50
C ASP A 461 40.47 10.56 36.15
N ARG A 462 39.30 10.01 35.86
CA ARG A 462 39.18 9.22 34.66
C ARG A 462 37.77 9.35 34.12
N THR A 463 37.61 9.05 32.85
CA THR A 463 36.41 9.39 32.15
C THR A 463 36.12 8.35 31.14
N GLU A 464 34.92 7.73 31.20
CA GLU A 464 34.55 6.72 30.20
C GLU A 464 34.14 7.37 28.88
N GLU A 465 34.65 6.86 27.78
CA GLU A 465 34.57 7.57 26.50
C GLU A 465 33.13 7.69 25.90
N TRP A 466 32.35 6.61 25.92
CA TRP A 466 31.02 6.61 25.34
C TRP A 466 29.94 7.31 26.12
N TYR A 467 30.00 7.33 27.47
CA TYR A 467 28.97 7.96 28.25
C TYR A 467 29.49 9.13 29.05
N GLY A 468 30.80 9.21 29.21
CA GLY A 468 31.38 10.33 29.93
C GLY A 468 31.40 10.10 31.43
N THR A 469 31.27 8.83 31.83
CA THR A 469 31.19 8.50 33.25
C THR A 469 32.45 8.90 34.02
N GLN A 470 32.29 9.49 35.18
CA GLN A 470 33.47 9.85 35.97
C GLN A 470 33.86 8.90 37.08
N TYR A 471 35.04 8.32 36.96
CA TYR A 471 35.46 7.35 37.97
C TYR A 471 36.99 7.36 38.31
N LYS A 472 37.35 6.66 39.39
CA LYS A 472 38.71 6.46 39.87
C LYS A 472 38.92 4.94 40.02
N GLN A 473 40.13 4.44 39.73
CA GLN A 473 40.43 3.01 39.83
C GLN A 473 41.64 2.80 40.74
N GLU A 474 41.54 1.93 41.74
CA GLU A 474 42.60 1.70 42.73
C GLU A 474 42.83 0.23 42.89
N ALA A 475 44.01 -0.16 43.38
CA ALA A 475 44.20 -1.55 43.81
C ALA A 475 43.54 -1.65 45.17
N ILE A 476 42.78 -2.72 45.41
CA ILE A 476 42.42 -2.98 46.79
C ILE A 476 43.75 -3.35 47.55
N PRO A 477 44.05 -2.71 48.69
CA PRO A 477 45.26 -3.02 49.46
C PRO A 477 45.28 -4.47 49.95
N ASP A 478 46.46 -5.11 49.92
CA ASP A 478 46.59 -6.48 50.42
C ASP A 478 46.12 -6.71 51.85
N GLU A 479 46.28 -5.70 52.72
CA GLU A 479 45.79 -5.80 54.09
C GLU A 479 44.28 -6.09 54.03
N VAL A 480 43.61 -5.48 53.07
CA VAL A 480 42.17 -5.62 52.94
C VAL A 480 41.80 -7.04 52.38
N ILE A 481 42.48 -7.46 51.33
CA ILE A 481 42.25 -8.79 50.82
C ILE A 481 42.44 -9.79 51.91
N LYS A 482 43.53 -9.62 52.70
CA LYS A 482 43.96 -10.63 53.69
C LYS A 482 42.89 -10.68 54.74
N LYS A 483 42.43 -9.52 55.19
CA LYS A 483 41.36 -9.49 56.20
C LYS A 483 40.14 -10.28 55.71
N TRP A 484 39.76 -10.12 54.43
CA TRP A 484 38.62 -10.83 53.86
C TRP A 484 38.93 -12.31 53.74
N GLN A 485 40.14 -12.66 53.29
CA GLN A 485 40.53 -14.06 53.23
C GLN A 485 40.45 -14.78 54.55
N ASN A 486 40.60 -14.06 55.67
CA ASN A 486 40.43 -14.71 56.98
C ASN A 486 39.08 -14.46 57.60
N ALA A 487 38.02 -14.66 56.85
CA ALA A 487 36.69 -14.43 57.40
C ALA A 487 36.31 -15.64 58.24
N ASP A 488 36.13 -15.43 59.55
CA ASP A 488 35.75 -16.49 60.50
C ASP A 488 34.27 -16.77 60.17
N LEU A 489 33.64 -17.76 60.81
CA LEU A 489 32.17 -17.82 60.80
C LEU A 489 31.63 -16.70 61.71
N ASN A 490 30.39 -16.30 61.44
CA ASN A 490 29.66 -15.27 62.15
C ASN A 490 28.30 -15.86 62.43
N GLY A 491 27.95 -16.02 63.71
CA GLY A 491 26.75 -16.73 64.10
C GLY A 491 25.42 -16.04 63.83
N LYS A 492 25.44 -14.86 63.24
CA LYS A 492 24.17 -14.25 62.79
C LYS A 492 23.66 -14.91 61.46
N PHE A 493 24.53 -15.67 60.79
CA PHE A 493 24.26 -16.28 59.48
C PHE A 493 23.90 -17.76 59.52
N LYS A 494 22.66 -18.09 59.16
CA LYS A 494 22.16 -19.47 59.12
C LYS A 494 21.57 -19.69 57.71
N LEU A 495 21.68 -20.88 57.13
CA LEU A 495 20.92 -21.27 55.94
C LEU A 495 19.41 -21.06 56.22
N PRO A 496 18.56 -20.93 55.18
CA PRO A 496 17.13 -20.84 55.46
C PRO A 496 16.55 -22.19 55.82
N THR A 497 15.37 -22.21 56.40
CA THR A 497 14.80 -23.50 56.82
C THR A 497 13.70 -23.87 55.80
N LYS A 498 13.14 -25.10 55.82
CA LYS A 498 12.07 -25.47 54.88
C LYS A 498 11.16 -24.27 54.66
N ASN A 499 10.72 -24.09 53.43
CA ASN A 499 9.80 -23.06 53.11
C ASN A 499 8.35 -23.54 53.25
N GLU A 500 7.72 -23.16 54.38
CA GLU A 500 6.32 -23.52 54.73
C GLU A 500 5.26 -22.95 53.80
N PHE A 501 5.64 -21.95 52.98
CA PHE A 501 4.70 -21.39 52.03
C PHE A 501 4.59 -22.17 50.73
N ILE A 502 5.42 -23.19 50.55
CA ILE A 502 5.28 -24.02 49.39
C ILE A 502 3.89 -24.62 49.29
N PRO A 503 3.19 -24.39 48.18
CA PRO A 503 1.82 -24.87 48.07
C PRO A 503 1.71 -26.37 47.80
N THR A 504 0.63 -26.99 48.24
CA THR A 504 0.51 -28.39 47.98
C THR A 504 -0.92 -28.74 47.58
N ASN A 505 -1.83 -27.81 47.76
CA ASN A 505 -3.18 -28.05 47.36
C ASN A 505 -3.53 -27.40 46.04
N PHE A 506 -3.70 -28.19 44.98
CA PHE A 506 -3.96 -27.58 43.66
C PHE A 506 -5.36 -27.91 43.15
N GLU A 507 -6.24 -28.33 44.04
CA GLU A 507 -7.54 -28.70 43.60
C GLU A 507 -8.19 -27.49 42.91
N ILE A 508 -8.75 -27.73 41.74
CA ILE A 508 -9.61 -26.75 41.07
C ILE A 508 -11.06 -26.93 41.51
N LEU A 509 -11.58 -25.99 42.28
CA LEU A 509 -12.99 -26.03 42.72
C LEU A 509 -13.90 -26.17 41.55
N PRO A 510 -14.90 -27.09 41.63
CA PRO A 510 -15.82 -27.19 40.49
C PRO A 510 -16.54 -25.87 40.29
N LEU A 511 -16.84 -25.54 39.06
CA LEU A 511 -17.54 -24.31 38.74
C LEU A 511 -18.94 -24.26 39.35
N GLU A 512 -19.25 -23.26 40.18
CA GLU A 512 -20.56 -23.21 40.85
C GLU A 512 -21.76 -23.07 39.89
N LYS A 513 -22.95 -23.51 40.34
CA LYS A 513 -24.18 -23.41 39.51
C LYS A 513 -24.53 -21.94 39.16
N GLU A 514 -24.28 -21.01 40.12
CA GLU A 514 -24.51 -19.54 39.97
C GLU A 514 -23.33 -18.70 39.34
N ALA A 515 -22.32 -19.36 38.76
CA ALA A 515 -21.16 -18.66 38.18
C ALA A 515 -21.59 -17.73 37.03
N THR A 516 -21.08 -16.49 37.03
CA THR A 516 -21.35 -15.52 35.94
C THR A 516 -20.13 -15.33 35.01
N PRO A 517 -20.36 -14.87 33.76
CA PRO A 517 -19.16 -14.59 32.92
C PRO A 517 -18.39 -13.30 33.31
N TYR A 518 -19.02 -12.36 34.01
CA TYR A 518 -18.35 -11.14 34.47
C TYR A 518 -18.39 -11.00 35.98
N PRO A 519 -17.58 -10.09 36.56
CA PRO A 519 -17.61 -10.12 38.04
C PRO A 519 -18.98 -9.79 38.51
N ALA A 520 -19.37 -10.33 39.64
CA ALA A 520 -20.71 -9.99 40.18
C ALA A 520 -20.53 -9.19 41.45
N LEU A 521 -21.43 -8.25 41.69
CA LEU A 521 -21.35 -7.50 42.92
C LEU A 521 -21.96 -8.32 44.03
N ILE A 522 -21.18 -9.02 44.82
CA ILE A 522 -21.83 -9.92 45.77
C ILE A 522 -21.96 -9.35 47.21
N LYS A 523 -21.57 -8.09 47.43
CA LYS A 523 -21.66 -7.53 48.76
C LYS A 523 -21.53 -6.03 48.60
N ASP A 524 -22.50 -5.30 49.14
CA ASP A 524 -22.61 -3.85 48.83
C ASP A 524 -22.90 -3.04 50.10
N THR A 525 -21.98 -3.03 51.05
CA THR A 525 -22.27 -2.44 52.34
C THR A 525 -21.59 -1.08 52.49
N ALA A 526 -21.82 -0.43 53.62
CA ALA A 526 -21.23 0.88 53.82
C ALA A 526 -19.68 0.76 53.89
N MET A 527 -19.21 -0.32 54.52
CA MET A 527 -17.79 -0.61 54.61
C MET A 527 -17.16 -1.16 53.34
N SER A 528 -17.88 -1.95 52.54
CA SER A 528 -17.23 -2.68 51.47
C SER A 528 -18.07 -3.14 50.28
N LYS A 529 -17.46 -3.03 49.12
CA LYS A 529 -18.12 -3.35 47.90
C LYS A 529 -17.29 -4.51 47.29
N LEU A 530 -17.85 -5.70 47.12
CA LEU A 530 -17.10 -6.88 46.76
C LEU A 530 -17.49 -7.38 45.37
N TRP A 531 -16.56 -7.27 44.42
CA TRP A 531 -16.80 -7.84 43.08
C TRP A 531 -16.11 -9.18 43.00
N PHE A 532 -16.79 -10.16 42.42
CA PHE A 532 -16.36 -11.56 42.49
C PHE A 532 -16.61 -12.29 41.20
N LYS A 533 -15.64 -13.12 40.82
CA LYS A 533 -15.82 -14.03 39.73
C LYS A 533 -14.93 -15.24 39.86
N GLN A 534 -15.56 -16.39 39.77
CA GLN A 534 -14.84 -17.62 39.83
C GLN A 534 -14.29 -17.85 38.42
N ASP A 535 -13.03 -18.34 38.31
CA ASP A 535 -12.41 -18.45 37.03
C ASP A 535 -13.12 -19.54 36.23
N ASP A 536 -13.59 -19.21 35.04
CA ASP A 536 -14.22 -20.19 34.18
C ASP A 536 -13.40 -20.31 32.85
N LYS A 537 -12.14 -19.88 32.83
CA LYS A 537 -11.38 -19.92 31.61
C LYS A 537 -10.06 -20.66 31.72
N PHE A 538 -9.32 -20.52 32.83
CA PHE A 538 -7.88 -20.92 32.86
C PHE A 538 -7.56 -22.15 33.65
N PHE A 539 -8.26 -22.34 34.76
CA PHE A 539 -8.21 -23.59 35.51
C PHE A 539 -6.85 -23.90 36.10
N LEU A 540 -6.16 -22.85 36.50
CA LEU A 540 -4.96 -23.01 37.24
C LEU A 540 -5.23 -22.68 38.69
N PRO A 541 -4.52 -23.32 39.65
CA PRO A 541 -4.90 -23.11 41.07
C PRO A 541 -4.32 -21.79 41.53
N LYS A 542 -4.89 -20.73 41.02
CA LYS A 542 -4.31 -19.42 41.30
C LYS A 542 -5.44 -18.49 41.53
N ALA A 543 -5.17 -17.39 42.21
CA ALA A 543 -6.26 -16.37 42.39
C ALA A 543 -5.72 -14.96 42.47
N ASN A 544 -6.53 -13.98 42.12
CA ASN A 544 -6.14 -12.60 42.33
C ASN A 544 -7.07 -11.91 43.26
N LEU A 545 -6.53 -11.34 44.33
CA LEU A 545 -7.28 -10.56 45.28
C LEU A 545 -6.83 -9.11 45.25
N ASN A 546 -7.65 -8.23 44.65
CA ASN A 546 -7.38 -6.78 44.59
C ASN A 546 -8.24 -5.98 45.58
N PHE A 547 -7.61 -5.10 46.38
CA PHE A 547 -8.37 -4.19 47.27
C PHE A 547 -8.00 -2.74 47.10
N GLU A 548 -8.97 -1.87 46.86
CA GLU A 548 -8.74 -0.41 46.89
C GLU A 548 -9.33 0.04 48.22
N PHE A 549 -8.48 0.59 49.09
CA PHE A 549 -8.89 1.19 50.33
C PHE A 549 -9.11 2.72 50.20
N PHE A 550 -10.30 3.29 50.42
CA PHE A 550 -10.40 4.75 50.39
C PHE A 550 -10.23 5.44 51.74
N SER A 551 -9.36 6.44 51.81
CA SER A 551 -9.32 7.34 52.92
C SER A 551 -8.96 8.70 52.41
N PRO A 552 -9.75 9.68 52.81
CA PRO A 552 -9.52 11.08 52.43
C PRO A 552 -8.22 11.57 53.00
N PHE A 553 -7.79 10.98 54.12
CA PHE A 553 -6.52 11.36 54.73
C PHE A 553 -5.24 11.01 54.01
N ALA A 554 -5.27 10.20 52.94
CA ALA A 554 -4.04 9.77 52.27
C ALA A 554 -3.56 10.85 51.32
N TYR A 555 -4.44 11.77 50.95
CA TYR A 555 -3.98 12.74 49.99
C TYR A 555 -4.44 14.11 50.39
N VAL A 556 -4.94 14.25 51.59
CA VAL A 556 -5.45 15.56 51.99
C VAL A 556 -4.40 16.72 51.83
N ASP A 557 -3.12 16.42 51.93
CA ASP A 557 -2.12 17.42 51.75
C ASP A 557 -0.75 16.79 51.51
N PRO A 558 0.23 17.61 51.10
CA PRO A 558 1.49 16.96 50.77
C PRO A 558 2.02 16.18 51.93
N LEU A 559 1.89 16.71 53.13
CA LEU A 559 2.42 16.01 54.31
C LEU A 559 1.76 14.61 54.50
N HIS A 560 0.44 14.53 54.30
CA HIS A 560 -0.25 13.25 54.49
C HIS A 560 0.13 12.27 53.41
N SER A 561 0.39 12.82 52.23
CA SER A 561 0.71 11.98 51.16
C SER A 561 2.07 11.32 51.46
N ASN A 562 3.00 12.15 51.92
CA ASN A 562 4.28 11.65 52.34
C ASN A 562 4.14 10.58 53.38
N MET A 563 3.16 10.75 54.24
CA MET A 563 3.07 9.80 55.36
C MET A 563 2.49 8.47 54.87
N ALA A 564 1.48 8.55 54.00
CA ALA A 564 0.88 7.38 53.39
C ALA A 564 2.01 6.52 52.75
N TYR A 565 2.85 7.21 52.01
CA TYR A 565 3.95 6.59 51.38
C TYR A 565 4.80 5.90 52.42
N LEU A 566 5.34 6.66 53.35
CA LEU A 566 6.34 6.08 54.26
C LEU A 566 5.76 4.95 55.11
N TYR A 567 4.51 5.14 55.54
CA TYR A 567 3.82 4.09 56.26
C TYR A 567 3.91 2.78 55.46
N LEU A 568 3.55 2.84 54.17
CA LEU A 568 3.56 1.63 53.38
C LEU A 568 5.00 1.12 53.09
N GLU A 569 5.94 2.02 52.81
CA GLU A 569 7.27 1.52 52.65
C GLU A 569 7.76 0.84 53.93
N LEU A 570 7.48 1.45 55.09
CA LEU A 570 7.87 0.87 56.37
C LEU A 570 7.24 -0.48 56.61
N LEU A 571 6.02 -0.65 56.16
CA LEU A 571 5.35 -1.86 56.39
C LEU A 571 5.94 -2.96 55.54
N LYS A 572 6.25 -2.64 54.28
CA LYS A 572 6.79 -3.62 53.38
C LYS A 572 8.11 -4.06 53.90
N ASP A 573 8.89 -3.09 54.34
CA ASP A 573 10.23 -3.40 54.78
C ASP A 573 10.15 -4.24 56.03
N SER A 574 9.08 -4.08 56.78
CA SER A 574 8.98 -4.83 57.98
C SER A 574 8.52 -6.27 57.70
N LEU A 575 7.68 -6.44 56.69
CA LEU A 575 7.22 -7.75 56.24
C LEU A 575 8.18 -8.57 55.37
N ASN A 576 9.25 -7.95 54.92
CA ASN A 576 10.03 -8.54 53.91
C ASN A 576 10.56 -9.89 54.23
N GLU A 577 11.28 -10.02 55.35
CA GLU A 577 11.75 -11.30 55.78
C GLU A 577 10.69 -12.37 55.70
N TYR A 578 9.48 -12.06 56.05
CA TYR A 578 8.49 -13.08 56.12
C TYR A 578 7.85 -13.25 54.78
N ALA A 579 7.69 -12.17 54.04
CA ALA A 579 7.01 -12.29 52.77
C ALA A 579 7.84 -13.03 51.70
N TYR A 580 9.16 -13.04 51.84
CA TYR A 580 10.07 -13.46 50.80
C TYR A 580 9.87 -14.95 50.47
N ALA A 581 9.72 -15.76 51.53
CA ALA A 581 9.38 -17.15 51.39
C ALA A 581 8.14 -17.21 50.54
N ALA A 582 7.15 -16.36 50.83
CA ALA A 582 5.90 -16.42 50.05
C ALA A 582 6.19 -16.18 48.58
N GLU A 583 7.00 -15.18 48.29
CA GLU A 583 7.39 -14.91 46.94
C GLU A 583 8.08 -16.09 46.17
N LEU A 584 9.08 -16.71 46.76
CA LEU A 584 9.64 -17.90 46.16
C LEU A 584 8.58 -18.97 45.89
N ALA A 585 7.59 -19.10 46.77
CA ALA A 585 6.48 -20.03 46.60
C ALA A 585 5.38 -19.53 45.61
N GLY A 586 5.69 -18.50 44.83
CA GLY A 586 4.77 -18.12 43.79
C GLY A 586 3.57 -17.40 44.37
N LEU A 587 3.77 -16.78 45.49
CA LEU A 587 2.69 -16.07 46.13
C LEU A 587 3.18 -14.65 46.43
N SER A 588 2.72 -13.66 45.72
CA SER A 588 3.24 -12.34 46.11
C SER A 588 2.21 -11.26 46.29
N TYR A 589 2.68 -10.12 46.71
CA TYR A 589 1.80 -9.03 47.00
C TYR A 589 2.44 -7.70 46.61
N ASP A 590 1.59 -6.71 46.45
CA ASP A 590 1.94 -5.41 45.99
C ASP A 590 1.12 -4.46 46.84
N LEU A 591 1.75 -3.43 47.37
CA LEU A 591 1.09 -2.60 48.35
C LEU A 591 1.57 -1.16 48.19
N GLN A 592 0.69 -0.27 47.79
CA GLN A 592 1.09 1.11 47.51
C GLN A 592 0.01 2.14 47.84
N ASN A 593 0.45 3.36 48.09
CA ASN A 593 -0.47 4.42 48.44
C ASN A 593 -0.93 5.04 47.13
N THR A 594 -2.16 5.51 47.07
CA THR A 594 -2.65 6.13 45.85
C THR A 594 -3.18 7.48 46.26
N ILE A 595 -3.53 8.34 45.32
CA ILE A 595 -4.15 9.62 45.66
C ILE A 595 -5.53 9.44 46.32
N TYR A 596 -5.99 8.20 46.50
CA TYR A 596 -7.31 7.94 47.08
C TYR A 596 -7.25 7.23 48.43
N GLY A 597 -6.06 6.76 48.80
CA GLY A 597 -5.85 5.86 49.95
C GLY A 597 -4.94 4.77 49.36
N MET A 598 -5.04 3.53 49.83
CA MET A 598 -4.10 2.49 49.42
C MET A 598 -4.67 1.45 48.46
N TYR A 599 -3.75 0.71 47.87
CA TYR A 599 -4.01 -0.38 46.96
C TYR A 599 -3.19 -1.57 47.41
N LEU A 600 -3.87 -2.71 47.45
CA LEU A 600 -3.25 -3.91 47.90
C LEU A 600 -3.64 -4.97 46.91
N SER A 601 -2.67 -5.73 46.46
CA SER A 601 -2.98 -6.88 45.62
C SER A 601 -2.17 -8.05 46.05
N VAL A 602 -2.83 -9.19 46.10
CA VAL A 602 -2.20 -10.48 46.40
C VAL A 602 -2.54 -11.39 45.25
N LYS A 603 -1.50 -11.87 44.57
CA LYS A 603 -1.58 -12.73 43.36
C LYS A 603 -0.85 -14.09 43.62
N GLY A 604 -1.24 -15.19 42.97
CA GLY A 604 -0.45 -16.40 42.98
C GLY A 604 -1.27 -17.64 43.28
N TYR A 605 -0.59 -18.70 43.70
CA TYR A 605 -1.28 -19.92 44.13
C TYR A 605 -2.26 -19.62 45.25
N ASN A 606 -3.45 -20.15 45.14
CA ASN A 606 -4.48 -19.80 46.05
C ASN A 606 -4.34 -20.52 47.41
N ASP A 607 -3.63 -21.66 47.45
CA ASP A 607 -3.40 -22.48 48.68
C ASP A 607 -3.15 -21.61 49.93
N LYS A 608 -2.08 -20.85 49.92
CA LYS A 608 -1.68 -20.23 51.15
C LYS A 608 -1.98 -18.74 51.16
N GLN A 609 -2.75 -18.31 50.21
CA GLN A 609 -3.09 -16.91 50.04
C GLN A 609 -3.72 -16.33 51.28
N PRO A 610 -4.77 -16.94 51.87
CA PRO A 610 -5.40 -16.32 53.07
C PRO A 610 -4.41 -16.05 54.18
N ILE A 611 -3.35 -16.85 54.26
CA ILE A 611 -2.44 -16.72 55.36
C ILE A 611 -1.67 -15.44 55.13
N LEU A 612 -1.15 -15.25 53.92
CA LEU A 612 -0.32 -14.09 53.65
C LEU A 612 -1.17 -12.83 53.83
N LEU A 613 -2.37 -12.87 53.26
CA LEU A 613 -3.30 -11.74 53.30
C LEU A 613 -3.65 -11.38 54.72
N LYS A 614 -3.95 -12.37 55.55
CA LYS A 614 -4.25 -12.14 56.98
C LYS A 614 -3.09 -11.47 57.61
N LYS A 615 -1.87 -11.94 57.34
CA LYS A 615 -0.68 -11.32 57.98
C LYS A 615 -0.53 -9.83 57.62
N ILE A 616 -0.82 -9.47 56.37
CA ILE A 616 -0.61 -8.10 55.90
C ILE A 616 -1.55 -7.10 56.62
N ILE A 617 -2.85 -7.35 56.54
CA ILE A 617 -3.86 -6.56 57.24
C ILE A 617 -3.54 -6.53 58.74
N GLU A 618 -3.29 -7.67 59.34
CA GLU A 618 -2.87 -7.67 60.71
C GLU A 618 -1.68 -6.68 60.96
N LYS A 619 -0.63 -6.70 60.15
CA LYS A 619 0.51 -5.83 60.42
C LYS A 619 0.12 -4.36 60.23
N MET A 620 -0.61 -4.11 59.19
CA MET A 620 -1.10 -2.82 58.84
C MET A 620 -1.75 -2.15 60.01
N ALA A 621 -2.50 -2.92 60.76
CA ALA A 621 -3.36 -2.37 61.79
C ALA A 621 -2.77 -2.29 63.19
N THR A 622 -1.56 -2.79 63.39
CA THR A 622 -0.99 -2.92 64.72
C THR A 622 0.47 -2.58 64.55
N PHE A 623 0.72 -1.80 63.52
CA PHE A 623 2.08 -1.62 63.07
C PHE A 623 2.87 -0.84 64.15
N GLU A 624 4.10 -1.27 64.44
CA GLU A 624 4.98 -0.49 65.31
C GLU A 624 6.25 -0.18 64.56
N ILE A 625 6.56 1.10 64.45
CA ILE A 625 7.70 1.53 63.67
C ILE A 625 9.00 1.50 64.43
N ASP A 626 10.04 0.91 63.83
CA ASP A 626 11.40 0.89 64.40
C ASP A 626 11.99 2.16 63.87
N GLU A 627 12.52 3.01 64.74
CA GLU A 627 12.85 4.33 64.26
C GLU A 627 14.12 4.44 63.44
N LYS A 628 15.06 3.52 63.60
CA LYS A 628 16.22 3.51 62.66
C LYS A 628 15.74 3.23 61.19
N ARG A 629 14.74 2.35 61.02
CA ARG A 629 14.15 2.05 59.70
C ARG A 629 13.45 3.26 59.17
N PHE A 630 12.74 3.95 60.05
CA PHE A 630 12.11 5.21 59.70
C PHE A 630 13.08 6.25 59.10
N GLU A 631 14.22 6.37 59.75
CA GLU A 631 15.14 7.40 59.43
C GLU A 631 15.79 7.06 58.06
N ILE A 632 16.13 5.80 57.84
CA ILE A 632 16.74 5.38 56.56
C ILE A 632 15.78 5.53 55.37
N ILE A 633 14.55 5.09 55.58
CA ILE A 633 13.60 5.17 54.53
C ILE A 633 13.28 6.63 54.22
N LYS A 634 13.18 7.47 55.24
CA LYS A 634 12.84 8.88 54.96
C LYS A 634 13.95 9.51 54.07
N GLU A 635 15.20 9.20 54.39
CA GLU A 635 16.30 9.71 53.65
C GLU A 635 16.26 9.15 52.20
N ALA A 636 15.85 7.88 52.02
CA ALA A 636 15.83 7.28 50.65
C ALA A 636 14.76 7.95 49.85
N TYR A 637 13.65 8.29 50.52
CA TYR A 637 12.52 8.91 49.85
C TYR A 637 12.86 10.33 49.48
N MET A 638 13.62 10.99 50.31
CA MET A 638 14.06 12.32 50.00
C MET A 638 14.88 12.24 48.69
N ARG A 639 15.79 11.28 48.60
CA ARG A 639 16.67 11.22 47.47
C ARG A 639 15.84 10.89 46.25
N SER A 640 14.86 10.06 46.50
CA SER A 640 14.01 9.61 45.44
C SER A 640 13.21 10.76 44.73
N LEU A 641 12.60 11.63 45.54
CA LEU A 641 11.99 12.84 45.01
C LEU A 641 13.01 13.75 44.29
N ASN A 642 14.18 13.99 44.88
CA ASN A 642 15.19 14.77 44.19
C ASN A 642 15.50 14.15 42.89
N ASN A 643 15.56 12.81 42.85
CA ASN A 643 16.01 12.14 41.64
C ASN A 643 15.07 12.29 40.50
N PHE A 644 13.85 12.73 40.76
CA PHE A 644 12.99 12.91 39.66
C PHE A 644 13.57 13.87 38.64
N ARG A 645 14.45 14.77 39.10
CA ARG A 645 14.96 15.79 38.19
C ARG A 645 15.83 15.14 37.12
N ALA A 646 16.06 13.86 37.27
CA ALA A 646 16.97 13.26 36.35
C ALA A 646 16.27 12.29 35.42
N GLU A 647 14.96 12.16 35.54
CA GLU A 647 14.18 11.48 34.55
C GLU A 647 14.19 12.11 33.13
N GLN A 648 13.78 11.36 32.12
CA GLN A 648 13.83 11.86 30.76
C GLN A 648 12.86 13.03 30.52
N PRO A 649 13.28 13.96 29.63
CA PRO A 649 12.33 15.05 29.23
C PRO A 649 10.88 14.57 28.87
N HIS A 650 10.72 13.42 28.21
CA HIS A 650 9.37 13.00 27.89
C HIS A 650 8.55 12.64 29.16
N GLN A 651 9.22 12.04 30.16
CA GLN A 651 8.58 11.74 31.43
C GLN A 651 8.16 12.99 32.18
N HIS A 652 9.03 14.00 32.16
CA HIS A 652 8.74 15.24 32.77
C HIS A 652 7.47 15.76 32.09
N ALA A 653 7.45 15.82 30.75
CA ALA A 653 6.27 16.30 30.03
C ALA A 653 4.95 15.61 30.51
N MET A 654 4.95 14.27 30.60
CA MET A 654 3.80 13.54 31.05
C MET A 654 3.52 13.94 32.48
N TYR A 655 4.55 14.08 33.29
CA TYR A 655 4.31 14.45 34.66
C TYR A 655 3.59 15.86 34.76
N TYR A 656 4.11 16.86 34.07
CA TYR A 656 3.48 18.16 34.10
C TYR A 656 2.06 18.17 33.58
N LEU A 657 1.82 17.47 32.47
CA LEU A 657 0.46 17.47 32.00
C LEU A 657 -0.49 16.84 33.02
N ARG A 658 -0.06 15.75 33.68
CA ARG A 658 -0.88 15.13 34.69
C ARG A 658 -1.20 16.16 35.78
N LEU A 659 -0.18 16.91 36.24
CA LEU A 659 -0.37 17.92 37.27
C LEU A 659 -1.29 19.02 36.79
N LEU A 660 -1.22 19.40 35.50
CA LEU A 660 -2.13 20.43 35.00
C LEU A 660 -3.56 19.99 34.81
N MET A 661 -3.84 18.74 34.45
CA MET A 661 -5.22 18.44 34.05
C MET A 661 -6.06 17.80 35.12
N THR A 662 -5.44 17.38 36.24
CA THR A 662 -6.10 16.76 37.39
C THR A 662 -6.45 17.84 38.42
N GLU A 663 -7.70 17.78 38.88
CA GLU A 663 -8.25 18.68 39.88
C GLU A 663 -7.29 18.88 41.03
N VAL A 664 -6.93 17.78 41.70
CA VAL A 664 -6.00 17.83 42.82
C VAL A 664 -4.74 17.00 42.56
N ALA A 665 -3.56 17.58 42.78
CA ALA A 665 -2.28 16.87 42.64
C ALA A 665 -1.20 17.63 43.32
N TRP A 666 -0.44 16.97 44.16
CA TRP A 666 0.71 17.57 44.82
C TRP A 666 1.97 17.40 43.95
N THR A 667 2.75 18.45 43.73
CA THR A 667 3.95 18.35 42.93
C THR A 667 5.01 17.70 43.81
N LYS A 668 6.06 17.14 43.19
CA LYS A 668 7.23 16.62 43.93
C LYS A 668 7.91 17.67 44.77
N ASP A 669 7.95 18.90 44.29
CA ASP A 669 8.48 20.00 45.10
C ASP A 669 7.67 20.23 46.33
N GLU A 670 6.35 20.23 46.20
CA GLU A 670 5.58 20.37 47.40
C GLU A 670 5.80 19.23 48.38
N LEU A 671 5.91 18.02 47.84
CA LEU A 671 6.18 16.86 48.64
C LEU A 671 7.54 16.94 49.31
N LYS A 672 8.57 17.40 48.59
CA LYS A 672 9.91 17.35 49.21
C LYS A 672 10.00 18.37 50.38
N GLU A 673 9.53 19.58 50.10
CA GLU A 673 9.33 20.60 51.11
C GLU A 673 8.58 20.09 52.34
N ALA A 674 7.48 19.35 52.18
CA ALA A 674 6.75 18.88 53.37
C ALA A 674 7.45 17.71 54.09
N LEU A 675 8.41 17.09 53.42
CA LEU A 675 9.04 15.95 54.01
C LEU A 675 9.84 16.21 55.29
N ASP A 676 10.56 17.34 55.38
CA ASP A 676 11.31 17.68 56.60
C ASP A 676 10.42 17.74 57.84
N ASP A 677 9.11 17.94 57.66
CA ASP A 677 8.16 18.05 58.78
C ASP A 677 7.57 16.73 59.25
N VAL A 678 8.00 15.61 58.67
CA VAL A 678 7.44 14.31 58.99
C VAL A 678 8.25 13.73 60.11
N THR A 679 7.74 13.76 61.32
CA THR A 679 8.55 13.22 62.40
C THR A 679 8.02 11.84 62.72
N LEU A 680 8.80 11.09 63.46
CA LEU A 680 8.30 9.87 64.06
C LEU A 680 6.97 10.04 64.82
N PRO A 681 6.90 10.99 65.81
CA PRO A 681 5.61 11.24 66.49
C PRO A 681 4.46 11.42 65.51
N ARG A 682 4.69 12.25 64.51
CA ARG A 682 3.64 12.62 63.60
C ARG A 682 3.14 11.44 62.75
N LEU A 683 4.07 10.64 62.25
CA LEU A 683 3.72 9.39 61.60
C LEU A 683 2.99 8.35 62.46
N LYS A 684 3.34 8.17 63.75
CA LYS A 684 2.59 7.24 64.60
C LYS A 684 1.15 7.67 64.79
N ALA A 685 0.92 8.98 64.72
CA ALA A 685 -0.41 9.55 64.92
C ALA A 685 -1.26 9.39 63.67
N PHE A 686 -0.68 9.64 62.51
CA PHE A 686 -1.33 9.49 61.23
C PHE A 686 -1.88 8.08 60.95
N ILE A 687 -1.12 7.04 61.30
CA ILE A 687 -1.54 5.68 60.96
C ILE A 687 -2.95 5.36 61.49
N PRO A 688 -3.17 5.51 62.81
CA PRO A 688 -4.56 5.24 63.30
C PRO A 688 -5.54 6.21 62.72
N GLN A 689 -5.10 7.41 62.38
CA GLN A 689 -6.02 8.37 61.77
C GLN A 689 -6.49 7.84 60.38
N LEU A 690 -5.54 7.39 59.57
CA LEU A 690 -5.80 6.82 58.27
C LEU A 690 -6.73 5.62 58.29
N LEU A 691 -6.56 4.76 59.26
CA LEU A 691 -7.31 3.53 59.28
C LEU A 691 -8.65 3.61 59.96
N SER A 692 -8.94 4.75 60.60
CA SER A 692 -10.15 4.92 61.42
C SER A 692 -11.43 4.95 60.60
N ARG A 693 -11.39 5.52 59.40
CA ARG A 693 -12.54 5.42 58.46
C ARG A 693 -12.10 5.10 57.03
N LEU A 694 -12.70 4.03 56.49
CA LEU A 694 -12.31 3.52 55.16
C LEU A 694 -13.50 3.01 54.45
N HIS A 695 -13.36 2.89 53.14
CA HIS A 695 -14.25 2.09 52.35
C HIS A 695 -13.34 1.17 51.53
N ILE A 696 -13.78 -0.06 51.26
CA ILE A 696 -12.96 -1.03 50.55
C ILE A 696 -13.70 -1.56 49.32
N GLU A 697 -13.08 -1.47 48.15
CA GLU A 697 -13.71 -2.06 46.98
C GLU A 697 -12.72 -3.09 46.49
N ALA A 698 -13.21 -4.28 46.23
CA ALA A 698 -12.35 -5.45 46.07
C ALA A 698 -12.83 -6.20 44.85
N LEU A 699 -11.87 -6.72 44.10
CA LEU A 699 -12.19 -7.73 43.09
C LEU A 699 -11.53 -9.03 43.53
N LEU A 700 -12.29 -10.09 43.76
CA LEU A 700 -11.62 -11.36 44.10
C LEU A 700 -11.96 -12.27 42.93
N HIS A 701 -10.92 -12.80 42.29
CA HIS A 701 -11.02 -13.46 40.97
C HIS A 701 -10.04 -14.63 40.82
N GLY A 702 -10.55 -15.83 40.50
CA GLY A 702 -9.69 -17.01 40.41
C GLY A 702 -10.31 -18.33 40.84
N ASN A 703 -9.44 -19.26 41.28
CA ASN A 703 -9.86 -20.53 41.80
C ASN A 703 -10.34 -20.33 43.23
N ILE A 704 -11.47 -19.64 43.37
CA ILE A 704 -12.15 -19.54 44.65
C ILE A 704 -13.63 -19.43 44.49
N THR A 705 -14.35 -19.92 45.51
CA THR A 705 -15.81 -19.88 45.53
C THR A 705 -16.37 -18.53 46.11
N LYS A 706 -17.65 -18.27 45.83
CA LYS A 706 -18.36 -17.15 46.49
C LYS A 706 -18.18 -17.12 48.01
N GLN A 707 -18.37 -18.24 48.64
CA GLN A 707 -18.37 -18.27 50.06
C GLN A 707 -16.94 -18.02 50.56
N ALA A 708 -15.93 -18.53 49.85
CA ALA A 708 -14.53 -18.21 50.28
C ALA A 708 -14.27 -16.74 50.02
N ALA A 709 -14.87 -16.17 48.95
CA ALA A 709 -14.67 -14.76 48.68
C ALA A 709 -15.29 -13.90 49.81
N LEU A 710 -16.55 -14.17 50.15
CA LEU A 710 -17.15 -13.41 51.24
C LEU A 710 -16.32 -13.55 52.52
N GLY A 711 -15.81 -14.76 52.74
CA GLY A 711 -15.04 -15.02 53.94
C GLY A 711 -13.79 -14.16 54.04
N ILE A 712 -13.08 -14.05 52.91
CA ILE A 712 -11.86 -13.28 52.81
C ILE A 712 -12.13 -11.79 52.94
N MET A 713 -13.20 -11.33 52.31
CA MET A 713 -13.56 -9.95 52.43
C MET A 713 -13.85 -9.63 53.89
N GLN A 714 -14.58 -10.52 54.54
CA GLN A 714 -15.07 -10.19 55.87
C GLN A 714 -13.92 -10.33 56.81
N MET A 715 -13.03 -11.26 56.51
CA MET A 715 -11.84 -11.31 57.34
C MET A 715 -10.97 -10.05 57.28
N VAL A 716 -10.87 -9.45 56.09
CA VAL A 716 -10.08 -8.27 55.97
C VAL A 716 -10.74 -7.20 56.83
N GLU A 717 -12.03 -6.98 56.59
CA GLU A 717 -12.82 -6.06 57.40
C GLU A 717 -12.74 -6.28 58.90
N ASP A 718 -12.95 -7.54 59.36
CA ASP A 718 -12.94 -7.83 60.80
C ASP A 718 -11.62 -7.48 61.47
N THR A 719 -10.52 -7.61 60.71
CA THR A 719 -9.18 -7.37 61.25
C THR A 719 -8.96 -5.88 61.45
N LEU A 720 -9.46 -5.10 60.50
CA LEU A 720 -9.32 -3.67 60.63
C LEU A 720 -10.14 -3.20 61.82
N ILE A 721 -11.41 -3.63 61.88
CA ILE A 721 -12.25 -3.38 63.06
C ILE A 721 -11.60 -3.85 64.39
N GLU A 722 -11.21 -5.11 64.51
CA GLU A 722 -10.65 -5.55 65.75
C GLU A 722 -9.48 -4.68 66.15
N HIS A 723 -8.61 -4.31 65.23
CA HIS A 723 -7.38 -3.72 65.66
C HIS A 723 -7.29 -2.22 65.44
N ALA A 724 -8.10 -1.65 64.57
CA ALA A 724 -7.94 -0.22 64.34
C ALA A 724 -9.26 0.53 64.44
N HIS A 725 -10.32 -0.18 64.81
CA HIS A 725 -11.64 0.38 65.10
C HIS A 725 -12.27 1.00 63.85
N THR A 726 -11.96 0.45 62.70
CA THR A 726 -12.28 1.15 61.48
C THR A 726 -13.78 1.30 61.42
N LYS A 727 -14.23 2.45 60.95
CA LYS A 727 -15.64 2.54 60.55
C LYS A 727 -15.81 3.04 59.13
N PRO A 728 -17.03 2.91 58.58
CA PRO A 728 -17.33 3.23 57.19
C PRO A 728 -17.16 4.70 56.90
N LEU A 729 -16.73 5.06 55.71
CA LEU A 729 -16.87 6.41 55.24
C LEU A 729 -18.30 6.65 54.75
N LEU A 730 -18.70 7.90 54.63
CA LEU A 730 -20.07 8.20 54.16
C LEU A 730 -20.06 8.28 52.64
N PRO A 731 -21.16 7.87 51.96
CA PRO A 731 -21.06 7.74 50.49
C PRO A 731 -20.55 9.02 49.85
N SER A 732 -20.88 10.15 50.45
CA SER A 732 -20.47 11.45 49.93
C SER A 732 -18.98 11.72 50.00
N GLN A 733 -18.24 11.13 50.93
CA GLN A 733 -16.78 11.37 51.01
C GLN A 733 -16.04 10.51 50.03
N LEU A 734 -16.71 9.80 49.15
CA LEU A 734 -16.00 9.07 48.07
C LEU A 734 -15.91 10.14 46.88
N VAL A 735 -14.99 11.09 47.12
CA VAL A 735 -14.44 12.03 46.12
C VAL A 735 -13.64 11.17 45.11
N ARG A 736 -14.05 11.14 43.84
CA ARG A 736 -13.10 10.83 42.76
C ARG A 736 -12.81 12.18 42.02
N TYR A 737 -11.55 12.52 41.71
CA TYR A 737 -11.20 13.83 41.12
C TYR A 737 -11.52 14.07 39.63
N ARG A 738 -11.71 15.34 39.26
CA ARG A 738 -12.16 15.68 37.91
C ARG A 738 -11.00 16.18 37.01
N GLU A 739 -11.21 16.17 35.70
CA GLU A 739 -10.31 16.86 34.80
C GLU A 739 -10.74 18.29 34.46
N VAL A 740 -9.73 19.13 34.35
CA VAL A 740 -9.88 20.50 33.88
C VAL A 740 -10.52 20.51 32.52
N GLN A 741 -11.44 21.45 32.34
CA GLN A 741 -12.12 21.55 31.10
C GLN A 741 -11.65 22.73 30.22
N LEU A 742 -11.05 22.45 29.09
CA LEU A 742 -10.46 23.54 28.33
C LEU A 742 -11.46 24.19 27.38
N PRO A 743 -11.30 25.52 27.14
CA PRO A 743 -12.24 26.30 26.32
C PRO A 743 -12.10 25.98 24.86
N ASP A 744 -13.22 25.93 24.16
CA ASP A 744 -13.21 25.93 22.71
C ASP A 744 -12.16 26.89 22.13
N ARG A 745 -11.34 26.37 21.23
CA ARG A 745 -10.33 27.14 20.48
C ARG A 745 -9.22 27.64 21.38
N GLY A 746 -9.12 27.17 22.60
CA GLY A 746 -7.96 27.53 23.38
C GLY A 746 -6.69 26.73 23.08
N TRP A 747 -5.55 27.36 23.33
CA TRP A 747 -4.28 26.67 23.33
C TRP A 747 -3.42 27.14 24.48
N PHE A 748 -2.97 26.23 25.33
CA PHE A 748 -2.16 26.64 26.44
C PHE A 748 -0.87 25.92 26.36
N VAL A 749 0.22 26.61 26.66
CA VAL A 749 1.53 26.02 26.74
C VAL A 749 2.06 26.20 28.15
N TYR A 750 2.68 25.14 28.64
CA TYR A 750 3.38 25.19 29.89
C TYR A 750 4.76 24.76 29.55
N GLN A 751 5.76 25.51 29.99
CA GLN A 751 7.14 25.25 29.63
C GLN A 751 8.11 25.11 30.79
N GLN A 752 8.94 24.06 30.77
CA GLN A 752 9.96 23.87 31.81
C GLN A 752 11.28 23.41 31.19
N ARG A 753 12.33 23.41 32.01
CA ARG A 753 13.68 23.01 31.62
C ARG A 753 13.99 21.71 32.35
N ASN A 754 14.46 20.71 31.61
CA ASN A 754 15.13 19.52 32.18
C ASN A 754 16.62 19.87 32.36
N GLU A 755 17.13 19.57 33.53
CA GLU A 755 18.43 20.05 33.90
C GLU A 755 19.58 19.08 33.67
N VAL A 756 19.27 17.85 33.36
CA VAL A 756 20.24 16.83 33.30
C VAL A 756 20.42 16.41 31.85
N HIS A 757 19.33 16.31 31.09
CA HIS A 757 19.39 15.72 29.75
C HIS A 757 19.45 16.76 28.67
N ASN A 758 20.10 16.43 27.56
CA ASN A 758 20.26 17.45 26.56
C ASN A 758 19.36 17.14 25.41
N ASN A 759 18.19 16.62 25.72
CA ASN A 759 17.13 16.53 24.72
C ASN A 759 15.96 17.34 25.22
N SER A 760 15.01 17.61 24.36
CA SER A 760 13.82 18.17 24.90
C SER A 760 12.66 17.21 24.79
N GLY A 761 11.61 17.47 25.53
CA GLY A 761 10.45 16.61 25.44
C GLY A 761 9.25 17.46 25.18
N ILE A 762 8.27 16.86 24.53
CA ILE A 762 7.04 17.55 24.35
C ILE A 762 5.91 16.58 24.51
N GLU A 763 4.84 17.03 25.16
CA GLU A 763 3.54 16.39 25.08
C GLU A 763 2.44 17.34 24.58
N ILE A 764 1.71 16.88 23.58
CA ILE A 764 0.59 17.65 23.05
C ILE A 764 -0.70 16.92 23.25
N TYR A 765 -1.67 17.59 23.88
CA TYR A 765 -2.94 16.96 24.22
C TYR A 765 -4.08 17.78 23.62
N TYR A 766 -4.88 17.12 22.79
CA TYR A 766 -6.09 17.66 22.15
C TYR A 766 -7.24 17.01 22.90
N GLN A 767 -7.73 17.67 23.95
CA GLN A 767 -8.79 17.14 24.80
C GLN A 767 -10.02 16.96 23.92
N THR A 768 -10.80 15.90 24.08
CA THR A 768 -12.03 15.79 23.29
C THR A 768 -13.30 15.90 24.15
N ASP A 769 -13.85 14.81 24.66
CA ASP A 769 -15.00 14.96 25.56
C ASP A 769 -15.07 13.85 26.61
N MET A 770 -16.12 13.78 27.41
CA MET A 770 -16.15 12.70 28.36
C MET A 770 -16.08 11.36 27.61
N GLN A 771 -15.65 10.33 28.28
CA GLN A 771 -15.73 9.04 27.66
C GLN A 771 -17.20 8.64 27.42
N SER A 772 -17.40 7.81 26.41
CA SER A 772 -18.69 7.14 26.15
C SER A 772 -18.58 6.35 24.87
N THR A 773 -19.43 5.34 24.74
CA THR A 773 -19.40 4.53 23.56
C THR A 773 -19.00 5.26 22.29
N SER A 774 -19.67 6.33 21.95
CA SER A 774 -19.30 6.87 20.67
C SER A 774 -18.09 7.79 20.71
N GLU A 775 -17.92 8.61 21.74
CA GLU A 775 -16.72 9.41 21.75
C GLU A 775 -15.49 8.48 21.81
N ASN A 776 -15.60 7.35 22.51
CA ASN A 776 -14.48 6.40 22.62
C ASN A 776 -14.03 5.85 21.26
N MET A 777 -14.99 5.44 20.48
CA MET A 777 -14.66 4.84 19.24
C MET A 777 -14.25 5.85 18.20
N PHE A 778 -14.73 7.10 18.27
CA PHE A 778 -14.21 8.07 17.31
C PHE A 778 -12.73 8.24 17.54
N LEU A 779 -12.34 8.42 18.80
CA LEU A 779 -10.96 8.68 19.13
C LEU A 779 -10.11 7.45 18.77
N GLU A 780 -10.60 6.26 19.13
CA GLU A 780 -9.79 5.09 18.96
C GLU A 780 -9.56 4.82 17.49
N LEU A 781 -10.55 5.08 16.67
CA LEU A 781 -10.42 4.71 15.27
C LEU A 781 -9.47 5.70 14.62
N PHE A 782 -9.59 6.94 15.07
CA PHE A 782 -8.73 7.92 14.56
C PHE A 782 -7.31 7.57 14.91
N ALA A 783 -7.08 7.09 16.14
CA ALA A 783 -5.75 6.79 16.65
C ALA A 783 -5.19 5.63 15.83
N GLN A 784 -6.01 4.65 15.55
CA GLN A 784 -5.61 3.50 14.78
C GLN A 784 -5.07 3.93 13.42
N ILE A 785 -5.82 4.81 12.76
CA ILE A 785 -5.50 5.25 11.44
C ILE A 785 -4.22 6.07 11.51
N ILE A 786 -4.01 6.88 12.53
CA ILE A 786 -2.82 7.70 12.50
C ILE A 786 -1.60 7.02 13.12
N SER A 787 -1.79 5.88 13.77
CA SER A 787 -0.74 5.30 14.55
C SER A 787 0.58 5.07 13.78
N GLU A 788 0.54 4.23 12.76
CA GLU A 788 1.71 3.88 11.99
C GLU A 788 2.13 5.10 11.18
N PRO A 789 1.20 5.83 10.56
CA PRO A 789 1.78 7.00 9.86
C PRO A 789 2.44 8.06 10.73
N ALA A 790 2.05 8.18 12.01
CA ALA A 790 2.66 9.20 12.86
C ALA A 790 4.09 8.78 13.04
N PHE A 791 4.26 7.51 13.41
CA PHE A 791 5.59 6.93 13.50
C PHE A 791 6.35 7.01 12.16
N ASN A 792 5.75 6.56 11.08
CA ASN A 792 6.45 6.61 9.86
C ASN A 792 6.91 8.01 9.42
N THR A 793 6.13 9.05 9.77
CA THR A 793 6.42 10.43 9.37
C THR A 793 7.33 11.13 10.36
N LEU A 794 6.97 11.08 11.64
CA LEU A 794 7.71 11.91 12.59
C LEU A 794 9.02 11.23 12.95
N ARG A 795 9.05 9.90 12.92
CA ARG A 795 10.30 9.23 13.14
C ARG A 795 11.04 8.85 11.84
N THR A 796 10.51 7.92 11.08
CA THR A 796 11.22 7.38 9.95
C THR A 796 11.55 8.41 8.88
N LYS A 797 10.59 9.23 8.46
CA LYS A 797 10.89 10.29 7.47
C LYS A 797 11.62 11.45 8.11
N GLU A 798 10.97 12.14 9.05
CA GLU A 798 11.53 13.38 9.59
C GLU A 798 12.58 13.17 10.65
N GLN A 799 12.67 11.95 11.17
CA GLN A 799 13.71 11.65 12.14
C GLN A 799 13.82 12.65 13.31
N LEU A 800 12.69 12.96 13.94
CA LEU A 800 12.66 13.92 15.00
C LEU A 800 13.13 13.36 16.30
N GLY A 801 13.01 12.07 16.53
CA GLY A 801 13.65 11.49 17.70
C GLY A 801 13.44 10.00 17.67
N TYR A 802 13.95 9.34 18.69
CA TYR A 802 13.74 7.92 18.87
C TYR A 802 12.33 7.72 19.42
N ILE A 803 12.00 8.48 20.44
CA ILE A 803 10.74 8.33 21.08
C ILE A 803 9.77 9.20 20.31
N VAL A 804 8.74 8.55 19.79
CA VAL A 804 7.67 9.22 19.07
C VAL A 804 6.43 8.42 19.28
N PHE A 805 5.49 8.95 20.05
CA PHE A 805 4.31 8.17 20.43
C PHE A 805 3.03 8.86 20.00
N SER A 806 1.95 8.14 19.72
CA SER A 806 0.65 8.81 19.60
C SER A 806 -0.49 7.93 20.01
N GLY A 807 -1.62 8.46 20.47
CA GLY A 807 -2.70 7.53 20.85
C GLY A 807 -3.61 8.25 21.80
N PRO A 808 -4.68 7.58 22.25
CA PRO A 808 -5.63 8.20 23.18
C PRO A 808 -5.01 8.48 24.54
N ARG A 809 -5.44 9.55 25.21
CA ARG A 809 -5.24 9.74 26.67
C ARG A 809 -6.58 9.55 27.34
N ARG A 810 -6.62 8.73 28.38
CA ARG A 810 -7.82 8.64 29.24
C ARG A 810 -7.38 9.02 30.64
N ALA A 811 -8.10 9.93 31.27
CA ALA A 811 -7.87 10.22 32.68
C ALA A 811 -9.16 10.77 33.18
N ASN A 812 -9.53 10.35 34.39
CA ASN A 812 -10.59 10.97 35.17
C ASN A 812 -11.86 11.03 34.36
N GLY A 813 -12.10 10.00 33.54
CA GLY A 813 -13.32 9.91 32.71
C GLY A 813 -13.34 10.78 31.45
N ILE A 814 -12.31 11.60 31.26
CA ILE A 814 -12.18 12.42 30.07
C ILE A 814 -11.14 11.85 29.15
N GLN A 815 -11.05 12.35 27.92
CA GLN A 815 -10.16 11.72 26.95
C GLN A 815 -9.77 12.65 25.85
N GLY A 816 -8.83 12.22 25.03
CA GLY A 816 -8.31 13.06 23.96
C GLY A 816 -7.14 12.32 23.33
N LEU A 817 -6.47 13.03 22.42
CA LEU A 817 -5.43 12.50 21.58
C LEU A 817 -4.16 13.17 22.04
N ARG A 818 -3.09 12.38 22.21
CA ARG A 818 -1.79 12.94 22.59
C ARG A 818 -0.69 12.49 21.65
N PHE A 819 0.32 13.34 21.54
CA PHE A 819 1.56 13.03 20.90
C PHE A 819 2.63 13.23 21.92
N ILE A 820 3.57 12.30 21.96
CA ILE A 820 4.78 12.54 22.75
C ILE A 820 5.99 12.29 21.89
N ILE A 821 6.94 13.21 21.99
CA ILE A 821 8.20 13.15 21.28
C ILE A 821 9.35 13.65 22.16
N GLN A 822 10.48 12.97 22.07
CA GLN A 822 11.69 13.46 22.69
C GLN A 822 12.71 13.68 21.56
N SER A 823 13.27 14.86 21.53
CA SER A 823 13.99 15.27 20.36
C SER A 823 15.16 16.20 20.66
N GLU A 824 16.03 16.34 19.69
CA GLU A 824 17.09 17.26 19.86
C GLU A 824 16.58 18.67 19.46
N LYS A 825 15.68 18.70 18.47
CA LYS A 825 15.03 19.92 17.99
C LYS A 825 14.16 20.55 19.12
N PRO A 826 13.94 21.89 19.09
CA PRO A 826 13.17 22.56 20.16
C PRO A 826 11.66 22.30 20.06
N PRO A 827 10.91 22.38 21.18
CA PRO A 827 9.48 22.10 21.13
C PRO A 827 8.66 22.98 20.17
N HIS A 828 8.90 24.29 20.11
CA HIS A 828 8.10 25.11 19.16
C HIS A 828 8.17 24.45 17.79
N TYR A 829 9.32 23.86 17.48
CA TYR A 829 9.50 23.23 16.19
C TYR A 829 8.72 21.91 16.02
N LEU A 830 8.79 21.07 17.05
CA LEU A 830 8.04 19.84 17.13
C LEU A 830 6.55 20.07 17.04
N GLU A 831 6.04 21.14 17.66
CA GLU A 831 4.64 21.48 17.52
C GLU A 831 4.24 21.57 16.05
N SER A 832 5.03 22.37 15.33
CA SER A 832 4.68 22.65 14.00
C SER A 832 4.75 21.38 13.11
N ARG A 833 5.73 20.50 13.34
CA ARG A 833 5.73 19.23 12.58
C ARG A 833 4.55 18.29 12.86
N VAL A 834 4.04 18.33 14.09
CA VAL A 834 2.86 17.56 14.41
C VAL A 834 1.62 18.15 13.73
N GLU A 835 1.51 19.48 13.74
CA GLU A 835 0.36 20.09 13.08
C GLU A 835 0.44 19.85 11.56
N ALA A 836 1.65 19.98 11.01
CA ALA A 836 1.83 19.63 9.63
C ALA A 836 1.41 18.22 9.47
N PHE A 837 1.71 17.36 10.43
CA PHE A 837 1.30 15.94 10.26
C PHE A 837 -0.22 15.69 10.28
N LEU A 838 -0.90 16.34 11.22
CA LEU A 838 -2.35 16.27 11.24
C LEU A 838 -3.02 16.65 9.91
N ILE A 839 -2.59 17.72 9.24
CA ILE A 839 -3.11 17.98 7.87
C ILE A 839 -2.86 16.79 6.91
N THR A 840 -1.61 16.45 6.63
CA THR A 840 -1.32 15.20 5.92
C THR A 840 -2.33 14.07 6.22
N MET A 841 -2.68 13.83 7.51
CA MET A 841 -3.76 12.85 7.89
C MET A 841 -5.20 13.13 7.42
N GLU A 842 -5.64 14.38 7.42
CA GLU A 842 -7.01 14.55 6.95
C GLU A 842 -7.05 14.26 5.44
N LYS A 843 -6.06 14.79 4.72
CA LYS A 843 -5.92 14.53 3.31
C LYS A 843 -5.87 13.00 3.00
N SER A 844 -5.19 12.23 3.85
CA SER A 844 -5.06 10.85 3.51
C SER A 844 -6.29 10.04 3.92
N ILE A 845 -7.06 10.53 4.87
CA ILE A 845 -8.33 9.88 5.16
C ILE A 845 -9.33 10.11 3.99
N GLU A 846 -9.39 11.35 3.50
CA GLU A 846 -10.10 11.67 2.27
C GLU A 846 -9.66 10.80 1.11
N ASP A 847 -8.37 10.61 0.94
CA ASP A 847 -7.87 9.80 -0.15
C ASP A 847 -7.95 8.30 -0.03
N MET A 848 -8.23 7.76 1.14
CA MET A 848 -8.17 6.29 1.27
C MET A 848 -9.46 5.61 0.79
N THR A 849 -9.31 4.35 0.37
CA THR A 849 -10.39 3.59 -0.19
C THR A 849 -11.31 3.19 0.93
N GLU A 850 -12.54 2.89 0.57
CA GLU A 850 -13.51 2.37 1.50
C GLU A 850 -12.98 1.10 2.17
N GLU A 851 -12.36 0.26 1.37
CA GLU A 851 -11.87 -0.94 1.89
C GLU A 851 -10.67 -0.64 2.84
N ALA A 852 -9.81 0.34 2.53
CA ALA A 852 -8.69 0.57 3.48
C ALA A 852 -9.26 1.07 4.78
N PHE A 853 -10.31 1.89 4.65
CA PHE A 853 -11.07 2.28 5.81
C PHE A 853 -11.60 1.12 6.65
N GLN A 854 -12.24 0.14 6.03
CA GLN A 854 -12.75 -1.00 6.75
C GLN A 854 -11.66 -1.87 7.37
N LYS A 855 -10.44 -1.80 6.85
CA LYS A 855 -9.38 -2.68 7.33
C LYS A 855 -8.92 -2.11 8.68
N HIS A 856 -8.81 -0.78 8.75
CA HIS A 856 -8.57 -0.15 10.01
C HIS A 856 -9.65 -0.51 11.05
N ILE A 857 -10.90 -0.65 10.61
CA ILE A 857 -11.96 -0.94 11.58
C ILE A 857 -11.74 -2.34 12.07
N GLN A 858 -11.44 -3.24 11.13
CA GLN A 858 -11.29 -4.63 11.44
C GLN A 858 -10.09 -4.76 12.42
N ALA A 859 -9.06 -3.95 12.16
CA ALA A 859 -7.83 -4.07 12.87
C ALA A 859 -8.04 -3.59 14.32
N LEU A 860 -8.65 -2.42 14.51
CA LEU A 860 -8.99 -2.02 15.86
C LEU A 860 -9.92 -3.04 16.54
N ALA A 861 -10.88 -3.53 15.78
CA ALA A 861 -11.79 -4.53 16.27
C ALA A 861 -11.05 -5.72 16.87
N ILE A 862 -10.12 -6.32 16.13
CA ILE A 862 -9.34 -7.42 16.65
C ILE A 862 -8.52 -7.00 17.89
N ARG A 863 -7.93 -5.80 17.89
CA ARG A 863 -7.13 -5.36 19.03
C ARG A 863 -7.98 -5.37 20.29
N ARG A 864 -9.18 -4.81 20.17
CA ARG A 864 -10.09 -4.72 21.26
C ARG A 864 -10.63 -6.07 21.68
N LEU A 865 -10.86 -6.97 20.75
CA LEU A 865 -11.54 -8.22 21.10
C LEU A 865 -10.58 -9.35 21.51
N ASP A 866 -9.29 -9.07 21.56
CA ASP A 866 -8.24 -10.06 21.84
C ASP A 866 -8.44 -10.60 23.22
N LYS A 867 -8.73 -11.88 23.34
CA LYS A 867 -9.05 -12.54 24.63
C LYS A 867 -7.83 -12.52 25.56
N PRO A 868 -8.01 -12.21 26.84
CA PRO A 868 -6.89 -12.40 27.77
C PRO A 868 -6.41 -13.85 27.84
N LYS A 869 -5.10 -14.01 27.90
CA LYS A 869 -4.53 -15.34 27.77
C LYS A 869 -4.34 -15.94 29.14
N LYS A 870 -4.46 -15.10 30.18
CA LYS A 870 -4.19 -15.52 31.53
C LYS A 870 -4.98 -14.73 32.59
N LEU A 871 -5.06 -15.32 33.78
CA LEU A 871 -5.89 -14.83 34.83
C LEU A 871 -5.62 -13.37 35.04
N SER A 872 -4.38 -13.02 35.27
CA SER A 872 -4.20 -11.68 35.76
C SER A 872 -4.44 -10.62 34.66
N ALA A 873 -4.46 -11.06 33.41
CA ALA A 873 -4.76 -10.13 32.33
C ALA A 873 -6.28 -9.83 32.34
N GLU A 874 -7.06 -10.83 32.73
CA GLU A 874 -8.48 -10.69 32.77
C GLU A 874 -8.83 -9.83 34.00
N SER A 875 -8.15 -10.08 35.11
CA SER A 875 -8.31 -9.26 36.28
C SER A 875 -8.05 -7.81 35.95
N ALA A 876 -6.97 -7.53 35.23
CA ALA A 876 -6.58 -6.14 34.98
C ALA A 876 -7.72 -5.45 34.24
N LYS A 877 -8.31 -6.18 33.29
CA LYS A 877 -9.37 -5.62 32.51
C LYS A 877 -10.55 -5.20 33.41
N TYR A 878 -11.01 -6.11 34.30
CA TYR A 878 -12.11 -5.81 35.24
C TYR A 878 -11.70 -4.76 36.25
N TRP A 879 -10.45 -4.82 36.66
CA TRP A 879 -10.01 -3.91 37.63
C TRP A 879 -10.03 -2.48 37.07
N GLY A 880 -9.72 -2.31 35.80
CA GLY A 880 -9.81 -0.99 35.21
C GLY A 880 -11.27 -0.56 35.10
N GLU A 881 -12.19 -1.50 34.94
CA GLU A 881 -13.60 -1.13 34.92
C GLU A 881 -14.01 -0.72 36.32
N ILE A 882 -13.36 -1.23 37.35
CA ILE A 882 -13.78 -0.92 38.70
C ILE A 882 -13.12 0.34 39.22
N ILE A 883 -11.82 0.54 38.98
CA ILE A 883 -11.19 1.71 39.52
C ILE A 883 -11.70 2.93 38.82
N SER A 884 -12.00 2.84 37.52
CA SER A 884 -12.59 4.00 36.80
C SER A 884 -14.07 4.26 37.24
N GLN A 885 -14.63 3.33 38.01
CA GLN A 885 -16.06 3.35 38.35
C GLN A 885 -17.01 3.42 37.13
N GLN A 886 -16.64 2.76 36.04
CA GLN A 886 -17.52 2.65 34.90
C GLN A 886 -18.19 1.31 34.87
N TYR A 887 -17.54 0.31 35.44
CA TYR A 887 -18.19 -0.96 35.63
C TYR A 887 -18.82 -1.51 34.35
N ASN A 888 -18.11 -1.31 33.24
CA ASN A 888 -18.66 -1.70 31.98
C ASN A 888 -17.95 -2.94 31.45
N PHE A 889 -18.28 -4.07 32.05
CA PHE A 889 -17.56 -5.28 31.80
C PHE A 889 -17.75 -5.85 30.41
N ASP A 890 -18.82 -5.48 29.72
CA ASP A 890 -19.04 -6.05 28.41
C ASP A 890 -18.68 -4.98 27.36
N ARG A 891 -17.81 -4.08 27.79
CA ARG A 891 -17.50 -2.93 26.98
C ARG A 891 -17.00 -3.25 25.59
N ASP A 892 -16.11 -4.24 25.50
CA ASP A 892 -15.53 -4.61 24.19
C ASP A 892 -16.54 -5.05 23.13
N ASN A 893 -17.56 -5.84 23.50
CA ASN A 893 -18.63 -6.10 22.52
C ASN A 893 -19.45 -4.86 22.18
N THR A 894 -19.86 -4.13 23.19
CA THR A 894 -20.61 -2.93 22.94
C THR A 894 -19.87 -2.00 21.95
N GLU A 895 -18.63 -1.66 22.28
CA GLU A 895 -17.88 -0.68 21.57
C GLU A 895 -17.49 -1.13 20.16
N VAL A 896 -17.15 -2.39 20.03
CA VAL A 896 -16.89 -2.98 18.71
C VAL A 896 -18.16 -3.03 17.82
N ALA A 897 -19.31 -3.35 18.41
CA ALA A 897 -20.53 -3.25 17.63
C ALA A 897 -20.69 -1.83 17.09
N TYR A 898 -20.48 -0.85 17.94
CA TYR A 898 -20.64 0.51 17.52
C TYR A 898 -19.59 0.94 16.49
N LEU A 899 -18.37 0.45 16.65
CA LEU A 899 -17.31 0.81 15.78
C LEU A 899 -17.60 0.34 14.34
N LYS A 900 -18.17 -0.86 14.22
CA LYS A 900 -18.42 -1.37 12.87
C LYS A 900 -19.42 -0.52 12.03
N THR A 901 -20.12 0.42 12.68
CA THR A 901 -21.08 1.21 11.98
C THR A 901 -20.47 2.54 11.50
N LEU A 902 -19.22 2.85 11.85
CA LEU A 902 -18.69 4.19 11.51
C LEU A 902 -18.26 4.32 10.06
N THR A 903 -18.23 5.54 9.54
CA THR A 903 -17.82 5.70 8.14
C THR A 903 -16.77 6.77 8.06
N LYS A 904 -16.04 6.80 6.95
CA LYS A 904 -15.22 7.93 6.62
C LYS A 904 -15.85 9.30 6.95
N GLU A 905 -17.13 9.54 6.59
CA GLU A 905 -17.77 10.84 6.88
C GLU A 905 -17.73 11.10 8.40
N ASP A 906 -18.11 10.11 9.22
CA ASP A 906 -18.02 10.25 10.68
C ASP A 906 -16.61 10.70 11.18
N ILE A 907 -15.57 10.07 10.69
CA ILE A 907 -14.23 10.42 11.16
C ILE A 907 -13.75 11.78 10.64
N ILE A 908 -13.98 12.04 9.35
CA ILE A 908 -13.68 13.39 8.82
C ILE A 908 -14.40 14.51 9.65
N LYS A 909 -15.66 14.31 9.97
CA LYS A 909 -16.42 15.24 10.78
C LYS A 909 -15.79 15.50 12.13
N PHE A 910 -15.54 14.37 12.80
CA PHE A 910 -14.89 14.34 14.08
C PHE A 910 -13.59 15.15 14.02
N TYR A 911 -12.77 14.89 12.99
CA TYR A 911 -11.51 15.56 12.90
C TYR A 911 -11.73 17.04 12.73
N LYS A 912 -12.74 17.38 11.94
CA LYS A 912 -13.08 18.77 11.62
C LYS A 912 -13.73 19.51 12.78
N GLU A 913 -14.57 18.82 13.56
CA GLU A 913 -15.16 19.34 14.81
C GLU A 913 -14.13 19.61 15.94
N MET A 914 -13.21 18.65 16.19
CA MET A 914 -12.48 18.59 17.45
C MET A 914 -10.96 18.71 17.33
N LEU A 915 -10.44 18.39 16.14
CA LEU A 915 -9.03 18.18 15.97
C LEU A 915 -8.35 19.17 15.05
N ALA A 916 -8.88 19.46 13.87
CA ALA A 916 -8.19 20.36 12.91
C ALA A 916 -7.77 21.70 13.54
N VAL A 917 -6.78 22.36 12.97
CA VAL A 917 -6.24 23.58 13.54
C VAL A 917 -7.26 24.72 13.68
N ASP A 918 -8.25 24.75 12.78
CA ASP A 918 -9.34 25.75 12.87
C ASP A 918 -10.62 25.07 13.33
N ALA A 919 -10.48 23.95 14.01
CA ALA A 919 -11.66 23.26 14.54
C ALA A 919 -12.38 24.14 15.58
N PRO A 920 -13.71 24.23 15.44
CA PRO A 920 -14.56 25.01 16.39
C PRO A 920 -14.37 24.58 17.83
N ARG A 921 -14.10 23.30 18.07
CA ARG A 921 -13.95 22.76 19.43
C ARG A 921 -12.54 22.18 19.74
N ARG A 922 -11.52 22.73 19.13
CA ARG A 922 -10.19 22.30 19.44
C ARG A 922 -9.87 22.72 20.86
N HIS A 923 -9.35 21.80 21.67
CA HIS A 923 -8.84 22.16 22.98
C HIS A 923 -7.46 21.60 23.15
N LYS A 924 -6.46 22.43 22.94
CA LYS A 924 -5.10 22.01 22.88
C LYS A 924 -4.31 22.49 24.08
N VAL A 925 -3.57 21.59 24.68
CA VAL A 925 -2.57 21.97 25.65
C VAL A 925 -1.25 21.25 25.35
N SER A 926 -0.16 21.97 25.60
CA SER A 926 1.18 21.56 25.22
C SER A 926 2.10 21.77 26.41
N VAL A 927 2.91 20.74 26.70
CA VAL A 927 3.93 20.85 27.69
C VAL A 927 5.23 20.81 26.95
N HIS A 928 6.04 21.84 27.10
CA HIS A 928 7.34 21.86 26.47
C HIS A 928 8.39 21.66 27.52
N VAL A 929 9.19 20.62 27.36
CA VAL A 929 10.31 20.48 28.30
C VAL A 929 11.56 20.72 27.51
N LEU A 930 12.21 21.80 27.82
CA LEU A 930 13.44 22.21 27.15
C LEU A 930 14.67 21.40 27.59
N ALA A 931 15.59 21.18 26.63
CA ALA A 931 16.92 20.55 26.82
C ALA A 931 17.78 21.35 27.79
N ARG A 932 18.76 20.71 28.42
CA ARG A 932 19.67 21.36 29.38
C ARG A 932 20.10 22.79 29.00
N GLU A 933 20.41 23.07 27.75
CA GLU A 933 20.70 24.47 27.43
C GLU A 933 20.04 25.13 26.19
N MET A 934 18.77 25.56 26.27
CA MET A 934 18.21 26.54 25.32
C MET A 934 17.84 27.83 26.17
N ASP A 935 17.19 28.90 25.63
CA ASP A 935 16.83 30.08 26.54
C ASP A 935 15.34 30.23 27.11
N ILE A 949 12.84 21.32 1.95
CA ILE A 949 13.21 19.92 1.75
C ILE A 949 12.02 19.14 1.16
N ASN A 950 12.05 17.81 1.34
CA ASN A 950 10.91 16.93 0.98
C ASN A 950 9.68 17.16 1.94
N LEU A 951 9.81 18.09 2.91
CA LEU A 951 8.89 18.36 4.07
C LEU A 951 7.58 19.08 3.83
N SER A 952 6.49 18.47 4.29
CA SER A 952 5.12 19.04 4.14
C SER A 952 4.90 20.37 4.89
N GLN A 953 3.96 21.15 4.36
CA GLN A 953 3.67 22.50 4.84
C GLN A 953 2.97 22.52 6.23
N ALA A 954 3.55 23.24 7.20
CA ALA A 954 2.93 23.37 8.55
C ALA A 954 2.03 24.58 8.62
N PRO A 955 0.83 24.43 9.18
CA PRO A 955 -0.08 25.56 9.16
C PRO A 955 0.32 26.68 10.14
N ALA A 956 -0.15 27.91 9.91
CA ALA A 956 0.14 29.00 10.85
C ALA A 956 -0.64 28.76 12.14
N LEU A 957 0.06 28.80 13.27
CA LEU A 957 -0.60 28.66 14.59
C LEU A 957 -0.92 29.97 15.34
N PRO A 958 -2.00 29.99 16.13
CA PRO A 958 -2.30 31.19 16.98
C PRO A 958 -1.23 31.40 18.05
N GLN A 959 -1.07 32.60 18.61
CA GLN A 959 -0.13 32.72 19.77
C GLN A 959 -0.77 32.05 21.00
N PRO A 960 -0.04 31.15 21.70
CA PRO A 960 -0.71 30.39 22.78
C PRO A 960 -0.84 31.21 24.07
N GLU A 961 -1.72 30.82 25.00
CA GLU A 961 -1.63 31.35 26.36
C GLU A 961 -0.61 30.60 27.21
N VAL A 962 0.44 31.30 27.63
CA VAL A 962 1.52 30.65 28.34
C VAL A 962 1.18 30.56 29.80
N ILE A 963 0.96 29.33 30.32
CA ILE A 963 0.68 29.09 31.74
C ILE A 963 1.85 29.49 32.66
N GLN A 964 1.63 30.35 33.63
CA GLN A 964 2.74 30.71 34.51
C GLN A 964 2.62 29.93 35.79
N ASN A 965 1.41 29.66 36.24
CA ASN A 965 1.19 29.10 37.58
C ASN A 965 0.11 28.05 37.46
N MET A 966 0.42 26.84 37.89
CA MET A 966 -0.49 25.73 37.68
C MET A 966 -1.76 25.90 38.46
N THR A 967 -1.66 26.39 39.70
CA THR A 967 -2.89 26.73 40.44
C THR A 967 -3.78 27.80 39.78
N GLU A 968 -3.23 28.96 39.40
CA GLU A 968 -4.04 30.00 38.79
C GLU A 968 -4.80 29.34 37.60
N PHE A 969 -4.09 28.71 36.70
CA PHE A 969 -4.66 28.01 35.57
C PHE A 969 -5.90 27.13 35.87
N LYS A 970 -5.78 26.21 36.82
CA LYS A 970 -6.93 25.40 37.13
C LYS A 970 -8.12 26.20 37.70
N ARG A 971 -7.82 27.06 38.68
CA ARG A 971 -8.80 27.94 39.31
C ARG A 971 -9.56 28.70 38.23
N GLY A 972 -8.90 28.99 37.09
CA GLY A 972 -9.48 29.85 36.09
C GLY A 972 -10.34 29.10 35.09
N LEU A 973 -10.59 27.79 35.33
CA LEU A 973 -11.28 26.96 34.34
C LEU A 973 -12.33 26.06 34.95
N PRO A 974 -13.38 25.72 34.18
CA PRO A 974 -14.42 24.78 34.64
C PRO A 974 -13.80 23.40 34.91
N LEU A 975 -14.47 22.53 35.65
CA LEU A 975 -14.03 21.15 35.78
C LEU A 975 -15.10 20.35 35.09
N PHE A 976 -14.76 19.19 34.52
CA PHE A 976 -15.75 18.28 33.91
C PHE A 976 -16.57 17.56 34.97
N PRO A 977 -17.76 17.02 34.59
CA PRO A 977 -18.46 16.06 35.47
C PRO A 977 -17.59 14.85 35.55
N LEU A 978 -17.97 13.89 36.40
CA LEU A 978 -17.49 12.52 36.37
C LEU A 978 -18.45 11.68 35.53
N VAL A 979 -17.98 10.51 35.10
CA VAL A 979 -18.74 9.64 34.18
C VAL A 979 -19.77 8.84 34.98
N LYS A 980 -20.99 8.73 34.46
CA LYS A 980 -22.02 7.91 35.09
C LYS A 980 -21.67 6.40 34.83
N PRO A 981 -21.80 5.55 35.88
CA PRO A 981 -21.68 4.08 35.87
C PRO A 981 -22.64 3.30 34.92
N HIS A 982 -22.43 1.97 34.81
CA HIS A 982 -23.25 1.00 34.02
C HIS A 982 -23.10 1.12 32.49
N ASN B 14 -35.89 16.09 2.74
CA ASN B 14 -35.40 17.46 2.44
C ASN B 14 -35.72 17.80 0.98
N ASN B 15 -34.93 17.24 0.04
CA ASN B 15 -35.35 17.13 -1.38
C ASN B 15 -35.81 15.71 -1.66
N PRO B 16 -37.13 15.56 -1.91
CA PRO B 16 -37.74 14.23 -1.93
C PRO B 16 -37.57 13.56 -3.30
N ALA B 17 -37.13 14.35 -4.29
CA ALA B 17 -36.65 13.86 -5.62
C ALA B 17 -35.26 13.13 -5.65
N ILE B 18 -34.56 13.11 -4.47
CA ILE B 18 -33.26 12.52 -4.26
C ILE B 18 -33.26 11.50 -3.11
N LYS B 19 -33.27 10.20 -3.38
CA LYS B 19 -33.18 9.20 -2.33
C LYS B 19 -31.95 9.40 -1.40
N ARG B 20 -30.85 9.91 -1.93
CA ARG B 20 -29.51 9.85 -1.27
C ARG B 20 -28.41 10.70 -1.98
N ILE B 21 -27.69 11.56 -1.23
CA ILE B 21 -26.44 12.19 -1.67
C ILE B 21 -25.34 11.33 -1.06
N GLY B 22 -24.15 11.29 -1.67
CA GLY B 22 -23.00 10.44 -1.19
C GLY B 22 -21.97 11.39 -0.54
N ASN B 23 -21.28 12.18 -1.37
CA ASN B 23 -20.36 13.29 -0.92
C ASN B 23 -18.94 13.00 -0.45
N HIS B 24 -18.53 11.74 -0.26
CA HIS B 24 -17.08 11.58 -0.21
C HIS B 24 -16.68 10.58 -1.27
N ILE B 25 -16.64 11.08 -2.51
CA ILE B 25 -16.11 10.32 -3.70
C ILE B 25 -14.59 10.32 -3.72
N THR B 26 -14.02 9.18 -3.40
CA THR B 26 -12.60 9.02 -3.28
C THR B 26 -12.00 9.32 -4.63
N LYS B 27 -11.08 10.24 -4.65
CA LYS B 27 -10.51 10.63 -5.89
C LYS B 27 -8.99 10.65 -5.82
N SER B 28 -8.31 10.96 -6.92
CA SER B 28 -6.86 10.99 -6.93
C SER B 28 -6.44 12.23 -6.21
N PRO B 29 -5.35 12.14 -5.43
CA PRO B 29 -4.79 13.33 -4.73
C PRO B 29 -4.52 14.53 -5.67
N GLU B 30 -4.17 14.27 -6.92
CA GLU B 30 -3.90 15.35 -7.92
C GLU B 30 -5.17 15.93 -8.57
N ASP B 31 -6.28 15.20 -8.48
CA ASP B 31 -7.46 15.56 -9.18
C ASP B 31 -8.13 16.76 -8.47
N LYS B 32 -8.18 17.86 -9.22
CA LYS B 32 -8.69 19.16 -8.81
C LYS B 32 -10.20 19.36 -9.10
N ARG B 33 -10.74 18.61 -10.07
CA ARG B 33 -12.20 18.48 -10.23
C ARG B 33 -12.90 18.06 -8.94
N GLU B 34 -14.17 18.42 -8.85
CA GLU B 34 -15.01 18.07 -7.68
C GLU B 34 -16.16 17.15 -8.07
N TYR B 35 -16.51 16.27 -7.16
CA TYR B 35 -17.39 15.18 -7.46
C TYR B 35 -18.51 15.05 -6.43
N ARG B 36 -19.71 14.70 -6.88
CA ARG B 36 -20.80 14.35 -5.99
C ARG B 36 -21.66 13.25 -6.59
N GLY B 37 -21.86 12.21 -5.80
CA GLY B 37 -22.72 11.12 -6.19
C GLY B 37 -24.10 11.20 -5.57
N LEU B 38 -25.09 10.71 -6.29
CA LEU B 38 -26.45 10.67 -5.77
C LEU B 38 -27.33 9.60 -6.37
N GLU B 39 -28.34 9.17 -5.59
CA GLU B 39 -29.38 8.28 -6.09
C GLU B 39 -30.69 9.06 -6.07
N LEU B 40 -31.24 9.39 -7.24
CA LEU B 40 -32.55 10.01 -7.30
C LEU B 40 -33.63 9.05 -6.76
N ALA B 41 -34.84 9.58 -6.49
CA ALA B 41 -35.93 8.76 -5.94
C ALA B 41 -36.35 7.64 -6.94
N ASN B 42 -36.31 7.97 -8.25
CA ASN B 42 -36.55 6.99 -9.30
C ASN B 42 -35.47 5.89 -9.48
N GLY B 43 -34.37 5.95 -8.72
CA GLY B 43 -33.35 4.87 -8.77
C GLY B 43 -32.16 5.15 -9.69
N ILE B 44 -32.23 6.21 -10.49
CA ILE B 44 -31.07 6.61 -11.27
C ILE B 44 -29.89 6.98 -10.36
N LYS B 45 -28.77 6.29 -10.58
CA LYS B 45 -27.48 6.58 -9.95
C LYS B 45 -26.79 7.70 -10.77
N VAL B 46 -26.45 8.81 -10.09
CA VAL B 46 -25.78 9.95 -10.74
C VAL B 46 -24.35 10.19 -10.21
N LEU B 47 -23.42 10.54 -11.11
CA LEU B 47 -22.18 11.24 -10.69
C LEU B 47 -22.14 12.61 -11.33
N LEU B 48 -21.93 13.61 -10.49
CA LEU B 48 -21.69 14.94 -11.02
C LEU B 48 -20.23 15.34 -10.83
N ILE B 49 -19.74 16.04 -11.85
CA ILE B 49 -18.34 16.41 -11.90
C ILE B 49 -18.30 17.86 -12.22
N SER B 50 -17.79 18.59 -11.24
CA SER B 50 -17.58 20.01 -11.44
C SER B 50 -16.12 20.34 -11.78
N ASP B 51 -15.92 20.91 -12.96
CA ASP B 51 -14.62 21.35 -13.39
C ASP B 51 -14.73 22.78 -13.93
N PRO B 52 -14.37 23.76 -13.08
CA PRO B 52 -14.59 25.16 -13.48
C PRO B 52 -13.71 25.64 -14.64
N THR B 53 -12.66 24.90 -15.01
CA THR B 53 -11.81 25.24 -16.17
C THR B 53 -12.24 24.55 -17.51
N THR B 54 -13.08 23.53 -17.42
CA THR B 54 -13.33 22.71 -18.61
C THR B 54 -13.80 23.50 -19.87
N ASP B 55 -13.37 23.13 -21.05
CA ASP B 55 -13.91 23.82 -22.22
C ASP B 55 -15.19 23.22 -22.80
N LYS B 56 -15.38 21.92 -22.58
CA LYS B 56 -16.51 21.17 -23.07
C LYS B 56 -17.13 20.54 -21.86
N SER B 57 -18.45 20.54 -21.83
CA SER B 57 -19.16 19.81 -20.80
C SER B 57 -19.63 18.50 -21.43
N SER B 58 -20.13 17.59 -20.65
CA SER B 58 -20.43 16.31 -21.18
C SER B 58 -21.48 15.65 -20.32
N ALA B 59 -22.35 14.85 -20.92
CA ALA B 59 -23.06 13.86 -20.12
C ALA B 59 -23.13 12.54 -20.82
N ALA B 60 -23.49 11.54 -20.04
CA ALA B 60 -23.64 10.16 -20.54
C ALA B 60 -24.65 9.46 -19.62
N LEU B 61 -25.46 8.59 -20.21
CA LEU B 61 -26.37 7.72 -19.51
C LEU B 61 -26.11 6.31 -20.04
N ASP B 62 -26.04 5.36 -19.11
CA ASP B 62 -25.83 3.96 -19.41
C ASP B 62 -27.01 3.22 -18.83
N VAL B 63 -27.71 2.52 -19.72
CA VAL B 63 -28.83 1.67 -19.37
C VAL B 63 -28.31 0.27 -19.30
N HIS B 64 -28.50 -0.35 -18.18
CA HIS B 64 -28.00 -1.69 -18.01
C HIS B 64 -28.85 -2.75 -18.73
N ILE B 65 -29.12 -2.49 -20.00
CA ILE B 65 -29.74 -3.45 -20.86
C ILE B 65 -29.14 -3.40 -22.25
N GLY B 66 -29.09 -4.55 -22.90
CA GLY B 66 -28.46 -4.55 -24.21
C GLY B 66 -28.83 -5.74 -25.00
N SER B 67 -27.96 -6.13 -25.91
CA SER B 67 -28.41 -7.03 -26.91
C SER B 67 -28.71 -8.43 -26.40
N LEU B 68 -28.15 -8.81 -25.25
CA LEU B 68 -28.52 -10.07 -24.64
C LEU B 68 -30.03 -10.14 -24.26
N SER B 69 -30.74 -9.01 -24.34
CA SER B 69 -32.15 -9.03 -24.08
C SER B 69 -33.00 -8.79 -25.31
N ASP B 70 -32.41 -8.85 -26.51
CA ASP B 70 -33.17 -8.77 -27.73
C ASP B 70 -34.25 -9.88 -27.74
N PRO B 71 -35.41 -9.62 -28.34
CA PRO B 71 -36.35 -10.74 -28.47
C PRO B 71 -35.75 -11.76 -29.43
N PRO B 72 -35.91 -13.08 -29.15
CA PRO B 72 -35.25 -14.09 -30.01
C PRO B 72 -35.56 -13.99 -31.48
N ASN B 73 -36.70 -13.44 -31.84
CA ASN B 73 -37.11 -13.38 -33.26
C ASN B 73 -36.99 -11.97 -33.81
N ILE B 74 -36.33 -11.07 -33.10
CA ILE B 74 -35.90 -9.84 -33.76
C ILE B 74 -34.50 -9.47 -33.29
N ALA B 75 -33.52 -10.22 -33.80
CA ALA B 75 -32.13 -9.94 -33.60
C ALA B 75 -31.76 -8.49 -33.98
N GLY B 76 -31.05 -7.83 -33.07
CA GLY B 76 -30.60 -6.49 -33.34
C GLY B 76 -31.50 -5.38 -32.80
N LEU B 77 -32.63 -5.75 -32.20
CA LEU B 77 -33.61 -4.76 -31.73
C LEU B 77 -32.97 -3.71 -30.86
N SER B 78 -32.17 -4.12 -29.89
CA SER B 78 -31.69 -3.11 -28.98
C SER B 78 -30.58 -2.20 -29.57
N HIS B 79 -29.78 -2.76 -30.46
CA HIS B 79 -28.91 -1.95 -31.28
C HIS B 79 -29.73 -0.94 -32.09
N PHE B 80 -30.80 -1.41 -32.67
CA PHE B 80 -31.58 -0.59 -33.54
C PHE B 80 -32.22 0.54 -32.78
N LEU B 81 -32.74 0.23 -31.60
CA LEU B 81 -33.28 1.24 -30.72
C LEU B 81 -32.28 2.38 -30.46
N GLN B 82 -31.02 2.02 -30.12
CA GLN B 82 -29.92 2.97 -29.98
C GLN B 82 -29.80 3.88 -31.24
N HIS B 83 -29.87 3.35 -32.47
CA HIS B 83 -29.80 4.26 -33.62
C HIS B 83 -31.00 5.14 -33.58
N MET B 84 -32.16 4.60 -33.25
CA MET B 84 -33.39 5.38 -33.46
C MET B 84 -33.53 6.48 -32.48
N LEU B 85 -33.09 6.27 -31.24
CA LEU B 85 -33.27 7.32 -30.26
C LEU B 85 -32.70 8.66 -30.70
N PHE B 86 -31.87 8.67 -31.72
CA PHE B 86 -31.18 9.88 -32.13
C PHE B 86 -32.08 10.72 -33.00
N LEU B 87 -33.14 10.09 -33.49
CA LEU B 87 -33.88 10.61 -34.59
C LEU B 87 -35.16 11.32 -34.24
N GLY B 88 -35.28 11.86 -33.02
CA GLY B 88 -36.47 12.66 -32.70
C GLY B 88 -37.24 12.33 -31.43
N THR B 89 -37.63 13.37 -30.72
CA THR B 89 -38.41 13.13 -29.56
C THR B 89 -39.70 13.91 -29.62
N LYS B 90 -40.54 13.72 -28.62
CA LYS B 90 -41.78 14.45 -28.53
C LYS B 90 -41.49 15.99 -28.41
N LYS B 91 -40.63 16.38 -27.48
CA LYS B 91 -40.33 17.78 -27.26
C LYS B 91 -39.49 18.39 -28.40
N TYR B 92 -38.70 17.58 -29.10
CA TYR B 92 -37.87 18.05 -30.20
C TYR B 92 -38.10 17.08 -31.35
N PRO B 93 -39.24 17.24 -32.04
CA PRO B 93 -39.62 16.36 -33.14
C PRO B 93 -38.72 16.42 -34.40
N LYS B 94 -37.90 17.46 -34.52
CA LYS B 94 -37.12 17.58 -35.75
C LYS B 94 -36.03 16.50 -35.83
N GLU B 95 -36.03 15.75 -36.92
CA GLU B 95 -35.28 14.48 -36.98
C GLU B 95 -33.78 14.61 -36.58
N ASN B 96 -33.15 15.75 -36.89
CA ASN B 96 -31.75 15.96 -36.60
C ASN B 96 -31.51 17.11 -35.60
N GLU B 97 -32.53 17.51 -34.88
CA GLU B 97 -32.43 18.59 -33.93
C GLU B 97 -31.24 18.41 -33.03
N TYR B 98 -31.03 17.18 -32.59
CA TYR B 98 -30.03 16.87 -31.61
C TYR B 98 -28.66 16.99 -32.22
N SER B 99 -28.39 16.29 -33.30
CA SER B 99 -27.07 16.38 -33.86
C SER B 99 -26.80 17.80 -34.45
N GLN B 100 -27.82 18.52 -34.88
CA GLN B 100 -27.63 19.92 -35.33
C GLN B 100 -27.31 20.92 -34.16
N PHE B 101 -27.98 20.75 -33.03
CA PHE B 101 -27.66 21.54 -31.92
C PHE B 101 -26.22 21.34 -31.53
N LEU B 102 -25.80 20.08 -31.34
CA LEU B 102 -24.44 19.83 -30.91
C LEU B 102 -23.46 20.41 -31.90
N SER B 103 -23.71 20.30 -33.18
CA SER B 103 -22.66 20.81 -34.02
C SER B 103 -22.61 22.33 -34.13
N GLU B 104 -23.68 23.04 -33.78
CA GLU B 104 -23.64 24.49 -33.78
C GLU B 104 -23.14 25.03 -32.48
N HIS B 105 -22.80 24.11 -31.58
CA HIS B 105 -22.34 24.47 -30.26
C HIS B 105 -21.09 23.71 -29.90
N ALA B 106 -20.42 23.21 -30.95
CA ALA B 106 -19.12 22.54 -30.88
C ALA B 106 -19.14 21.20 -30.10
N GLY B 107 -20.22 20.47 -30.28
CA GLY B 107 -20.40 19.23 -29.55
C GLY B 107 -20.31 18.10 -30.53
N SER B 108 -20.30 16.89 -30.01
CA SER B 108 -20.27 15.73 -30.85
C SER B 108 -21.03 14.71 -29.97
N SER B 109 -21.46 13.59 -30.57
CA SER B 109 -22.18 12.56 -29.81
C SER B 109 -22.00 11.21 -30.42
N ASN B 110 -22.17 10.17 -29.60
CA ASN B 110 -22.22 8.80 -30.09
C ASN B 110 -22.82 7.85 -29.08
N ALA B 111 -22.85 6.57 -29.41
CA ALA B 111 -23.40 5.62 -28.48
C ALA B 111 -22.98 4.22 -28.88
N PHE B 112 -23.04 3.29 -27.95
CA PHE B 112 -22.80 1.92 -28.30
C PHE B 112 -23.74 0.96 -27.53
N THR B 113 -23.90 -0.26 -28.06
CA THR B 113 -24.71 -1.27 -27.44
C THR B 113 -23.82 -2.49 -27.28
N SER B 114 -23.72 -3.00 -26.06
CA SER B 114 -23.06 -4.29 -25.85
C SER B 114 -24.13 -5.25 -25.36
N GLY B 115 -23.72 -6.39 -24.80
CA GLY B 115 -24.63 -7.45 -24.28
C GLY B 115 -25.59 -6.94 -23.20
N GLU B 116 -25.09 -6.08 -22.31
CA GLU B 116 -25.79 -5.72 -21.10
C GLU B 116 -25.93 -4.25 -20.90
N HIS B 117 -25.50 -3.44 -21.85
CA HIS B 117 -25.46 -1.99 -21.65
C HIS B 117 -25.74 -1.29 -22.96
N THR B 118 -26.38 -0.13 -22.85
CA THR B 118 -26.50 0.79 -23.94
C THR B 118 -26.12 2.13 -23.41
N ASN B 119 -25.12 2.71 -24.04
CA ASN B 119 -24.40 3.80 -23.48
C ASN B 119 -24.47 4.94 -24.48
N TYR B 120 -24.96 6.09 -24.03
CA TYR B 120 -25.19 7.27 -24.87
C TYR B 120 -24.42 8.45 -24.32
N TYR B 121 -23.73 9.20 -25.16
CA TYR B 121 -22.92 10.29 -24.61
C TYR B 121 -22.72 11.43 -25.57
N PHE B 122 -22.51 12.62 -25.00
CA PHE B 122 -22.21 13.76 -25.82
C PHE B 122 -21.26 14.67 -25.12
N ASP B 123 -20.66 15.56 -25.90
CA ASP B 123 -20.06 16.74 -25.35
C ASP B 123 -20.45 18.00 -26.13
N VAL B 124 -20.28 19.16 -25.52
CA VAL B 124 -20.73 20.42 -26.08
C VAL B 124 -19.96 21.53 -25.39
N SER B 125 -19.90 22.69 -26.03
CA SER B 125 -19.30 23.86 -25.42
C SER B 125 -19.83 24.03 -23.98
N HIS B 126 -18.97 24.32 -22.99
CA HIS B 126 -19.37 24.42 -21.57
C HIS B 126 -20.56 25.33 -21.31
N GLU B 127 -20.84 26.23 -22.24
CA GLU B 127 -21.92 27.18 -22.10
C GLU B 127 -23.31 26.67 -22.50
N HIS B 128 -23.38 25.50 -23.14
CA HIS B 128 -24.65 24.97 -23.67
C HIS B 128 -25.02 23.62 -23.10
N LEU B 129 -24.43 23.33 -21.95
CA LEU B 129 -24.73 22.13 -21.24
C LEU B 129 -26.22 21.89 -21.06
N GLU B 130 -26.98 22.87 -20.58
CA GLU B 130 -28.40 22.63 -20.36
C GLU B 130 -29.22 22.36 -21.63
N GLY B 131 -28.96 23.15 -22.68
CA GLY B 131 -29.70 22.97 -23.92
C GLY B 131 -29.47 21.57 -24.42
N ALA B 132 -28.24 21.09 -24.29
CA ALA B 132 -27.84 19.83 -24.86
C ALA B 132 -28.46 18.74 -24.04
N LEU B 133 -28.39 18.93 -22.74
CA LEU B 133 -28.77 17.91 -21.78
C LEU B 133 -30.28 17.63 -21.83
N ASP B 134 -31.02 18.69 -22.06
CA ASP B 134 -32.44 18.61 -22.28
C ASP B 134 -32.77 17.81 -23.54
N ARG B 135 -32.24 18.22 -24.67
CA ARG B 135 -32.48 17.44 -25.90
C ARG B 135 -32.17 15.96 -25.69
N PHE B 136 -31.09 15.77 -24.94
CA PHE B 136 -30.61 14.48 -24.58
C PHE B 136 -31.56 13.69 -23.65
N ALA B 137 -32.08 14.32 -22.58
CA ALA B 137 -32.93 13.62 -21.64
C ALA B 137 -34.24 13.09 -22.35
N GLN B 138 -34.74 13.81 -23.35
CA GLN B 138 -35.87 13.38 -24.12
C GLN B 138 -35.72 11.98 -24.68
N PHE B 139 -34.49 11.56 -25.01
CA PHE B 139 -34.27 10.23 -25.58
C PHE B 139 -34.89 9.18 -24.71
N PHE B 140 -34.96 9.48 -23.44
CA PHE B 140 -35.39 8.50 -22.44
C PHE B 140 -36.70 8.91 -21.89
N LEU B 141 -37.42 9.78 -22.59
CA LEU B 141 -38.75 10.15 -22.13
C LEU B 141 -39.79 9.86 -23.19
N SER B 142 -39.59 10.34 -24.42
CA SER B 142 -40.56 10.11 -25.50
C SER B 142 -39.96 10.18 -26.94
N PRO B 143 -39.14 9.20 -27.24
CA PRO B 143 -38.64 9.05 -28.60
C PRO B 143 -39.79 8.84 -29.57
N LEU B 144 -39.85 9.58 -30.65
CA LEU B 144 -40.80 9.28 -31.71
C LEU B 144 -40.78 7.87 -32.32
N PHE B 145 -39.63 7.25 -32.51
CA PHE B 145 -39.50 6.18 -33.51
C PHE B 145 -40.38 6.44 -34.72
N ASP B 146 -40.19 7.58 -35.40
CA ASP B 146 -40.89 7.86 -36.64
C ASP B 146 -40.89 6.69 -37.63
N GLU B 147 -42.02 6.47 -38.29
CA GLU B 147 -42.09 5.29 -39.15
C GLU B 147 -41.14 5.42 -40.32
N SER B 148 -41.07 6.62 -40.90
CA SER B 148 -40.25 6.74 -42.09
C SER B 148 -38.73 6.81 -41.74
N ALA B 149 -38.42 7.33 -40.55
CA ALA B 149 -37.08 7.31 -40.02
C ALA B 149 -36.63 5.89 -39.83
N LYS B 150 -37.53 5.05 -39.34
CA LYS B 150 -37.25 3.65 -39.11
C LYS B 150 -36.93 2.92 -40.42
N ASP B 151 -37.77 3.16 -41.43
CA ASP B 151 -37.58 2.58 -42.78
C ASP B 151 -36.22 2.94 -43.41
N ARG B 152 -35.68 4.08 -42.98
CA ARG B 152 -34.45 4.58 -43.48
C ARG B 152 -33.30 4.05 -42.68
N GLU B 153 -33.33 4.27 -41.38
CA GLU B 153 -32.20 3.93 -40.49
C GLU B 153 -31.83 2.41 -40.42
N VAL B 154 -32.73 1.55 -40.91
CA VAL B 154 -32.48 0.12 -40.86
C VAL B 154 -31.38 -0.19 -41.92
N ASN B 155 -31.25 0.68 -42.89
CA ASN B 155 -30.13 0.58 -43.83
C ASN B 155 -28.80 0.90 -43.24
N ALA B 156 -28.76 1.86 -42.32
CA ALA B 156 -27.54 2.22 -41.62
C ALA B 156 -27.05 0.99 -40.87
N VAL B 157 -28.00 0.30 -40.19
CA VAL B 157 -27.66 -0.82 -39.38
C VAL B 157 -27.23 -1.92 -40.33
N ASP B 158 -27.93 -2.13 -41.42
CA ASP B 158 -27.56 -3.20 -42.36
C ASP B 158 -26.10 -3.04 -42.86
N SER B 159 -25.83 -1.79 -43.17
CA SER B 159 -24.61 -1.36 -43.71
C SER B 159 -23.48 -1.56 -42.68
N GLU B 160 -23.82 -1.35 -41.43
CA GLU B 160 -22.89 -1.49 -40.33
C GLU B 160 -22.53 -2.98 -40.22
N HIS B 161 -23.50 -3.85 -40.34
CA HIS B 161 -23.24 -5.22 -40.40
C HIS B 161 -22.42 -5.60 -41.65
N GLU B 162 -22.77 -5.05 -42.81
CA GLU B 162 -22.08 -5.36 -44.05
C GLU B 162 -20.54 -5.09 -43.89
N LYS B 163 -20.20 -3.95 -43.34
CA LYS B 163 -18.86 -3.59 -43.06
C LYS B 163 -18.18 -4.70 -42.20
N ASN B 164 -18.90 -5.29 -41.24
CA ASN B 164 -18.28 -6.25 -40.34
C ASN B 164 -18.17 -7.64 -40.89
N VAL B 165 -18.89 -7.95 -41.94
CA VAL B 165 -19.15 -9.34 -42.26
C VAL B 165 -17.84 -10.00 -42.74
N MET B 166 -17.05 -9.22 -43.44
CA MET B 166 -15.82 -9.73 -43.99
C MET B 166 -14.66 -9.40 -43.08
N ASN B 167 -14.92 -8.89 -41.87
CA ASN B 167 -13.89 -8.70 -40.84
C ASN B 167 -13.61 -9.93 -39.94
N ASP B 168 -12.38 -10.43 -39.96
CA ASP B 168 -12.05 -11.59 -39.11
C ASP B 168 -12.38 -11.53 -37.61
N ALA B 169 -12.26 -10.39 -36.97
CA ALA B 169 -12.51 -10.33 -35.53
C ALA B 169 -13.99 -10.54 -35.22
N TRP B 170 -14.85 -9.90 -36.02
CA TRP B 170 -16.31 -10.12 -35.88
C TRP B 170 -16.73 -11.55 -36.25
N ARG B 171 -16.21 -12.09 -37.35
CA ARG B 171 -16.43 -13.50 -37.65
C ARG B 171 -16.14 -14.38 -36.44
N LEU B 172 -14.98 -14.20 -35.80
CA LEU B 172 -14.66 -15.09 -34.65
C LEU B 172 -15.58 -14.89 -33.48
N PHE B 173 -15.86 -13.62 -33.24
CA PHE B 173 -16.65 -13.23 -32.16
C PHE B 173 -17.97 -13.96 -32.28
N GLN B 174 -18.58 -13.97 -33.48
CA GLN B 174 -19.88 -14.55 -33.61
C GLN B 174 -19.80 -16.07 -33.70
N LEU B 175 -18.71 -16.57 -34.27
CA LEU B 175 -18.52 -18.02 -34.25
C LEU B 175 -18.43 -18.60 -32.82
N GLU B 176 -17.80 -17.89 -31.90
CA GLU B 176 -17.88 -18.31 -30.52
C GLU B 176 -19.36 -18.35 -29.94
N LYS B 177 -20.16 -17.34 -30.18
CA LYS B 177 -21.55 -17.45 -29.81
C LYS B 177 -22.25 -18.68 -30.46
N ALA B 178 -21.91 -18.95 -31.69
CA ALA B 178 -22.55 -20.03 -32.44
C ALA B 178 -22.15 -21.44 -31.96
N THR B 179 -21.11 -21.59 -31.15
CA THR B 179 -20.71 -22.95 -30.89
C THR B 179 -20.87 -23.34 -29.45
N GLY B 180 -21.58 -22.49 -28.70
CA GLY B 180 -21.93 -22.78 -27.33
C GLY B 180 -23.41 -23.09 -27.32
N ASN B 181 -24.05 -23.09 -26.18
CA ASN B 181 -25.42 -23.50 -26.14
C ASN B 181 -26.38 -22.64 -27.04
N PRO B 182 -27.08 -23.29 -27.99
CA PRO B 182 -27.96 -22.39 -28.81
C PRO B 182 -29.15 -21.87 -28.04
N LYS B 183 -29.52 -22.52 -26.93
CA LYS B 183 -30.65 -22.03 -26.16
C LYS B 183 -30.25 -20.80 -25.34
N HIS B 184 -28.96 -20.55 -25.17
CA HIS B 184 -28.43 -19.45 -24.34
C HIS B 184 -28.46 -18.10 -25.05
N PRO B 185 -28.96 -17.06 -24.35
CA PRO B 185 -28.89 -15.71 -25.03
C PRO B 185 -27.48 -15.31 -25.58
N PHE B 186 -26.44 -15.99 -25.10
CA PHE B 186 -25.13 -15.64 -25.56
C PHE B 186 -25.03 -15.85 -27.08
N SER B 187 -25.87 -16.71 -27.63
CA SER B 187 -25.75 -17.09 -29.03
C SER B 187 -26.42 -16.10 -29.95
N LYS B 188 -27.10 -15.12 -29.38
CA LYS B 188 -27.86 -14.12 -30.16
C LYS B 188 -26.96 -13.35 -31.10
N PHE B 189 -27.50 -12.94 -32.27
CA PHE B 189 -26.81 -12.06 -33.22
C PHE B 189 -27.12 -10.62 -32.83
N GLY B 190 -26.21 -9.88 -32.21
CA GLY B 190 -26.52 -8.56 -31.62
C GLY B 190 -26.62 -7.36 -32.56
N THR B 191 -25.95 -7.35 -33.70
CA THR B 191 -25.93 -6.18 -34.53
C THR B 191 -27.27 -6.02 -35.25
N GLY B 192 -27.80 -7.18 -35.68
CA GLY B 192 -28.95 -7.25 -36.59
C GLY B 192 -28.63 -6.74 -37.98
N ASN B 193 -29.59 -6.96 -38.89
CA ASN B 193 -29.51 -6.47 -40.26
C ASN B 193 -30.90 -6.27 -40.89
N LYS B 194 -30.94 -5.90 -42.17
CA LYS B 194 -32.19 -5.66 -42.87
C LYS B 194 -33.04 -6.92 -42.80
N TYR B 195 -32.44 -8.09 -42.92
CA TYR B 195 -33.25 -9.28 -42.83
C TYR B 195 -33.89 -9.35 -41.43
N THR B 196 -33.13 -9.18 -40.37
CA THR B 196 -33.66 -9.45 -39.03
C THR B 196 -34.48 -8.29 -38.52
N LEU B 197 -34.28 -7.10 -39.08
CA LEU B 197 -34.94 -5.92 -38.55
C LEU B 197 -36.12 -5.46 -39.42
N GLU B 198 -36.22 -5.97 -40.65
CA GLU B 198 -37.33 -5.64 -41.50
C GLU B 198 -37.95 -6.82 -42.29
N THR B 199 -37.15 -7.53 -43.07
CA THR B 199 -37.70 -8.53 -43.92
C THR B 199 -38.33 -9.66 -43.15
N ARG B 200 -37.62 -10.28 -42.23
CA ARG B 200 -38.18 -11.45 -41.56
C ARG B 200 -39.34 -11.05 -40.62
N PRO B 201 -39.29 -9.85 -40.01
CA PRO B 201 -40.49 -9.45 -39.26
C PRO B 201 -41.74 -9.12 -40.09
N ASN B 202 -41.59 -8.56 -41.29
CA ASN B 202 -42.75 -8.32 -42.14
C ASN B 202 -43.39 -9.59 -42.56
N GLN B 203 -42.59 -10.63 -42.74
CA GLN B 203 -43.08 -11.92 -43.13
C GLN B 203 -43.88 -12.57 -41.97
N GLU B 204 -43.46 -12.31 -40.73
CA GLU B 204 -44.06 -12.92 -39.56
C GLU B 204 -45.17 -12.00 -39.03
N GLY B 205 -45.50 -10.94 -39.76
CA GLY B 205 -46.51 -9.97 -39.37
C GLY B 205 -46.20 -9.18 -38.10
N ILE B 206 -44.93 -9.08 -37.72
CA ILE B 206 -44.55 -8.27 -36.57
C ILE B 206 -44.42 -6.82 -36.99
N ASP B 207 -44.73 -5.89 -36.10
CA ASP B 207 -44.61 -4.48 -36.41
C ASP B 207 -43.40 -3.89 -35.67
N VAL B 208 -42.35 -3.55 -36.41
CA VAL B 208 -41.13 -3.28 -35.71
C VAL B 208 -41.14 -2.02 -34.81
N ARG B 209 -41.85 -0.99 -35.25
CA ARG B 209 -42.02 0.24 -34.49
C ARG B 209 -42.59 -0.08 -33.12
N GLN B 210 -43.61 -0.92 -33.14
CA GLN B 210 -44.27 -1.26 -31.91
C GLN B 210 -43.28 -1.98 -30.94
N GLU B 211 -42.53 -2.93 -31.46
CA GLU B 211 -41.52 -3.61 -30.66
C GLU B 211 -40.41 -2.70 -30.10
N LEU B 212 -40.02 -1.72 -30.90
CA LEU B 212 -39.13 -0.73 -30.41
C LEU B 212 -39.72 -0.07 -29.18
N LEU B 213 -40.97 0.39 -29.31
CA LEU B 213 -41.68 1.04 -28.24
C LEU B 213 -41.90 0.06 -27.07
N LYS B 214 -42.26 -1.20 -27.33
CA LYS B 214 -42.43 -2.14 -26.23
C LYS B 214 -41.07 -2.25 -25.53
N PHE B 215 -40.00 -2.41 -26.30
CA PHE B 215 -38.71 -2.65 -25.69
C PHE B 215 -38.33 -1.44 -24.89
N HIS B 216 -38.46 -0.29 -25.51
CA HIS B 216 -38.09 0.91 -24.79
C HIS B 216 -38.84 1.04 -23.49
N SER B 217 -40.16 0.86 -23.60
CA SER B 217 -41.03 0.99 -22.48
C SER B 217 -40.73 -0.03 -21.42
N ALA B 218 -40.40 -1.27 -21.79
CA ALA B 218 -40.16 -2.33 -20.80
C ALA B 218 -38.77 -2.24 -20.05
N TYR B 219 -37.76 -1.68 -20.75
CA TYR B 219 -36.40 -1.79 -20.28
C TYR B 219 -35.74 -0.45 -20.05
N TYR B 220 -36.21 0.62 -20.70
CA TYR B 220 -35.61 1.89 -20.40
C TYR B 220 -36.17 2.48 -19.09
N SER B 221 -35.88 1.78 -18.01
CA SER B 221 -36.40 2.14 -16.76
C SER B 221 -35.30 2.81 -15.92
N SER B 222 -35.69 3.91 -15.28
CA SER B 222 -34.80 4.58 -14.37
C SER B 222 -34.07 3.65 -13.41
N ASN B 223 -34.61 2.48 -13.05
CA ASN B 223 -33.88 1.70 -12.02
C ASN B 223 -32.62 1.06 -12.62
N LEU B 224 -32.56 1.04 -13.94
CA LEU B 224 -31.48 0.40 -14.72
C LEU B 224 -30.59 1.46 -15.38
N MET B 225 -30.60 2.68 -14.87
CA MET B 225 -29.88 3.73 -15.53
C MET B 225 -28.86 4.35 -14.58
N ALA B 226 -27.75 4.78 -15.17
CA ALA B 226 -26.78 5.64 -14.51
C ALA B 226 -26.49 6.85 -15.39
N VAL B 227 -26.23 7.98 -14.75
CA VAL B 227 -26.01 9.21 -15.43
C VAL B 227 -24.78 9.90 -14.87
N VAL B 228 -23.93 10.40 -15.78
CA VAL B 228 -22.85 11.27 -15.40
C VAL B 228 -22.92 12.58 -16.14
N VAL B 229 -22.69 13.65 -15.38
CA VAL B 229 -22.73 14.99 -15.92
C VAL B 229 -21.50 15.80 -15.47
N LEU B 230 -20.89 16.47 -16.42
CA LEU B 230 -19.64 17.17 -16.15
C LEU B 230 -19.72 18.54 -16.75
N GLY B 231 -19.45 19.57 -15.95
CA GLY B 231 -19.40 20.91 -16.54
C GLY B 231 -18.75 21.91 -15.61
N ARG B 232 -18.85 23.17 -15.97
CA ARG B 232 -18.31 24.25 -15.12
C ARG B 232 -19.11 24.53 -13.82
N GLU B 233 -20.43 24.59 -13.91
CA GLU B 233 -21.30 24.79 -12.74
C GLU B 233 -20.87 24.07 -11.47
N SER B 234 -21.09 24.72 -10.33
CA SER B 234 -20.94 24.08 -9.03
C SER B 234 -21.72 22.74 -8.91
N LEU B 235 -21.35 21.92 -7.93
CA LEU B 235 -22.11 20.74 -7.58
C LEU B 235 -23.62 21.04 -7.36
N ASP B 236 -23.99 22.06 -6.57
CA ASP B 236 -25.42 22.32 -6.31
C ASP B 236 -26.18 22.62 -7.56
N ASP B 237 -25.58 23.44 -8.41
CA ASP B 237 -26.22 23.74 -9.66
C ASP B 237 -26.42 22.50 -10.51
N LEU B 238 -25.38 21.67 -10.65
CA LEU B 238 -25.51 20.47 -11.46
C LEU B 238 -26.50 19.54 -10.82
N THR B 239 -26.57 19.54 -9.50
CA THR B 239 -27.56 18.72 -8.81
C THR B 239 -28.94 19.17 -9.23
N ASN B 240 -29.16 20.48 -9.28
CA ASN B 240 -30.48 21.00 -9.65
C ASN B 240 -30.89 20.58 -11.04
N LEU B 241 -30.04 20.94 -12.00
CA LEU B 241 -30.18 20.56 -13.41
C LEU B 241 -30.50 19.06 -13.66
N VAL B 242 -29.79 18.16 -12.97
CA VAL B 242 -30.01 16.73 -13.15
C VAL B 242 -31.37 16.31 -12.65
N VAL B 243 -31.71 16.71 -11.43
CA VAL B 243 -33.05 16.53 -10.85
C VAL B 243 -34.12 17.11 -11.77
N LYS B 244 -33.92 18.33 -12.19
CA LYS B 244 -34.86 18.93 -13.11
C LYS B 244 -35.09 17.98 -14.28
N LEU B 245 -34.03 17.40 -14.83
CA LEU B 245 -34.17 16.79 -16.14
C LEU B 245 -34.37 15.29 -16.17
N PHE B 246 -34.08 14.59 -15.07
CA PHE B 246 -34.14 13.14 -15.09
C PHE B 246 -35.07 12.49 -14.09
N SER B 247 -35.63 13.27 -13.15
CA SER B 247 -36.55 12.62 -12.16
C SER B 247 -37.90 12.32 -12.79
N GLU B 248 -38.14 12.97 -13.93
CA GLU B 248 -39.27 12.60 -14.78
C GLU B 248 -39.19 11.15 -15.31
N VAL B 249 -38.03 10.48 -15.30
CA VAL B 249 -37.93 9.14 -15.90
C VAL B 249 -38.63 8.11 -15.01
N GLU B 250 -39.52 7.32 -15.60
CA GLU B 250 -40.29 6.32 -14.81
C GLU B 250 -39.46 5.17 -14.34
N ASN B 251 -39.88 4.59 -13.22
CA ASN B 251 -39.22 3.44 -12.65
C ASN B 251 -40.11 2.22 -12.80
N LYS B 252 -39.83 1.34 -13.74
CA LYS B 252 -40.76 0.26 -14.02
C LYS B 252 -40.29 -0.92 -13.21
N ASN B 253 -39.28 -0.66 -12.43
CA ASN B 253 -38.82 -1.61 -11.49
C ASN B 253 -38.40 -2.92 -12.08
N VAL B 254 -37.55 -2.83 -13.08
CA VAL B 254 -37.18 -3.96 -13.89
C VAL B 254 -36.07 -4.78 -13.19
N PRO B 255 -36.29 -6.09 -13.07
CA PRO B 255 -35.19 -6.92 -12.55
C PRO B 255 -33.97 -7.01 -13.53
N LEU B 256 -32.75 -6.95 -12.98
CA LEU B 256 -31.56 -6.99 -13.74
C LEU B 256 -31.39 -8.36 -14.32
N PRO B 257 -31.18 -8.48 -15.65
CA PRO B 257 -30.98 -9.82 -16.22
C PRO B 257 -29.76 -10.53 -15.61
N GLU B 258 -29.85 -11.82 -15.31
CA GLU B 258 -28.74 -12.58 -14.72
C GLU B 258 -28.56 -13.75 -15.71
N PHE B 259 -27.37 -14.32 -15.86
CA PHE B 259 -27.17 -15.50 -16.72
C PHE B 259 -26.27 -16.52 -16.04
N PRO B 260 -26.75 -17.19 -14.95
CA PRO B 260 -25.84 -17.99 -14.11
C PRO B 260 -25.35 -19.30 -14.78
N GLU B 261 -26.07 -19.79 -15.78
CA GLU B 261 -25.62 -20.89 -16.63
C GLU B 261 -24.60 -20.42 -17.63
N HIS B 262 -23.46 -21.07 -17.63
CA HIS B 262 -22.42 -20.74 -18.57
C HIS B 262 -22.83 -21.13 -19.97
N PRO B 263 -22.68 -20.26 -20.94
CA PRO B 263 -23.01 -20.71 -22.28
C PRO B 263 -22.19 -21.90 -22.75
N PHE B 264 -21.08 -22.21 -22.11
CA PHE B 264 -20.47 -23.51 -22.38
C PHE B 264 -20.72 -24.53 -21.30
N GLN B 265 -21.46 -25.59 -21.65
CA GLN B 265 -21.66 -26.72 -20.74
C GLN B 265 -20.70 -27.81 -21.18
N GLU B 266 -20.76 -28.94 -20.49
CA GLU B 266 -20.06 -30.18 -20.81
C GLU B 266 -19.79 -30.57 -22.30
N GLU B 267 -20.85 -30.51 -23.13
CA GLU B 267 -20.78 -30.94 -24.51
C GLU B 267 -20.01 -29.92 -25.37
N HIS B 268 -19.84 -28.72 -24.82
CA HIS B 268 -19.07 -27.69 -25.52
C HIS B 268 -17.60 -27.61 -25.07
N LEU B 269 -17.11 -28.58 -24.34
CA LEU B 269 -15.75 -28.52 -23.89
C LEU B 269 -14.96 -29.63 -24.56
N LYS B 270 -13.63 -29.57 -24.43
CA LYS B 270 -12.68 -30.38 -25.25
C LYS B 270 -13.12 -30.42 -26.71
N GLN B 271 -13.43 -29.25 -27.27
CA GLN B 271 -13.74 -29.13 -28.66
C GLN B 271 -12.60 -28.42 -29.35
N LEU B 272 -12.48 -28.72 -30.65
CA LEU B 272 -11.48 -28.15 -31.49
C LEU B 272 -12.17 -27.50 -32.68
N TYR B 273 -11.80 -26.28 -33.05
CA TYR B 273 -12.47 -25.71 -34.19
C TYR B 273 -11.41 -25.30 -35.18
N LYS B 274 -11.61 -25.69 -36.43
CA LYS B 274 -10.69 -25.36 -37.46
C LYS B 274 -11.49 -24.40 -38.33
N ILE B 275 -10.91 -23.22 -38.54
CA ILE B 275 -11.58 -22.11 -39.14
C ILE B 275 -10.77 -21.40 -40.23
N VAL B 276 -11.45 -20.99 -41.28
CA VAL B 276 -10.85 -20.38 -42.43
C VAL B 276 -11.01 -18.86 -42.27
N PRO B 277 -9.92 -18.13 -42.14
CA PRO B 277 -9.99 -16.71 -42.03
C PRO B 277 -10.21 -16.07 -43.39
N ILE B 278 -10.43 -14.75 -43.42
CA ILE B 278 -10.50 -14.02 -44.69
C ILE B 278 -9.11 -13.57 -45.04
N LYS B 279 -8.48 -12.80 -44.13
CA LYS B 279 -7.06 -12.45 -44.22
C LYS B 279 -6.17 -13.69 -44.15
N ASP B 280 -4.94 -13.60 -44.65
CA ASP B 280 -4.01 -14.70 -44.40
C ASP B 280 -3.46 -14.60 -42.94
N ILE B 281 -4.16 -15.21 -42.00
CA ILE B 281 -3.73 -15.14 -40.58
C ILE B 281 -3.67 -16.53 -40.00
N ARG B 282 -2.76 -16.76 -39.07
CA ARG B 282 -2.64 -18.04 -38.42
C ARG B 282 -2.80 -17.71 -36.93
N ASN B 283 -3.82 -18.25 -36.26
CA ASN B 283 -4.02 -17.96 -34.85
C ASN B 283 -4.50 -19.13 -34.10
N LEU B 284 -4.20 -19.15 -32.81
CA LEU B 284 -4.72 -20.15 -31.91
C LEU B 284 -5.42 -19.49 -30.72
N TYR B 285 -6.66 -19.91 -30.47
CA TYR B 285 -7.45 -19.34 -29.42
C TYR B 285 -7.75 -20.48 -28.50
N VAL B 286 -7.29 -20.35 -27.24
CA VAL B 286 -7.62 -21.31 -26.17
C VAL B 286 -8.46 -20.58 -25.16
N THR B 287 -9.52 -21.23 -24.69
CA THR B 287 -10.55 -20.56 -23.90
C THR B 287 -10.99 -21.50 -22.82
N PHE B 288 -11.21 -20.98 -21.60
CA PHE B 288 -11.76 -21.77 -20.51
C PHE B 288 -12.96 -21.04 -19.98
N PRO B 289 -14.08 -21.73 -19.81
CA PRO B 289 -15.19 -21.08 -19.12
C PRO B 289 -14.90 -20.94 -17.63
N ILE B 290 -15.33 -19.84 -17.05
CA ILE B 290 -15.12 -19.54 -15.60
C ILE B 290 -16.32 -18.80 -15.09
N PRO B 291 -16.59 -18.89 -13.79
CA PRO B 291 -17.73 -18.14 -13.23
C PRO B 291 -17.52 -16.61 -13.27
N ASP B 292 -18.58 -15.83 -13.13
CA ASP B 292 -18.45 -14.38 -13.00
C ASP B 292 -17.54 -13.93 -11.81
N LEU B 293 -16.41 -13.34 -12.13
CA LEU B 293 -15.48 -12.93 -11.11
C LEU B 293 -15.69 -11.51 -10.62
N GLN B 294 -16.59 -10.76 -11.24
CA GLN B 294 -16.76 -9.36 -10.94
C GLN B 294 -16.88 -9.12 -9.43
N LYS B 295 -17.60 -9.99 -8.73
CA LYS B 295 -17.84 -9.76 -7.30
C LYS B 295 -16.55 -9.79 -6.47
N TYR B 296 -15.49 -10.32 -7.06
CA TYR B 296 -14.24 -10.41 -6.38
C TYR B 296 -13.32 -9.27 -6.77
N TYR B 297 -13.87 -8.21 -7.31
CA TYR B 297 -13.01 -7.14 -7.84
C TYR B 297 -11.92 -6.63 -6.86
N LYS B 298 -12.22 -6.58 -5.55
CA LYS B 298 -11.27 -6.12 -4.50
C LYS B 298 -9.96 -6.89 -4.57
N SER B 299 -10.02 -8.18 -4.89
CA SER B 299 -8.80 -8.92 -5.05
C SER B 299 -8.42 -9.33 -6.52
N ASN B 300 -9.39 -9.27 -7.43
CA ASN B 300 -9.20 -9.50 -8.86
C ASN B 300 -8.30 -10.70 -9.15
N PRO B 301 -8.72 -11.90 -8.75
CA PRO B 301 -7.84 -13.06 -9.04
C PRO B 301 -7.49 -13.21 -10.55
N GLY B 302 -8.45 -12.99 -11.43
CA GLY B 302 -8.25 -13.09 -12.88
C GLY B 302 -7.21 -12.10 -13.41
N HIS B 303 -7.25 -10.86 -12.87
CA HIS B 303 -6.19 -9.93 -13.17
C HIS B 303 -4.86 -10.56 -12.80
N TYR B 304 -4.77 -11.23 -11.66
CA TYR B 304 -3.47 -11.69 -11.18
C TYR B 304 -2.96 -12.82 -12.13
N LEU B 305 -3.83 -13.76 -12.45
CA LEU B 305 -3.46 -14.87 -13.30
C LEU B 305 -3.15 -14.39 -14.74
N GLY B 306 -3.90 -13.39 -15.21
CA GLY B 306 -3.67 -12.83 -16.50
C GLY B 306 -2.31 -12.20 -16.52
N HIS B 307 -1.98 -11.44 -15.49
CA HIS B 307 -0.67 -10.80 -15.45
C HIS B 307 0.47 -11.83 -15.60
N LEU B 308 0.34 -13.02 -15.03
CA LEU B 308 1.43 -13.91 -15.14
C LEU B 308 1.38 -14.73 -16.44
N ILE B 309 0.18 -15.25 -16.76
CA ILE B 309 0.09 -16.05 -17.97
C ILE B 309 0.42 -15.19 -19.17
N GLY B 310 0.29 -13.87 -19.04
CA GLY B 310 0.36 -12.95 -20.17
C GLY B 310 1.64 -12.17 -20.17
N HIS B 311 2.53 -12.45 -19.21
CA HIS B 311 3.79 -11.73 -19.10
C HIS B 311 4.68 -12.02 -20.32
N GLU B 312 5.51 -11.04 -20.72
CA GLU B 312 6.38 -11.22 -21.85
C GLU B 312 7.89 -11.16 -21.52
N GLY B 313 8.23 -11.29 -20.24
CA GLY B 313 9.59 -11.12 -19.79
C GLY B 313 10.28 -12.46 -19.72
N PRO B 314 11.49 -12.45 -19.15
CA PRO B 314 12.28 -13.68 -19.17
C PRO B 314 11.52 -14.72 -18.40
N GLY B 315 11.49 -15.97 -18.86
CA GLY B 315 10.94 -17.02 -18.06
C GLY B 315 9.47 -17.15 -18.35
N SER B 316 8.88 -16.18 -19.11
CA SER B 316 7.48 -16.29 -19.49
C SER B 316 7.13 -17.36 -20.54
N LEU B 317 5.88 -17.79 -20.52
CA LEU B 317 5.33 -18.64 -21.54
C LEU B 317 5.61 -18.13 -22.96
N LEU B 318 5.47 -16.83 -23.18
CA LEU B 318 5.70 -16.32 -24.49
C LEU B 318 7.13 -16.59 -24.84
N SER B 319 8.04 -16.22 -23.95
CA SER B 319 9.48 -16.34 -24.23
C SER B 319 9.81 -17.69 -24.77
N GLU B 320 9.36 -18.73 -24.08
CA GLU B 320 9.65 -20.05 -24.54
C GLU B 320 9.04 -20.33 -25.94
N LEU B 321 7.74 -20.05 -26.12
CA LEU B 321 7.10 -20.27 -27.39
C LEU B 321 7.73 -19.49 -28.54
N LYS B 322 8.27 -18.32 -28.24
CA LYS B 322 8.93 -17.50 -29.23
C LYS B 322 10.23 -18.22 -29.61
N SER B 323 10.95 -18.66 -28.59
CA SER B 323 12.19 -19.40 -28.78
C SER B 323 12.03 -20.65 -29.61
N LYS B 324 11.03 -21.50 -29.37
CA LYS B 324 10.83 -22.62 -30.25
C LYS B 324 10.46 -22.19 -31.72
N GLY B 325 10.24 -20.87 -31.96
CA GLY B 325 9.82 -20.35 -33.24
C GLY B 325 8.35 -20.66 -33.57
N TRP B 326 7.49 -20.77 -32.56
CA TRP B 326 6.10 -21.07 -32.77
C TRP B 326 5.11 -19.90 -32.78
N VAL B 327 5.41 -18.83 -32.06
CA VAL B 327 4.45 -17.73 -31.86
C VAL B 327 5.20 -16.40 -31.75
N ASN B 328 4.61 -15.30 -32.18
CA ASN B 328 5.22 -13.98 -31.95
C ASN B 328 4.55 -13.18 -30.85
N THR B 329 3.24 -13.29 -30.75
CA THR B 329 2.47 -12.53 -29.78
C THR B 329 1.56 -13.49 -29.00
N LEU B 330 1.25 -13.10 -27.77
CA LEU B 330 0.36 -13.81 -26.86
C LEU B 330 -0.53 -12.82 -26.06
N VAL B 331 -1.79 -13.16 -25.87
CA VAL B 331 -2.65 -12.41 -25.01
C VAL B 331 -3.27 -13.40 -24.05
N GLY B 332 -3.19 -13.11 -22.76
CA GLY B 332 -3.86 -13.96 -21.79
C GLY B 332 -4.61 -13.18 -20.74
N GLY B 333 -5.58 -13.87 -20.10
CA GLY B 333 -6.35 -13.31 -19.00
C GLY B 333 -7.86 -13.45 -19.09
N GLN B 334 -8.58 -12.74 -18.24
CA GLN B 334 -10.02 -12.92 -18.11
C GLN B 334 -10.69 -12.07 -19.16
N LYS B 335 -11.78 -12.56 -19.71
CA LYS B 335 -12.55 -11.82 -20.69
C LYS B 335 -13.99 -11.68 -20.14
N GLU B 336 -14.53 -10.48 -20.16
CA GLU B 336 -15.93 -10.22 -19.75
C GLU B 336 -16.86 -11.19 -20.53
N GLY B 337 -17.89 -11.72 -19.88
CA GLY B 337 -19.04 -12.31 -20.62
C GLY B 337 -20.36 -11.59 -20.28
N ALA B 338 -21.08 -12.02 -19.25
CA ALA B 338 -22.17 -11.18 -18.71
C ALA B 338 -22.36 -11.48 -17.18
N ARG B 339 -23.34 -10.85 -16.47
CA ARG B 339 -23.58 -11.22 -15.05
C ARG B 339 -23.75 -12.73 -14.98
N GLY B 340 -22.83 -13.41 -14.32
CA GLY B 340 -22.98 -14.83 -14.17
C GLY B 340 -22.02 -15.69 -14.94
N PHE B 341 -21.36 -15.19 -16.01
CA PHE B 341 -20.30 -15.99 -16.67
C PHE B 341 -19.20 -15.15 -17.30
N MET B 342 -17.99 -15.72 -17.32
CA MET B 342 -16.82 -15.16 -17.95
C MET B 342 -15.98 -16.22 -18.66
N PHE B 343 -14.91 -15.72 -19.31
CA PHE B 343 -13.92 -16.63 -19.85
C PHE B 343 -12.52 -16.27 -19.41
N PHE B 344 -11.65 -17.24 -19.60
CA PHE B 344 -10.25 -16.99 -19.48
C PHE B 344 -9.63 -17.42 -20.81
N ILE B 345 -8.75 -16.57 -21.35
CA ILE B 345 -8.19 -16.88 -22.62
C ILE B 345 -6.69 -16.85 -22.69
N ILE B 346 -6.13 -17.69 -23.56
CA ILE B 346 -4.74 -17.55 -23.96
C ILE B 346 -4.73 -17.65 -25.46
N ASN B 347 -4.40 -16.55 -26.12
CA ASN B 347 -4.43 -16.52 -27.60
C ASN B 347 -3.07 -16.20 -28.18
N VAL B 348 -2.65 -16.91 -29.21
CA VAL B 348 -1.35 -16.61 -29.77
C VAL B 348 -1.46 -16.49 -31.26
N ASP B 349 -0.57 -15.76 -31.92
CA ASP B 349 -0.46 -16.00 -33.37
C ASP B 349 0.52 -17.17 -33.66
N LEU B 350 0.40 -17.87 -34.77
CA LEU B 350 1.37 -18.91 -35.06
C LEU B 350 2.26 -18.57 -36.24
N THR B 351 3.52 -18.99 -36.18
CA THR B 351 4.38 -19.05 -37.34
C THR B 351 3.98 -20.29 -38.14
N GLU B 352 4.56 -20.47 -39.34
CA GLU B 352 4.31 -21.72 -40.10
C GLU B 352 4.68 -23.00 -39.32
N GLU B 353 5.77 -22.95 -38.57
CA GLU B 353 6.06 -24.05 -37.65
C GLU B 353 4.99 -24.17 -36.54
N GLY B 354 4.66 -23.03 -35.93
CA GLY B 354 3.74 -23.00 -34.84
C GLY B 354 2.47 -23.73 -35.24
N LEU B 355 1.97 -23.45 -36.43
CA LEU B 355 0.82 -24.13 -36.98
C LEU B 355 0.97 -25.63 -37.01
N LEU B 356 2.19 -26.14 -37.26
CA LEU B 356 2.43 -27.60 -37.18
C LEU B 356 2.62 -28.11 -35.75
N HIS B 357 2.67 -27.25 -34.75
CA HIS B 357 2.99 -27.68 -33.42
C HIS B 357 1.96 -27.22 -32.41
N VAL B 358 0.68 -27.23 -32.81
CA VAL B 358 -0.39 -26.76 -31.93
C VAL B 358 -0.53 -27.59 -30.64
N GLU B 359 -0.60 -28.90 -30.81
CA GLU B 359 -0.62 -29.78 -29.67
C GLU B 359 0.52 -29.45 -28.72
N ASP B 360 1.67 -29.12 -29.25
CA ASP B 360 2.81 -28.80 -28.39
C ASP B 360 2.72 -27.46 -27.66
N ILE B 361 2.29 -26.43 -28.40
CA ILE B 361 2.07 -25.13 -27.84
C ILE B 361 1.14 -25.30 -26.63
N ILE B 362 0.04 -26.02 -26.83
CA ILE B 362 -0.94 -26.13 -25.76
C ILE B 362 -0.35 -26.85 -24.54
N LEU B 363 0.42 -27.91 -24.82
CA LEU B 363 1.16 -28.60 -23.76
C LEU B 363 1.97 -27.62 -22.93
N HIS B 364 2.72 -26.77 -23.59
CA HIS B 364 3.52 -25.82 -22.88
C HIS B 364 2.61 -24.91 -22.10
N MET B 365 1.40 -24.65 -22.60
CA MET B 365 0.57 -23.70 -21.91
C MET B 365 0.18 -24.34 -20.59
N PHE B 366 -0.17 -25.60 -20.66
CA PHE B 366 -0.49 -26.26 -19.44
C PHE B 366 0.70 -26.46 -18.52
N GLN B 367 1.88 -26.62 -19.08
CA GLN B 367 3.05 -26.70 -18.22
C GLN B 367 3.25 -25.41 -17.46
N TYR B 368 3.02 -24.27 -18.11
CA TYR B 368 3.19 -23.00 -17.42
C TYR B 368 2.12 -22.86 -16.35
N ILE B 369 0.89 -23.24 -16.69
CA ILE B 369 -0.12 -23.22 -15.68
C ILE B 369 0.33 -24.12 -14.54
N GLN B 370 0.97 -25.25 -14.87
CA GLN B 370 1.27 -26.22 -13.81
C GLN B 370 2.33 -25.64 -12.91
N LYS B 371 3.26 -24.91 -13.52
CA LYS B 371 4.22 -24.16 -12.76
C LYS B 371 3.56 -23.19 -11.77
N LEU B 372 2.44 -22.58 -12.11
CA LEU B 372 1.89 -21.62 -11.15
C LEU B 372 1.29 -22.39 -9.99
N ARG B 373 0.76 -23.56 -10.30
CA ARG B 373 0.16 -24.42 -9.25
C ARG B 373 1.22 -24.85 -8.25
N ALA B 374 2.37 -25.32 -8.76
CA ALA B 374 3.45 -25.81 -7.87
C ALA B 374 4.01 -24.71 -6.98
N GLU B 375 4.08 -23.48 -7.46
CA GLU B 375 4.66 -22.42 -6.66
C GLU B 375 3.61 -21.86 -5.74
N GLY B 376 2.33 -21.99 -6.13
CA GLY B 376 1.23 -21.29 -5.48
C GLY B 376 1.36 -19.76 -5.50
N PRO B 377 0.28 -19.07 -5.06
CA PRO B 377 0.15 -17.60 -5.25
C PRO B 377 1.25 -16.82 -4.58
N GLN B 378 1.70 -15.76 -5.21
CA GLN B 378 2.81 -15.02 -4.72
C GLN B 378 2.36 -13.67 -4.41
N GLU B 379 2.41 -13.37 -3.11
CA GLU B 379 1.96 -12.13 -2.59
C GLU B 379 2.75 -10.97 -3.09
N TRP B 380 4.05 -11.17 -3.26
CA TRP B 380 4.87 -10.02 -3.63
C TRP B 380 4.42 -9.49 -5.00
N VAL B 381 3.99 -10.43 -5.84
CA VAL B 381 3.44 -10.14 -7.14
C VAL B 381 2.18 -9.34 -7.02
N PHE B 382 1.18 -9.87 -6.30
CA PHE B 382 -0.02 -9.11 -5.99
C PHE B 382 0.30 -7.69 -5.47
N GLN B 383 1.21 -7.65 -4.50
CA GLN B 383 1.66 -6.38 -3.92
C GLN B 383 2.24 -5.45 -4.98
N GLU B 384 3.05 -6.00 -5.88
CA GLU B 384 3.70 -5.13 -6.80
C GLU B 384 2.65 -4.53 -7.74
N LEU B 385 1.67 -5.35 -8.19
CA LEU B 385 0.50 -4.81 -8.91
C LEU B 385 -0.24 -3.75 -8.09
N LYS B 386 -0.59 -4.07 -6.85
CA LYS B 386 -1.27 -3.09 -5.97
C LYS B 386 -0.58 -1.71 -6.02
N ASP B 387 0.74 -1.74 -5.92
CA ASP B 387 1.54 -0.56 -5.77
C ASP B 387 1.61 0.28 -7.02
N LEU B 388 1.75 -0.42 -8.16
CA LEU B 388 1.76 0.22 -9.46
C LEU B 388 0.46 0.94 -9.71
N ASN B 389 -0.66 0.25 -9.39
CA ASN B 389 -1.97 0.84 -9.61
C ASN B 389 -2.08 2.07 -8.75
N ALA B 390 -1.54 2.04 -7.53
CA ALA B 390 -1.68 3.19 -6.63
C ALA B 390 -1.03 4.39 -7.27
N VAL B 391 0.12 4.16 -7.90
CA VAL B 391 0.88 5.26 -8.52
C VAL B 391 0.20 5.66 -9.81
N ALA B 392 -0.23 4.68 -10.58
CA ALA B 392 -0.88 4.99 -11.83
C ALA B 392 -2.05 5.93 -11.56
N PHE B 393 -2.88 5.51 -10.59
CA PHE B 393 -4.09 6.25 -10.22
C PHE B 393 -3.74 7.60 -9.66
N ARG B 394 -2.68 7.66 -8.87
CA ARG B 394 -2.27 8.90 -8.32
C ARG B 394 -1.92 9.85 -9.46
N PHE B 395 -1.15 9.40 -10.44
CA PHE B 395 -0.63 10.36 -11.42
C PHE B 395 -1.33 10.33 -12.76
N LYS B 396 -2.57 9.86 -12.78
CA LYS B 396 -3.38 9.62 -14.00
C LYS B 396 -3.42 10.90 -14.82
N ASP B 397 -3.34 10.79 -16.14
CA ASP B 397 -3.65 11.96 -16.95
C ASP B 397 -5.14 12.36 -16.81
N LYS B 398 -5.42 13.66 -16.78
CA LYS B 398 -6.78 14.11 -16.83
C LYS B 398 -7.45 13.66 -18.16
N GLU B 399 -8.63 13.05 -18.07
CA GLU B 399 -9.28 12.41 -19.24
C GLU B 399 -10.08 13.43 -20.04
N ARG B 400 -10.33 13.13 -21.30
CA ARG B 400 -11.26 13.94 -22.13
C ARG B 400 -12.63 13.74 -21.56
N PRO B 401 -13.42 14.82 -21.46
CA PRO B 401 -14.74 14.73 -20.79
C PRO B 401 -15.75 13.68 -21.37
N ARG B 402 -15.91 13.66 -22.71
CA ARG B 402 -16.80 12.70 -23.36
C ARG B 402 -16.56 11.24 -22.97
N GLY B 403 -15.31 10.78 -22.99
CA GLY B 403 -15.00 9.40 -22.71
C GLY B 403 -15.13 9.09 -21.25
N TYR B 404 -14.96 10.12 -20.43
CA TYR B 404 -14.84 9.91 -18.99
C TYR B 404 -16.23 9.79 -18.44
N THR B 405 -17.13 10.66 -18.90
CA THR B 405 -18.53 10.55 -18.46
C THR B 405 -19.10 9.20 -18.91
N SER B 406 -18.79 8.84 -20.15
CA SER B 406 -19.26 7.57 -20.66
C SER B 406 -18.72 6.36 -19.88
N LYS B 407 -17.42 6.37 -19.60
CA LYS B 407 -16.81 5.24 -18.89
C LYS B 407 -17.50 5.18 -17.52
N ILE B 408 -17.50 6.30 -16.81
CA ILE B 408 -18.07 6.31 -15.49
C ILE B 408 -19.56 5.93 -15.49
N ALA B 409 -20.36 6.42 -16.44
CA ALA B 409 -21.73 5.92 -16.46
C ALA B 409 -21.79 4.38 -16.53
N GLY B 410 -20.89 3.74 -17.29
CA GLY B 410 -20.80 2.29 -17.30
C GLY B 410 -20.51 1.72 -15.93
N ILE B 411 -19.54 2.25 -15.18
CA ILE B 411 -19.25 1.52 -13.94
C ILE B 411 -20.07 1.83 -12.69
N LEU B 412 -20.89 2.87 -12.78
CA LEU B 412 -21.84 3.14 -11.72
C LEU B 412 -22.78 1.95 -11.45
N HIS B 413 -22.97 1.08 -12.41
CA HIS B 413 -23.77 -0.06 -12.22
C HIS B 413 -23.04 -1.11 -11.43
N TYR B 414 -21.78 -0.91 -11.06
CA TYR B 414 -21.07 -2.04 -10.46
C TYR B 414 -20.51 -1.79 -9.12
N TYR B 415 -20.47 -0.51 -8.73
CA TYR B 415 -19.73 -0.06 -7.56
C TYR B 415 -20.54 1.01 -6.88
N PRO B 416 -20.53 1.05 -5.54
CA PRO B 416 -21.21 2.18 -4.80
C PRO B 416 -20.69 3.53 -5.27
N LEU B 417 -21.49 4.57 -5.22
CA LEU B 417 -21.09 5.88 -5.69
C LEU B 417 -19.71 6.32 -5.24
N GLU B 418 -19.32 5.93 -4.04
CA GLU B 418 -18.10 6.48 -3.40
C GLU B 418 -16.82 5.85 -3.96
N GLU B 419 -16.96 4.68 -4.60
CA GLU B 419 -15.84 3.94 -5.17
C GLU B 419 -15.74 4.01 -6.68
N VAL B 420 -16.59 4.76 -7.38
CA VAL B 420 -16.55 4.65 -8.83
C VAL B 420 -15.21 5.03 -9.42
N LEU B 421 -14.53 5.96 -8.78
CA LEU B 421 -13.37 6.56 -9.39
C LEU B 421 -12.21 5.66 -9.16
N THR B 422 -12.28 4.81 -8.15
CA THR B 422 -11.13 4.06 -7.75
C THR B 422 -11.24 2.61 -8.15
N ALA B 423 -12.47 2.18 -8.24
CA ALA B 423 -12.82 0.79 -8.51
C ALA B 423 -11.97 0.15 -9.61
N GLU B 424 -11.81 0.81 -10.73
CA GLU B 424 -11.15 0.08 -11.77
C GLU B 424 -9.65 0.23 -11.74
N TYR B 425 -9.21 0.80 -10.63
CA TYR B 425 -7.78 1.02 -10.39
C TYR B 425 -7.23 0.30 -9.22
N LEU B 426 -7.96 0.20 -8.14
CA LEU B 426 -7.25 -0.20 -6.97
C LEU B 426 -7.47 -1.69 -6.73
N LEU B 427 -6.61 -2.21 -5.88
CA LEU B 427 -6.51 -3.60 -5.59
C LEU B 427 -6.42 -3.51 -4.12
N GLU B 428 -6.96 -4.49 -3.46
CA GLU B 428 -7.13 -4.27 -2.05
C GLU B 428 -6.67 -5.43 -1.15
N GLU B 429 -7.22 -6.62 -1.28
CA GLU B 429 -6.71 -7.74 -0.49
C GLU B 429 -6.25 -8.90 -1.38
N PHE B 430 -5.07 -9.41 -1.09
CA PHE B 430 -4.60 -10.59 -1.72
C PHE B 430 -5.50 -11.73 -1.30
N ARG B 431 -6.10 -12.47 -2.23
CA ARG B 431 -6.93 -13.59 -1.82
C ARG B 431 -6.43 -14.87 -2.48
N PRO B 432 -5.42 -15.51 -1.89
CA PRO B 432 -4.81 -16.65 -2.58
C PRO B 432 -5.76 -17.82 -2.86
N ASP B 433 -6.81 -17.92 -2.05
CA ASP B 433 -7.78 -19.02 -2.15
C ASP B 433 -8.59 -18.86 -3.46
N LEU B 434 -8.87 -17.62 -3.86
CA LEU B 434 -9.61 -17.34 -5.06
C LEU B 434 -8.72 -17.47 -6.25
N ILE B 435 -7.45 -17.18 -6.07
CA ILE B 435 -6.51 -17.43 -7.10
C ILE B 435 -6.51 -18.93 -7.33
N GLU B 436 -6.53 -19.76 -6.27
CA GLU B 436 -6.47 -21.22 -6.50
C GLU B 436 -7.78 -21.70 -7.14
N MET B 437 -8.88 -21.06 -6.82
CA MET B 437 -10.12 -21.49 -7.38
C MET B 437 -10.21 -21.28 -8.92
N VAL B 438 -9.62 -20.20 -9.40
CA VAL B 438 -9.67 -19.91 -10.78
C VAL B 438 -8.65 -20.77 -11.52
N LEU B 439 -7.41 -20.83 -11.02
CA LEU B 439 -6.39 -21.69 -11.56
C LEU B 439 -6.87 -23.08 -11.77
N ASP B 440 -7.79 -23.48 -10.94
CA ASP B 440 -8.30 -24.82 -10.92
C ASP B 440 -9.25 -25.07 -12.08
N LYS B 441 -9.82 -24.00 -12.62
CA LYS B 441 -10.68 -24.06 -13.77
C LYS B 441 -9.85 -24.17 -15.07
N LEU B 442 -8.58 -23.78 -15.03
CA LEU B 442 -7.77 -23.78 -16.23
C LEU B 442 -7.19 -25.13 -16.49
N ARG B 443 -8.01 -26.07 -16.92
CA ARG B 443 -7.56 -27.44 -17.01
C ARG B 443 -7.99 -28.10 -18.31
N PRO B 444 -7.18 -29.07 -18.79
CA PRO B 444 -7.43 -29.74 -20.09
C PRO B 444 -8.88 -30.17 -20.27
N GLU B 445 -9.50 -30.79 -19.27
CA GLU B 445 -10.89 -31.18 -19.41
C GLU B 445 -11.94 -30.02 -19.58
N ASN B 446 -11.48 -28.78 -19.39
CA ASN B 446 -12.36 -27.62 -19.39
C ASN B 446 -12.04 -26.69 -20.62
N VAL B 447 -11.39 -27.24 -21.65
CA VAL B 447 -10.81 -26.39 -22.70
C VAL B 447 -11.50 -26.42 -24.04
N ARG B 448 -11.41 -25.30 -24.72
CA ARG B 448 -11.87 -25.14 -26.09
C ARG B 448 -10.74 -24.57 -26.90
N VAL B 449 -10.56 -25.09 -28.13
CA VAL B 449 -9.41 -24.74 -28.89
C VAL B 449 -9.85 -24.40 -30.26
N ALA B 450 -9.38 -23.27 -30.76
CA ALA B 450 -9.73 -22.91 -32.10
C ALA B 450 -8.48 -22.50 -32.88
N ILE B 451 -8.45 -22.87 -34.16
CA ILE B 451 -7.30 -22.62 -34.99
C ILE B 451 -7.75 -21.98 -36.25
N VAL B 452 -7.07 -20.92 -36.64
CA VAL B 452 -7.52 -20.13 -37.76
C VAL B 452 -6.38 -20.15 -38.78
N SER B 453 -6.67 -20.59 -40.01
CA SER B 453 -5.62 -20.76 -40.99
C SER B 453 -6.17 -21.02 -42.35
N LYS B 454 -5.59 -20.37 -43.34
CA LYS B 454 -5.94 -20.61 -44.74
C LYS B 454 -5.83 -22.06 -45.17
N SER B 455 -4.98 -22.81 -44.52
CA SER B 455 -4.82 -24.19 -44.91
C SER B 455 -6.05 -25.08 -44.60
N PHE B 456 -7.17 -24.53 -44.14
CA PHE B 456 -8.34 -25.37 -43.89
C PHE B 456 -9.31 -25.13 -45.00
N GLU B 457 -8.96 -24.20 -45.87
CA GLU B 457 -9.77 -23.97 -47.07
C GLU B 457 -10.04 -25.31 -47.80
N GLY B 458 -11.33 -25.55 -48.08
CA GLY B 458 -11.74 -26.76 -48.72
C GLY B 458 -11.77 -27.96 -47.80
N LYS B 459 -11.56 -27.80 -46.50
CA LYS B 459 -11.50 -28.96 -45.60
C LYS B 459 -12.44 -28.84 -44.44
N THR B 460 -13.30 -27.83 -44.51
CA THR B 460 -14.32 -27.54 -43.49
C THR B 460 -15.71 -27.98 -43.95
N ASP B 461 -16.61 -28.28 -43.00
CA ASP B 461 -17.91 -28.75 -43.35
C ASP B 461 -19.12 -28.03 -42.77
N ARG B 462 -18.88 -26.98 -41.97
CA ARG B 462 -19.96 -26.16 -41.40
C ARG B 462 -19.84 -24.75 -41.78
N THR B 463 -20.94 -24.01 -41.63
CA THR B 463 -20.99 -22.58 -42.03
C THR B 463 -21.75 -21.77 -41.04
N GLU B 464 -21.16 -20.74 -40.45
CA GLU B 464 -21.90 -19.93 -39.46
C GLU B 464 -22.90 -19.06 -40.16
N GLU B 465 -24.07 -19.00 -39.57
CA GLU B 465 -25.28 -18.40 -40.15
C GLU B 465 -25.11 -16.94 -40.58
N TRP B 466 -24.62 -16.08 -39.71
CA TRP B 466 -24.65 -14.63 -39.93
C TRP B 466 -23.50 -13.98 -40.66
N TYR B 467 -22.35 -14.64 -40.69
CA TYR B 467 -21.15 -14.12 -41.32
C TYR B 467 -20.75 -15.05 -42.46
N GLY B 468 -21.18 -16.31 -42.44
CA GLY B 468 -20.79 -17.27 -43.49
C GLY B 468 -19.48 -18.00 -43.23
N THR B 469 -18.91 -17.82 -42.05
CA THR B 469 -17.62 -18.35 -41.68
C THR B 469 -17.63 -19.82 -41.87
N GLN B 470 -16.58 -20.30 -42.56
CA GLN B 470 -16.36 -21.71 -42.83
C GLN B 470 -15.55 -22.45 -41.75
N TYR B 471 -16.09 -23.50 -41.17
CA TYR B 471 -15.31 -24.17 -40.18
C TYR B 471 -15.69 -25.62 -40.03
N LYS B 472 -15.05 -26.25 -39.06
CA LYS B 472 -15.18 -27.66 -38.81
C LYS B 472 -15.02 -27.78 -37.29
N GLN B 473 -15.63 -28.81 -36.72
CA GLN B 473 -15.57 -29.03 -35.31
C GLN B 473 -15.35 -30.54 -34.98
N GLU B 474 -14.54 -30.82 -33.98
CA GLU B 474 -14.13 -32.18 -33.69
C GLU B 474 -13.99 -32.23 -32.20
N ALA B 475 -14.21 -33.42 -31.65
CA ALA B 475 -13.85 -33.66 -30.25
C ALA B 475 -12.32 -33.77 -30.14
N ILE B 476 -11.68 -33.11 -29.20
CA ILE B 476 -10.30 -33.39 -28.93
C ILE B 476 -10.21 -34.81 -28.38
N PRO B 477 -9.34 -35.66 -28.93
CA PRO B 477 -9.28 -37.07 -28.46
C PRO B 477 -8.72 -37.18 -27.05
N ASP B 478 -9.28 -38.12 -26.26
CA ASP B 478 -8.77 -38.37 -24.91
C ASP B 478 -7.28 -38.51 -24.79
N GLU B 479 -6.63 -39.20 -25.74
CA GLU B 479 -5.18 -39.34 -25.61
C GLU B 479 -4.54 -37.92 -25.53
N VAL B 480 -5.14 -36.96 -26.26
CA VAL B 480 -4.57 -35.61 -26.24
C VAL B 480 -4.81 -34.90 -24.89
N ILE B 481 -6.04 -34.99 -24.38
CA ILE B 481 -6.36 -34.50 -23.05
C ILE B 481 -5.48 -35.14 -21.98
N LYS B 482 -5.25 -36.47 -22.03
CA LYS B 482 -4.56 -37.11 -20.91
C LYS B 482 -3.17 -36.55 -20.97
N LYS B 483 -2.64 -36.47 -22.18
CA LYS B 483 -1.25 -36.05 -22.34
C LYS B 483 -1.08 -34.63 -21.76
N TRP B 484 -2.06 -33.74 -21.97
CA TRP B 484 -2.00 -32.38 -21.40
C TRP B 484 -2.24 -32.32 -19.89
N GLN B 485 -3.18 -33.13 -19.38
CA GLN B 485 -3.35 -33.36 -17.93
C GLN B 485 -2.07 -33.77 -17.20
N ASN B 486 -1.08 -34.34 -17.91
CA ASN B 486 0.15 -34.80 -17.24
C ASN B 486 1.28 -33.86 -17.39
N ALA B 487 1.01 -32.61 -17.79
CA ALA B 487 2.11 -31.68 -18.01
C ALA B 487 3.02 -31.63 -16.77
N ASP B 488 4.29 -32.01 -16.93
CA ASP B 488 5.28 -31.98 -15.83
C ASP B 488 5.82 -30.56 -15.82
N LEU B 489 6.67 -30.23 -14.85
CA LEU B 489 7.33 -28.91 -14.94
C LEU B 489 8.39 -28.84 -16.05
N ASN B 490 8.77 -27.62 -16.43
CA ASN B 490 9.67 -27.34 -17.53
C ASN B 490 10.52 -26.14 -17.15
N GLY B 491 11.82 -26.37 -17.01
CA GLY B 491 12.73 -25.38 -16.46
C GLY B 491 12.92 -24.13 -17.29
N LYS B 492 12.16 -23.99 -18.36
CA LYS B 492 12.29 -22.77 -19.10
C LYS B 492 11.31 -21.74 -18.54
N PHE B 493 10.41 -22.20 -17.65
CA PHE B 493 9.36 -21.34 -17.06
C PHE B 493 9.61 -20.91 -15.63
N LYS B 494 9.81 -19.62 -15.46
CA LYS B 494 10.09 -19.02 -14.17
C LYS B 494 9.03 -17.95 -13.97
N LEU B 495 8.72 -17.62 -12.73
CA LEU B 495 7.96 -16.44 -12.47
C LEU B 495 8.78 -15.21 -12.85
N PRO B 496 8.11 -14.08 -13.06
CA PRO B 496 8.93 -12.92 -13.39
C PRO B 496 9.69 -12.56 -12.18
N THR B 497 10.75 -11.81 -12.35
CA THR B 497 11.53 -11.34 -11.26
C THR B 497 10.94 -9.97 -10.96
N LYS B 498 11.38 -9.36 -9.86
CA LYS B 498 10.89 -8.09 -9.43
C LYS B 498 11.12 -7.00 -10.47
N ASN B 499 10.11 -6.20 -10.73
CA ASN B 499 10.17 -5.26 -11.81
C ASN B 499 11.09 -4.13 -11.40
N GLU B 500 12.23 -3.96 -12.08
CA GLU B 500 13.17 -2.88 -11.67
C GLU B 500 12.82 -1.53 -12.27
N PHE B 501 11.81 -1.43 -13.11
CA PHE B 501 11.55 -0.16 -13.75
C PHE B 501 10.58 0.64 -12.99
N ILE B 502 10.05 0.07 -11.94
CA ILE B 502 9.11 0.81 -11.09
C ILE B 502 9.66 2.19 -10.77
N PRO B 503 8.95 3.24 -11.14
CA PRO B 503 9.45 4.59 -10.82
C PRO B 503 9.39 4.87 -9.32
N THR B 504 10.33 5.66 -8.79
CA THR B 504 10.28 6.05 -7.37
C THR B 504 10.61 7.50 -7.20
N ASN B 505 10.86 8.22 -8.26
CA ASN B 505 11.15 9.63 -8.08
C ASN B 505 10.09 10.45 -8.78
N PHE B 506 9.20 11.06 -8.00
CA PHE B 506 8.11 11.84 -8.55
C PHE B 506 8.30 13.29 -8.31
N GLU B 507 9.51 13.68 -7.97
CA GLU B 507 9.75 15.09 -7.72
C GLU B 507 9.35 15.94 -8.94
N ILE B 508 8.46 16.89 -8.75
CA ILE B 508 8.28 17.84 -9.84
C ILE B 508 9.33 18.94 -9.74
N LEU B 509 10.22 19.03 -10.71
CA LEU B 509 11.21 20.15 -10.75
C LEU B 509 10.55 21.52 -10.84
N PRO B 510 11.05 22.49 -10.05
CA PRO B 510 10.48 23.86 -10.12
C PRO B 510 10.69 24.49 -11.49
N LEU B 511 9.70 25.27 -11.88
CA LEU B 511 9.71 25.99 -13.12
C LEU B 511 10.85 27.03 -13.23
N GLU B 512 11.77 26.81 -14.18
CA GLU B 512 12.96 27.67 -14.38
C GLU B 512 12.66 29.13 -14.74
N LYS B 513 13.58 30.04 -14.41
CA LYS B 513 13.41 31.50 -14.71
C LYS B 513 13.16 31.72 -16.22
N GLU B 514 14.04 31.14 -17.05
CA GLU B 514 13.97 31.22 -18.51
C GLU B 514 12.93 30.22 -19.18
N ALA B 515 11.78 29.98 -18.56
CA ALA B 515 10.77 29.06 -19.13
C ALA B 515 9.87 29.75 -20.15
N THR B 516 9.52 28.99 -21.18
CA THR B 516 8.77 29.51 -22.31
C THR B 516 7.43 28.81 -22.41
N PRO B 517 6.36 29.53 -22.84
CA PRO B 517 5.01 28.99 -23.03
C PRO B 517 4.96 27.92 -24.13
N TYR B 518 5.81 28.09 -25.15
CA TYR B 518 5.86 27.21 -26.29
C TYR B 518 7.23 26.63 -26.35
N PRO B 519 7.46 25.65 -27.24
CA PRO B 519 8.82 25.06 -27.17
C PRO B 519 9.86 25.99 -27.76
N ALA B 520 11.05 25.93 -27.19
CA ALA B 520 12.15 26.71 -27.70
C ALA B 520 13.18 25.83 -28.37
N LEU B 521 13.79 26.39 -29.40
CA LEU B 521 14.83 25.67 -30.09
C LEU B 521 16.08 25.96 -29.31
N ILE B 522 16.69 24.96 -28.70
CA ILE B 522 17.78 25.22 -27.76
C ILE B 522 19.09 24.54 -28.18
N LYS B 523 19.10 23.94 -29.37
CA LYS B 523 20.30 23.36 -29.94
C LYS B 523 20.00 23.19 -31.41
N ASP B 524 20.90 23.69 -32.26
CA ASP B 524 20.66 23.82 -33.73
C ASP B 524 21.97 23.50 -34.43
N THR B 525 22.41 22.27 -34.38
CA THR B 525 23.64 21.98 -35.05
C THR B 525 23.27 21.27 -36.33
N ALA B 526 24.27 20.75 -37.02
CA ALA B 526 24.07 20.12 -38.29
C ALA B 526 23.47 18.80 -37.98
N MET B 527 23.71 18.33 -36.77
CA MET B 527 23.38 16.97 -36.45
C MET B 527 22.00 16.94 -35.78
N SER B 528 21.62 18.00 -35.06
CA SER B 528 20.35 17.92 -34.43
C SER B 528 19.77 19.23 -34.07
N LYS B 529 18.47 19.35 -34.34
CA LYS B 529 17.65 20.42 -33.88
C LYS B 529 16.88 19.92 -32.64
N LEU B 530 16.98 20.65 -31.54
CA LEU B 530 16.32 20.24 -30.33
C LEU B 530 15.32 21.29 -29.85
N TRP B 531 14.03 20.93 -29.90
CA TRP B 531 13.02 21.77 -29.32
C TRP B 531 12.74 21.25 -27.92
N PHE B 532 12.49 22.19 -27.00
CA PHE B 532 12.31 21.84 -25.63
C PHE B 532 11.32 22.75 -24.94
N LYS B 533 10.52 22.18 -24.05
CA LYS B 533 9.65 22.95 -23.16
C LYS B 533 9.39 22.19 -21.86
N GLN B 534 9.64 22.83 -20.73
CA GLN B 534 9.28 22.30 -19.41
C GLN B 534 7.79 22.46 -19.22
N ASP B 535 7.14 21.38 -18.80
CA ASP B 535 5.70 21.38 -18.58
C ASP B 535 5.31 22.56 -17.68
N ASP B 536 4.44 23.44 -18.14
CA ASP B 536 3.93 24.44 -17.22
C ASP B 536 2.44 24.31 -16.94
N LYS B 537 1.85 23.17 -17.20
CA LYS B 537 0.42 23.05 -17.05
C LYS B 537 0.01 21.85 -16.19
N PHE B 538 0.72 20.72 -16.28
CA PHE B 538 0.16 19.50 -15.70
C PHE B 538 0.81 19.09 -14.43
N PHE B 539 2.10 19.33 -14.27
CA PHE B 539 2.78 19.03 -13.01
C PHE B 539 2.67 17.60 -12.64
N LEU B 540 2.72 16.72 -13.63
CA LEU B 540 2.85 15.31 -13.34
C LEU B 540 4.29 14.81 -13.60
N PRO B 541 4.77 13.81 -12.83
CA PRO B 541 6.17 13.36 -12.93
C PRO B 541 6.43 12.53 -14.22
N LYS B 542 6.26 13.20 -15.35
CA LYS B 542 6.16 12.51 -16.63
C LYS B 542 6.80 13.32 -17.73
N ALA B 543 7.26 12.66 -18.78
CA ALA B 543 7.84 13.39 -19.92
C ALA B 543 7.63 12.70 -21.26
N ASN B 544 7.59 13.51 -22.31
CA ASN B 544 7.52 13.02 -23.66
C ASN B 544 8.76 13.38 -24.42
N LEU B 545 9.39 12.35 -24.98
CA LEU B 545 10.62 12.53 -25.68
C LEU B 545 10.50 12.12 -27.16
N ASN B 546 10.52 13.06 -28.07
CA ASN B 546 10.23 12.69 -29.45
C ASN B 546 11.37 13.00 -30.35
N PHE B 547 11.68 12.03 -31.21
CA PHE B 547 12.81 12.10 -32.11
C PHE B 547 12.42 11.71 -33.49
N GLU B 548 12.58 12.63 -34.45
CA GLU B 548 12.59 12.22 -35.89
C GLU B 548 14.04 12.10 -36.33
N PHE B 549 14.41 10.95 -36.87
CA PHE B 549 15.74 10.73 -37.46
C PHE B 549 15.60 10.67 -38.97
N PHE B 550 16.17 11.64 -39.71
CA PHE B 550 16.21 11.59 -41.18
C PHE B 550 17.35 10.78 -41.79
N SER B 551 17.05 9.97 -42.78
CA SER B 551 18.06 9.42 -43.63
C SER B 551 17.44 9.24 -44.96
N PRO B 552 18.15 9.61 -46.01
CA PRO B 552 17.53 9.43 -47.36
C PRO B 552 17.39 7.97 -47.72
N PHE B 553 18.11 7.11 -46.99
CA PHE B 553 18.08 5.66 -47.21
C PHE B 553 16.90 4.89 -46.66
N ALA B 554 16.01 5.60 -45.99
CA ALA B 554 14.90 4.91 -45.37
C ALA B 554 13.85 4.57 -46.46
N TYR B 555 13.74 5.42 -47.47
CA TYR B 555 12.71 5.28 -48.47
C TYR B 555 13.22 5.42 -49.93
N VAL B 556 14.53 5.24 -50.10
CA VAL B 556 15.13 5.49 -51.39
C VAL B 556 14.48 4.60 -52.39
N ASP B 557 14.11 3.40 -52.00
CA ASP B 557 13.46 2.50 -52.91
C ASP B 557 12.67 1.49 -52.12
N PRO B 558 11.87 0.65 -52.78
CA PRO B 558 11.06 -0.31 -52.06
C PRO B 558 11.81 -1.23 -51.14
N LEU B 559 12.95 -1.72 -51.60
CA LEU B 559 13.73 -2.68 -50.88
C LEU B 559 14.19 -2.03 -49.56
N HIS B 560 14.56 -0.77 -49.66
CA HIS B 560 15.02 -0.03 -48.55
C HIS B 560 13.90 0.34 -47.55
N SER B 561 12.69 0.58 -48.02
CA SER B 561 11.59 0.69 -47.09
C SER B 561 11.39 -0.62 -46.37
N ASN B 562 11.38 -1.71 -47.13
CA ASN B 562 11.22 -3.01 -46.50
C ASN B 562 12.26 -3.21 -45.41
N MET B 563 13.42 -2.63 -45.60
CA MET B 563 14.49 -2.96 -44.75
C MET B 563 14.39 -2.08 -43.54
N ALA B 564 14.03 -0.82 -43.74
CA ALA B 564 13.84 0.05 -42.66
C ALA B 564 12.75 -0.60 -41.77
N TYR B 565 11.59 -0.92 -42.36
CA TYR B 565 10.58 -1.61 -41.60
C TYR B 565 11.12 -2.84 -40.85
N LEU B 566 11.80 -3.75 -41.54
CA LEU B 566 12.21 -5.01 -40.91
C LEU B 566 13.19 -4.78 -39.76
N TYR B 567 14.01 -3.78 -39.99
CA TYR B 567 15.04 -3.49 -39.06
C TYR B 567 14.37 -3.11 -37.72
N LEU B 568 13.48 -2.13 -37.71
CA LEU B 568 12.80 -1.71 -36.50
C LEU B 568 11.94 -2.82 -35.92
N GLU B 569 11.33 -3.66 -36.76
CA GLU B 569 10.50 -4.71 -36.21
C GLU B 569 11.40 -5.64 -35.47
N LEU B 570 12.60 -5.87 -36.00
CA LEU B 570 13.47 -6.88 -35.40
C LEU B 570 14.05 -6.35 -34.15
N LEU B 571 14.35 -5.06 -34.16
CA LEU B 571 14.88 -4.41 -33.02
C LEU B 571 13.88 -4.45 -31.85
N LYS B 572 12.63 -4.06 -32.06
CA LYS B 572 11.55 -4.22 -31.08
C LYS B 572 11.36 -5.64 -30.64
N ASP B 573 11.40 -6.56 -31.58
CA ASP B 573 11.25 -7.94 -31.21
C ASP B 573 12.32 -8.28 -30.21
N SER B 574 13.50 -7.73 -30.36
CA SER B 574 14.54 -8.16 -29.48
C SER B 574 14.59 -7.34 -28.17
N LEU B 575 14.18 -6.06 -28.16
CA LEU B 575 14.01 -5.32 -26.95
C LEU B 575 12.78 -5.75 -26.17
N ASN B 576 11.89 -6.52 -26.79
CA ASN B 576 10.65 -6.82 -26.12
C ASN B 576 10.74 -7.40 -24.65
N GLU B 577 11.50 -8.48 -24.45
CA GLU B 577 11.57 -9.01 -23.11
C GLU B 577 12.02 -7.99 -22.10
N TYR B 578 12.81 -7.04 -22.50
CA TYR B 578 13.31 -6.05 -21.57
C TYR B 578 12.32 -4.92 -21.36
N ALA B 579 11.64 -4.47 -22.40
CA ALA B 579 10.82 -3.25 -22.30
C ALA B 579 9.43 -3.53 -21.73
N TYR B 580 9.10 -4.81 -21.64
CA TYR B 580 7.76 -5.14 -21.21
C TYR B 580 7.60 -4.65 -19.76
N ALA B 581 8.58 -4.95 -18.91
CA ALA B 581 8.59 -4.48 -17.56
C ALA B 581 8.47 -2.98 -17.54
N ALA B 582 9.20 -2.31 -18.42
CA ALA B 582 9.12 -0.86 -18.39
C ALA B 582 7.69 -0.39 -18.66
N GLU B 583 7.00 -1.08 -19.55
CA GLU B 583 5.68 -0.64 -19.95
C GLU B 583 4.69 -0.89 -18.79
N LEU B 584 4.80 -2.04 -18.13
CA LEU B 584 4.07 -2.29 -16.90
C LEU B 584 4.27 -1.16 -15.92
N ALA B 585 5.47 -0.62 -15.89
CA ALA B 585 5.79 0.41 -14.93
C ALA B 585 5.48 1.78 -15.45
N GLY B 586 4.68 1.93 -16.50
CA GLY B 586 4.28 3.27 -16.90
C GLY B 586 5.32 4.01 -17.73
N LEU B 587 6.31 3.29 -18.21
CA LEU B 587 7.30 3.87 -19.12
C LEU B 587 7.22 3.22 -20.50
N SER B 588 6.92 3.97 -21.54
CA SER B 588 6.85 3.26 -22.79
C SER B 588 7.43 3.90 -24.04
N TYR B 589 7.44 3.10 -25.10
CA TYR B 589 8.02 3.63 -26.31
C TYR B 589 7.42 3.15 -27.60
N ASP B 590 7.68 3.96 -28.60
CA ASP B 590 7.20 3.78 -29.91
C ASP B 590 8.38 4.00 -30.90
N LEU B 591 8.58 3.04 -31.79
CA LEU B 591 9.67 3.09 -32.75
C LEU B 591 9.11 2.62 -34.07
N GLN B 592 9.03 3.52 -35.04
CA GLN B 592 8.61 3.11 -36.38
C GLN B 592 9.30 3.82 -37.51
N ASN B 593 9.36 3.15 -38.68
CA ASN B 593 9.97 3.79 -39.87
C ASN B 593 9.00 4.74 -40.55
N THR B 594 9.57 5.74 -41.19
CA THR B 594 8.83 6.80 -41.83
C THR B 594 9.29 6.89 -43.26
N ILE B 595 8.58 7.67 -44.03
CA ILE B 595 9.05 7.97 -45.36
C ILE B 595 10.33 8.85 -45.30
N TYR B 596 10.62 9.52 -44.18
CA TYR B 596 11.89 10.25 -44.08
C TYR B 596 13.02 9.56 -43.27
N GLY B 597 12.77 8.37 -42.75
CA GLY B 597 13.67 7.71 -41.79
C GLY B 597 12.79 7.24 -40.63
N MET B 598 13.32 7.26 -39.41
CA MET B 598 12.75 6.63 -38.22
C MET B 598 12.08 7.57 -37.27
N TYR B 599 11.12 7.06 -36.53
CA TYR B 599 10.53 7.86 -35.50
C TYR B 599 10.61 7.12 -34.18
N LEU B 600 10.98 7.85 -33.13
CA LEU B 600 11.04 7.24 -31.82
C LEU B 600 10.50 8.16 -30.80
N SER B 601 9.76 7.54 -29.88
CA SER B 601 9.13 8.28 -28.82
C SER B 601 9.17 7.54 -27.52
N VAL B 602 9.56 8.25 -26.49
CA VAL B 602 9.56 7.66 -25.17
C VAL B 602 8.65 8.51 -24.32
N LYS B 603 7.69 7.85 -23.67
CA LYS B 603 6.63 8.53 -22.92
C LYS B 603 6.45 7.91 -21.51
N GLY B 604 6.01 8.68 -20.53
CA GLY B 604 5.75 8.06 -19.23
C GLY B 604 6.47 8.74 -18.09
N TYR B 605 6.65 8.05 -16.97
CA TYR B 605 7.33 8.68 -15.86
C TYR B 605 8.74 9.05 -16.24
N ASN B 606 9.18 10.23 -15.84
CA ASN B 606 10.41 10.71 -16.35
C ASN B 606 11.53 9.97 -15.71
N ASP B 607 11.33 9.52 -14.47
CA ASP B 607 12.36 8.88 -13.65
C ASP B 607 13.34 7.92 -14.33
N LYS B 608 12.86 6.89 -15.00
CA LYS B 608 13.78 5.91 -15.59
C LYS B 608 13.86 6.03 -17.10
N GLN B 609 13.31 7.11 -17.62
CA GLN B 609 13.37 7.37 -19.07
C GLN B 609 14.78 7.28 -19.68
N PRO B 610 15.77 7.94 -19.08
CA PRO B 610 17.09 7.85 -19.69
C PRO B 610 17.61 6.40 -19.82
N ILE B 611 17.42 5.58 -18.81
CA ILE B 611 17.93 4.21 -18.90
C ILE B 611 17.32 3.58 -20.14
N LEU B 612 16.01 3.71 -20.31
CA LEU B 612 15.36 3.00 -21.38
C LEU B 612 15.79 3.57 -22.74
N LEU B 613 15.67 4.88 -22.85
CA LEU B 613 16.15 5.57 -24.01
C LEU B 613 17.55 5.14 -24.36
N LYS B 614 18.44 5.06 -23.37
CA LYS B 614 19.80 4.77 -23.70
C LYS B 614 19.89 3.37 -24.25
N LYS B 615 19.10 2.46 -23.67
CA LYS B 615 19.14 1.08 -24.10
C LYS B 615 18.70 0.98 -25.57
N ILE B 616 17.78 1.85 -25.96
CA ILE B 616 17.20 1.74 -27.29
C ILE B 616 18.25 2.19 -28.33
N ILE B 617 18.80 3.39 -28.13
CA ILE B 617 19.78 3.93 -29.03
C ILE B 617 20.95 3.03 -29.10
N GLU B 618 21.38 2.51 -27.98
CA GLU B 618 22.57 1.72 -28.13
C GLU B 618 22.29 0.36 -28.75
N LYS B 619 21.10 -0.15 -28.55
CA LYS B 619 20.74 -1.41 -29.19
C LYS B 619 20.54 -1.20 -30.70
N MET B 620 20.13 0.00 -31.07
CA MET B 620 19.83 0.21 -32.46
C MET B 620 21.10 0.40 -33.26
N ALA B 621 22.16 0.85 -32.58
CA ALA B 621 23.47 1.02 -33.23
C ALA B 621 24.44 -0.17 -33.11
N THR B 622 24.11 -1.22 -32.37
CA THR B 622 25.09 -2.30 -32.12
C THR B 622 24.35 -3.55 -32.40
N PHE B 623 23.26 -3.40 -33.11
CA PHE B 623 22.29 -4.46 -33.29
C PHE B 623 22.79 -5.69 -34.10
N GLU B 624 22.71 -6.89 -33.51
CA GLU B 624 22.80 -8.12 -34.33
C GLU B 624 21.60 -9.07 -34.35
N ILE B 625 21.25 -9.45 -35.57
CA ILE B 625 19.97 -10.01 -35.93
C ILE B 625 19.91 -11.51 -35.72
N ASP B 626 18.85 -12.03 -35.13
CA ASP B 626 18.77 -13.47 -35.11
C ASP B 626 18.20 -13.97 -36.46
N GLU B 627 18.89 -14.93 -37.08
CA GLU B 627 18.40 -15.47 -38.32
C GLU B 627 16.95 -16.04 -38.21
N LYS B 628 16.67 -16.95 -37.28
CA LYS B 628 15.31 -17.47 -37.12
C LYS B 628 14.31 -16.28 -36.94
N ARG B 629 14.63 -15.31 -36.09
CA ARG B 629 13.74 -14.10 -35.96
C ARG B 629 13.44 -13.40 -37.30
N PHE B 630 14.50 -13.13 -38.06
CA PHE B 630 14.44 -12.57 -39.38
C PHE B 630 13.51 -13.31 -40.29
N GLU B 631 13.63 -14.64 -40.42
CA GLU B 631 12.77 -15.37 -41.35
C GLU B 631 11.30 -15.20 -40.92
N ILE B 632 11.08 -15.22 -39.62
CA ILE B 632 9.74 -15.27 -39.11
C ILE B 632 8.97 -13.98 -39.40
N ILE B 633 9.69 -12.90 -39.18
CA ILE B 633 9.14 -11.59 -39.32
C ILE B 633 9.00 -11.17 -40.77
N LYS B 634 9.88 -11.66 -41.64
CA LYS B 634 9.73 -11.39 -43.05
C LYS B 634 8.47 -12.07 -43.51
N GLU B 635 8.26 -13.28 -43.06
CA GLU B 635 7.12 -13.97 -43.55
C GLU B 635 5.82 -13.24 -43.13
N ALA B 636 5.78 -12.74 -41.88
CA ALA B 636 4.61 -12.14 -41.27
C ALA B 636 4.36 -10.79 -41.94
N TYR B 637 5.45 -10.12 -42.30
CA TYR B 637 5.38 -8.90 -43.12
C TYR B 637 4.88 -9.14 -44.58
N MET B 638 5.29 -10.26 -45.17
CA MET B 638 4.81 -10.59 -46.49
C MET B 638 3.29 -10.69 -46.36
N ARG B 639 2.83 -11.55 -45.42
CA ARG B 639 1.39 -11.70 -45.18
C ARG B 639 0.72 -10.34 -44.96
N SER B 640 1.30 -9.55 -44.12
CA SER B 640 0.70 -8.31 -43.81
C SER B 640 0.48 -7.39 -45.03
N LEU B 641 1.44 -7.37 -45.94
CA LEU B 641 1.25 -6.71 -47.22
C LEU B 641 0.13 -7.33 -48.07
N ASN B 642 -0.01 -8.65 -48.24
CA ASN B 642 -1.13 -9.15 -49.02
C ASN B 642 -2.43 -8.84 -48.30
N ASN B 643 -2.50 -9.07 -46.99
CA ASN B 643 -3.72 -8.83 -46.28
C ASN B 643 -4.30 -7.46 -46.57
N PHE B 644 -3.55 -6.54 -47.14
CA PHE B 644 -4.20 -5.28 -47.38
C PHE B 644 -5.41 -5.37 -48.36
N ARG B 645 -5.40 -6.39 -49.23
CA ARG B 645 -6.50 -6.62 -50.14
C ARG B 645 -7.83 -6.91 -49.41
N ALA B 646 -7.77 -7.35 -48.14
CA ALA B 646 -8.98 -7.53 -47.33
C ALA B 646 -9.39 -6.32 -46.47
N GLU B 647 -8.65 -5.22 -46.55
CA GLU B 647 -9.11 -4.03 -45.87
C GLU B 647 -10.35 -3.50 -46.58
N GLN B 648 -11.04 -2.64 -45.87
CA GLN B 648 -12.28 -2.03 -46.33
C GLN B 648 -12.17 -1.11 -47.60
N PRO B 649 -13.22 -1.04 -48.42
CA PRO B 649 -13.19 -0.13 -49.60
C PRO B 649 -12.81 1.31 -49.33
N HIS B 650 -13.30 1.91 -48.25
CA HIS B 650 -13.00 3.33 -48.01
C HIS B 650 -11.55 3.45 -47.59
N GLN B 651 -11.07 2.41 -46.92
CA GLN B 651 -9.65 2.33 -46.61
C GLN B 651 -8.81 2.25 -47.90
N HIS B 652 -9.21 1.41 -48.87
CA HIS B 652 -8.56 1.39 -50.20
C HIS B 652 -8.64 2.75 -50.86
N ALA B 653 -9.78 3.41 -50.78
CA ALA B 653 -9.88 4.70 -51.44
C ALA B 653 -8.87 5.69 -50.88
N MET B 654 -8.74 5.72 -49.57
CA MET B 654 -7.81 6.65 -48.89
C MET B 654 -6.36 6.35 -49.32
N TYR B 655 -6.06 5.06 -49.46
CA TYR B 655 -4.73 4.63 -49.77
C TYR B 655 -4.38 5.11 -51.19
N TYR B 656 -5.16 4.69 -52.19
CA TYR B 656 -4.96 5.18 -53.55
C TYR B 656 -4.84 6.67 -53.68
N LEU B 657 -5.67 7.43 -52.99
CA LEU B 657 -5.51 8.89 -53.04
C LEU B 657 -4.12 9.34 -52.52
N ARG B 658 -3.66 8.72 -51.43
CA ARG B 658 -2.39 9.10 -50.87
C ARG B 658 -1.32 8.80 -51.94
N LEU B 659 -1.48 7.71 -52.68
CA LEU B 659 -0.47 7.36 -53.64
C LEU B 659 -0.55 8.34 -54.76
N LEU B 660 -1.75 8.78 -55.15
CA LEU B 660 -1.83 9.61 -56.32
C LEU B 660 -1.30 11.00 -56.04
N MET B 661 -1.36 11.47 -54.80
CA MET B 661 -1.19 12.88 -54.64
C MET B 661 0.16 13.22 -54.12
N THR B 662 0.90 12.21 -53.66
CA THR B 662 2.27 12.46 -53.19
C THR B 662 3.34 12.11 -54.20
N GLU B 663 4.39 12.95 -54.20
CA GLU B 663 5.47 12.91 -55.13
C GLU B 663 6.15 11.55 -55.22
N VAL B 664 6.46 11.00 -54.07
CA VAL B 664 7.07 9.69 -54.02
C VAL B 664 6.35 8.85 -52.97
N ALA B 665 5.89 7.67 -53.39
CA ALA B 665 5.15 6.73 -52.57
C ALA B 665 5.34 5.34 -53.12
N TRP B 666 5.78 4.39 -52.33
CA TRP B 666 5.88 3.03 -52.82
C TRP B 666 4.60 2.30 -52.51
N THR B 667 4.08 1.57 -53.48
CA THR B 667 2.84 0.88 -53.28
C THR B 667 3.12 -0.43 -52.53
N LYS B 668 2.08 -1.02 -51.95
CA LYS B 668 2.14 -2.37 -51.40
C LYS B 668 2.66 -3.38 -52.40
N ASP B 669 2.28 -3.29 -53.67
CA ASP B 669 2.75 -4.32 -54.65
C ASP B 669 4.24 -4.17 -54.93
N GLU B 670 4.69 -2.92 -55.07
CA GLU B 670 6.10 -2.60 -55.15
C GLU B 670 6.84 -3.20 -53.93
N LEU B 671 6.38 -2.90 -52.72
CA LEU B 671 6.99 -3.48 -51.54
C LEU B 671 6.93 -5.00 -51.52
N LYS B 672 5.79 -5.59 -51.84
CA LYS B 672 5.66 -7.05 -51.83
C LYS B 672 6.69 -7.71 -52.78
N GLU B 673 6.91 -7.09 -53.94
CA GLU B 673 7.82 -7.62 -54.96
C GLU B 673 9.23 -7.52 -54.49
N ALA B 674 9.66 -6.34 -54.06
CA ALA B 674 11.00 -6.10 -53.52
C ALA B 674 11.35 -6.92 -52.27
N LEU B 675 10.34 -7.38 -51.55
CA LEU B 675 10.55 -8.17 -50.36
C LEU B 675 11.16 -9.55 -50.61
N ASP B 676 10.66 -10.33 -51.60
CA ASP B 676 11.29 -11.65 -51.90
C ASP B 676 12.85 -11.49 -52.04
N ASP B 677 13.34 -10.37 -52.55
CA ASP B 677 14.78 -9.98 -52.49
C ASP B 677 15.50 -9.52 -51.19
N VAL B 678 14.83 -9.39 -50.04
CA VAL B 678 15.56 -8.92 -48.80
C VAL B 678 16.28 -10.12 -48.18
N THR B 679 17.57 -9.98 -47.90
CA THR B 679 18.33 -11.12 -47.32
C THR B 679 19.01 -10.68 -46.04
N LEU B 680 19.35 -11.67 -45.21
CA LEU B 680 20.11 -11.37 -43.99
C LEU B 680 21.31 -10.50 -44.29
N PRO B 681 22.17 -10.91 -45.25
CA PRO B 681 23.35 -10.08 -45.55
C PRO B 681 22.97 -8.70 -46.01
N ARG B 682 22.01 -8.60 -46.91
CA ARG B 682 21.60 -7.27 -47.36
C ARG B 682 21.16 -6.37 -46.18
N LEU B 683 20.44 -6.98 -45.22
CA LEU B 683 19.95 -6.24 -44.03
C LEU B 683 21.04 -5.84 -43.06
N LYS B 684 21.96 -6.79 -42.78
CA LYS B 684 23.15 -6.51 -41.96
C LYS B 684 23.90 -5.34 -42.52
N ALA B 685 24.15 -5.37 -43.82
CA ALA B 685 24.80 -4.23 -44.49
C ALA B 685 23.95 -2.97 -44.50
N PHE B 686 22.64 -3.11 -44.62
CA PHE B 686 21.79 -1.95 -44.55
C PHE B 686 21.87 -1.06 -43.26
N ILE B 687 21.91 -1.66 -42.07
CA ILE B 687 21.86 -0.85 -40.87
C ILE B 687 22.98 0.22 -40.75
N PRO B 688 24.26 -0.20 -40.81
CA PRO B 688 25.37 0.79 -40.74
C PRO B 688 25.22 1.81 -41.85
N GLN B 689 24.76 1.37 -43.00
CA GLN B 689 24.49 2.30 -44.07
C GLN B 689 23.44 3.28 -43.57
N LEU B 690 22.35 2.75 -43.01
CA LEU B 690 21.26 3.60 -42.58
C LEU B 690 21.69 4.60 -41.50
N LEU B 691 22.48 4.15 -40.54
CA LEU B 691 22.85 4.99 -39.42
C LEU B 691 23.99 5.97 -39.61
N SER B 692 24.75 5.82 -40.70
CA SER B 692 26.03 6.52 -40.87
C SER B 692 25.85 7.99 -41.13
N ARG B 693 24.74 8.33 -41.72
CA ARG B 693 24.43 9.74 -41.86
C ARG B 693 22.97 10.02 -41.49
N LEU B 694 22.79 10.98 -40.57
CA LEU B 694 21.50 11.36 -39.97
C LEU B 694 21.39 12.83 -39.60
N HIS B 695 20.15 13.25 -39.43
CA HIS B 695 19.84 14.47 -38.77
C HIS B 695 18.73 14.09 -37.80
N ILE B 696 18.70 14.74 -36.66
CA ILE B 696 17.77 14.37 -35.66
C ILE B 696 17.04 15.59 -35.36
N GLU B 697 15.72 15.53 -35.36
CA GLU B 697 14.94 16.66 -34.79
C GLU B 697 14.09 16.14 -33.63
N ALA B 698 14.17 16.81 -32.50
CA ALA B 698 13.61 16.28 -31.30
C ALA B 698 12.73 17.26 -30.58
N LEU B 699 11.74 16.70 -29.90
CA LEU B 699 10.88 17.51 -29.02
C LEU B 699 10.94 16.88 -27.68
N LEU B 700 11.45 17.62 -26.69
CA LEU B 700 11.47 17.04 -25.38
C LEU B 700 10.58 17.90 -24.56
N HIS B 701 9.57 17.29 -23.96
CA HIS B 701 8.48 18.05 -23.36
C HIS B 701 8.05 17.40 -22.05
N GLY B 702 8.06 18.13 -20.94
CA GLY B 702 7.60 17.51 -19.67
C GLY B 702 8.30 17.98 -18.41
N ASN B 703 8.34 17.10 -17.43
CA ASN B 703 9.01 17.38 -16.18
C ASN B 703 10.49 17.12 -16.36
N ILE B 704 11.13 17.92 -17.21
CA ILE B 704 12.61 18.01 -17.30
C ILE B 704 13.06 19.44 -17.52
N THR B 705 14.35 19.68 -17.29
CA THR B 705 14.88 21.00 -17.32
C THR B 705 15.69 21.15 -18.58
N LYS B 706 15.94 22.40 -18.99
CA LYS B 706 16.83 22.69 -20.12
C LYS B 706 18.13 21.91 -20.10
N GLN B 707 18.87 21.99 -18.98
CA GLN B 707 20.10 21.25 -18.80
C GLN B 707 19.87 19.77 -19.07
N ALA B 708 18.85 19.19 -18.44
CA ALA B 708 18.63 17.79 -18.53
C ALA B 708 18.36 17.41 -19.97
N ALA B 709 17.74 18.35 -20.69
CA ALA B 709 17.31 18.09 -22.05
C ALA B 709 18.47 18.04 -22.99
N LEU B 710 19.33 19.04 -22.85
CA LEU B 710 20.58 19.06 -23.60
C LEU B 710 21.33 17.80 -23.29
N GLY B 711 21.20 17.33 -22.05
CA GLY B 711 21.90 16.13 -21.63
C GLY B 711 21.36 14.89 -22.30
N ILE B 712 20.06 14.89 -22.57
CA ILE B 712 19.41 13.75 -23.20
C ILE B 712 19.81 13.69 -24.65
N MET B 713 19.78 14.85 -25.29
CA MET B 713 20.13 14.96 -26.68
C MET B 713 21.59 14.52 -26.88
N GLN B 714 22.46 15.05 -26.04
CA GLN B 714 23.86 14.71 -26.05
C GLN B 714 24.06 13.22 -25.98
N MET B 715 23.44 12.58 -25.00
CA MET B 715 23.61 11.16 -24.85
C MET B 715 23.22 10.37 -26.15
N VAL B 716 22.13 10.84 -26.78
CA VAL B 716 21.62 10.22 -27.99
C VAL B 716 22.65 10.28 -29.08
N GLU B 717 23.13 11.49 -29.33
CA GLU B 717 24.21 11.71 -30.28
C GLU B 717 25.47 10.89 -29.95
N ASP B 718 25.95 10.98 -28.72
CA ASP B 718 27.18 10.29 -28.37
C ASP B 718 27.14 8.81 -28.64
N THR B 719 26.04 8.17 -28.33
CA THR B 719 25.94 6.75 -28.51
C THR B 719 25.85 6.43 -30.03
N LEU B 720 25.19 7.29 -30.78
CA LEU B 720 25.19 7.07 -32.22
C LEU B 720 26.59 7.23 -32.81
N ILE B 721 27.21 8.37 -32.52
CA ILE B 721 28.57 8.66 -32.97
C ILE B 721 29.52 7.50 -32.61
N GLU B 722 29.57 7.14 -31.32
CA GLU B 722 30.44 6.05 -30.86
C GLU B 722 30.14 4.67 -31.44
N HIS B 723 28.89 4.25 -31.58
CA HIS B 723 28.69 2.88 -32.03
C HIS B 723 28.47 2.80 -33.53
N ALA B 724 28.11 3.90 -34.15
CA ALA B 724 27.66 3.83 -35.53
C ALA B 724 28.34 4.87 -36.40
N HIS B 725 29.14 5.74 -35.78
CA HIS B 725 30.01 6.69 -36.50
C HIS B 725 29.17 7.65 -37.32
N THR B 726 27.96 7.84 -36.84
CA THR B 726 27.07 8.82 -37.40
C THR B 726 27.77 10.17 -37.58
N LYS B 727 27.78 10.66 -38.81
CA LYS B 727 28.16 12.04 -39.09
C LYS B 727 26.92 12.78 -39.70
N PRO B 728 26.90 14.12 -39.70
CA PRO B 728 25.71 14.88 -40.11
C PRO B 728 25.32 14.82 -41.60
N LEU B 729 24.08 15.14 -41.94
CA LEU B 729 23.65 15.24 -43.34
C LEU B 729 23.88 16.63 -43.83
N LEU B 730 23.80 16.79 -45.13
CA LEU B 730 23.87 18.14 -45.68
C LEU B 730 22.50 18.79 -45.72
N PRO B 731 22.43 20.13 -45.50
CA PRO B 731 21.10 20.78 -45.52
C PRO B 731 20.23 20.38 -46.74
N SER B 732 20.82 20.36 -47.94
CA SER B 732 20.13 20.00 -49.21
C SER B 732 19.69 18.54 -49.33
N GLN B 733 20.08 17.71 -48.38
CA GLN B 733 19.77 16.33 -48.41
C GLN B 733 18.53 16.11 -47.56
N LEU B 734 18.08 17.16 -46.87
CA LEU B 734 16.86 17.13 -46.05
C LEU B 734 15.62 17.46 -46.85
N VAL B 735 15.21 16.55 -47.73
CA VAL B 735 14.08 16.79 -48.65
C VAL B 735 12.74 16.50 -47.95
N ARG B 736 11.82 17.45 -47.87
CA ARG B 736 10.40 17.12 -47.58
C ARG B 736 9.68 16.79 -48.95
N TYR B 737 8.62 16.00 -49.02
CA TYR B 737 7.98 15.71 -50.34
C TYR B 737 6.83 16.59 -50.71
N ARG B 738 6.59 16.72 -52.03
CA ARG B 738 5.58 17.62 -52.56
C ARG B 738 4.22 16.95 -52.93
N GLU B 739 3.21 17.78 -53.01
CA GLU B 739 1.95 17.35 -53.55
C GLU B 739 1.81 17.75 -55.03
N VAL B 740 1.32 16.78 -55.79
CA VAL B 740 0.82 16.95 -57.15
C VAL B 740 -0.11 18.15 -57.19
N GLN B 741 0.08 19.03 -58.16
CA GLN B 741 -0.74 20.23 -58.32
C GLN B 741 -1.71 20.06 -59.47
N LEU B 742 -3.00 19.99 -59.17
CA LEU B 742 -4.00 19.61 -60.15
C LEU B 742 -4.43 20.85 -60.94
N PRO B 743 -4.73 20.67 -62.23
CA PRO B 743 -5.07 21.83 -63.07
C PRO B 743 -6.46 22.42 -62.77
N ASP B 744 -6.57 23.75 -62.99
CA ASP B 744 -7.84 24.47 -62.99
C ASP B 744 -8.91 23.74 -63.81
N ARG B 745 -10.04 23.34 -63.20
CA ARG B 745 -11.17 22.66 -63.91
C ARG B 745 -10.92 21.21 -64.25
N GLY B 746 -9.86 20.62 -63.74
CA GLY B 746 -9.60 19.23 -64.11
C GLY B 746 -10.43 18.32 -63.24
N TRP B 747 -10.73 17.15 -63.78
CA TRP B 747 -11.38 16.13 -62.99
C TRP B 747 -10.77 14.78 -63.36
N PHE B 748 -10.08 14.16 -62.40
CA PHE B 748 -9.49 12.86 -62.61
C PHE B 748 -10.16 11.80 -61.75
N VAL B 749 -10.29 10.62 -62.33
CA VAL B 749 -10.82 9.49 -61.62
C VAL B 749 -9.87 8.35 -61.77
N TYR B 750 -9.61 7.70 -60.65
CA TYR B 750 -8.86 6.46 -60.61
C TYR B 750 -9.82 5.42 -60.02
N GLN B 751 -9.79 4.20 -60.54
CA GLN B 751 -10.80 3.21 -60.28
C GLN B 751 -10.12 1.87 -60.07
N GLN B 752 -10.40 1.21 -58.95
CA GLN B 752 -9.88 -0.12 -58.68
C GLN B 752 -11.03 -0.97 -58.22
N ARG B 753 -10.77 -2.23 -57.94
CA ARG B 753 -11.81 -3.11 -57.42
C ARG B 753 -11.31 -3.67 -56.08
N ASN B 754 -12.14 -3.69 -55.03
CA ASN B 754 -11.82 -4.38 -53.80
C ASN B 754 -12.22 -5.82 -54.03
N GLU B 755 -11.32 -6.79 -53.89
CA GLU B 755 -11.70 -8.15 -54.24
C GLU B 755 -12.41 -8.89 -53.10
N VAL B 756 -12.64 -8.22 -51.97
CA VAL B 756 -13.07 -8.97 -50.80
C VAL B 756 -14.45 -8.56 -50.30
N HIS B 757 -14.73 -7.27 -50.32
CA HIS B 757 -15.94 -6.75 -49.78
C HIS B 757 -16.95 -6.50 -50.89
N ASN B 758 -18.22 -6.82 -50.68
CA ASN B 758 -19.18 -6.42 -51.66
C ASN B 758 -19.84 -5.10 -51.32
N ASN B 759 -19.04 -4.09 -50.97
CA ASN B 759 -19.52 -2.73 -51.00
C ASN B 759 -18.51 -1.95 -51.78
N SER B 760 -18.76 -0.70 -52.07
CA SER B 760 -17.77 0.06 -52.75
C SER B 760 -17.40 1.26 -51.90
N GLY B 761 -16.30 1.93 -52.23
CA GLY B 761 -15.86 3.10 -51.51
C GLY B 761 -15.56 4.21 -52.48
N ILE B 762 -15.47 5.43 -51.99
CA ILE B 762 -15.09 6.54 -52.79
C ILE B 762 -14.40 7.60 -51.93
N GLU B 763 -13.32 8.18 -52.41
CA GLU B 763 -12.88 9.42 -51.81
C GLU B 763 -12.97 10.47 -52.92
N ILE B 764 -13.48 11.63 -52.54
CA ILE B 764 -13.54 12.71 -53.48
C ILE B 764 -12.75 13.82 -52.88
N TYR B 765 -11.82 14.36 -53.66
CA TYR B 765 -10.92 15.35 -53.14
C TYR B 765 -10.97 16.55 -54.04
N TYR B 766 -11.40 17.67 -53.46
CA TYR B 766 -11.31 18.97 -54.06
C TYR B 766 -10.07 19.72 -53.56
N GLN B 767 -8.98 19.64 -54.32
CA GLN B 767 -7.76 20.30 -53.86
C GLN B 767 -8.02 21.76 -53.84
N THR B 768 -7.64 22.39 -52.76
CA THR B 768 -7.76 23.79 -52.63
C THR B 768 -6.51 24.71 -52.97
N ASP B 769 -5.57 24.89 -52.04
CA ASP B 769 -4.32 25.62 -52.23
C ASP B 769 -3.35 25.27 -51.11
N MET B 770 -2.17 25.89 -51.11
CA MET B 770 -1.21 25.72 -50.04
C MET B 770 -1.82 26.14 -48.74
N GLN B 771 -1.39 25.54 -47.65
CA GLN B 771 -1.85 25.97 -46.37
C GLN B 771 -1.35 27.37 -46.12
N SER B 772 -2.23 28.19 -45.56
CA SER B 772 -1.91 29.54 -45.08
C SER B 772 -3.02 29.98 -44.13
N THR B 773 -2.79 30.99 -43.31
CA THR B 773 -3.80 31.43 -42.37
C THR B 773 -5.19 31.54 -43.01
N SER B 774 -5.28 32.14 -44.19
CA SER B 774 -6.64 32.46 -44.64
C SER B 774 -7.31 31.29 -45.38
N GLU B 775 -6.53 30.67 -46.27
CA GLU B 775 -6.93 29.47 -46.91
C GLU B 775 -7.29 28.35 -45.89
N ASN B 776 -6.55 28.29 -44.79
CA ASN B 776 -6.87 27.30 -43.80
C ASN B 776 -8.24 27.54 -43.26
N MET B 777 -8.55 28.80 -42.97
CA MET B 777 -9.78 29.06 -42.27
C MET B 777 -11.01 29.14 -43.19
N PHE B 778 -10.84 29.56 -44.44
CA PHE B 778 -11.94 29.44 -45.37
C PHE B 778 -12.41 27.98 -45.34
N LEU B 779 -11.43 27.10 -45.55
CA LEU B 779 -11.62 25.70 -45.67
C LEU B 779 -12.22 25.10 -44.41
N GLU B 780 -11.66 25.48 -43.27
CA GLU B 780 -12.02 24.91 -42.00
C GLU B 780 -13.44 25.31 -41.63
N LEU B 781 -13.87 26.47 -42.10
CA LEU B 781 -15.19 27.03 -41.78
C LEU B 781 -16.29 26.53 -42.72
N PHE B 782 -15.97 26.49 -44.00
CA PHE B 782 -16.83 25.81 -44.88
C PHE B 782 -17.03 24.39 -44.38
N ALA B 783 -15.97 23.74 -43.98
CA ALA B 783 -16.11 22.36 -43.57
C ALA B 783 -17.01 22.28 -42.31
N GLN B 784 -16.91 23.29 -41.45
CA GLN B 784 -17.68 23.31 -40.22
C GLN B 784 -19.14 23.43 -40.61
N ILE B 785 -19.43 24.30 -41.55
CA ILE B 785 -20.78 24.51 -41.89
C ILE B 785 -21.42 23.23 -42.45
N ILE B 786 -20.73 22.54 -43.33
CA ILE B 786 -21.39 21.48 -44.09
C ILE B 786 -21.27 20.19 -43.32
N SER B 787 -20.50 20.19 -42.25
CA SER B 787 -20.23 18.95 -41.54
C SER B 787 -21.49 18.11 -41.24
N GLU B 788 -22.35 18.65 -40.38
CA GLU B 788 -23.58 17.94 -39.95
C GLU B 788 -24.61 17.75 -41.11
N PRO B 789 -24.89 18.82 -41.87
CA PRO B 789 -25.73 18.61 -43.08
C PRO B 789 -25.23 17.47 -43.98
N ALA B 790 -23.93 17.31 -44.12
CA ALA B 790 -23.44 16.26 -44.97
C ALA B 790 -23.88 14.88 -44.48
N PHE B 791 -23.66 14.67 -43.20
CA PHE B 791 -23.99 13.43 -42.55
C PHE B 791 -25.48 13.24 -42.69
N ASN B 792 -26.23 14.28 -42.34
CA ASN B 792 -27.66 14.15 -42.26
C ASN B 792 -28.27 13.87 -43.60
N THR B 793 -27.71 14.47 -44.67
CA THR B 793 -28.21 14.28 -46.01
C THR B 793 -27.81 12.95 -46.61
N LEU B 794 -26.51 12.65 -46.58
CA LEU B 794 -25.97 11.52 -47.34
C LEU B 794 -26.19 10.21 -46.61
N ARG B 795 -26.25 10.30 -45.28
CA ARG B 795 -26.50 9.10 -44.49
C ARG B 795 -27.95 9.07 -43.96
N THR B 796 -28.34 10.01 -43.08
CA THR B 796 -29.67 9.97 -42.47
C THR B 796 -30.81 10.04 -43.49
N LYS B 797 -30.81 11.00 -44.42
CA LYS B 797 -31.86 11.08 -45.43
C LYS B 797 -31.68 10.06 -46.56
N GLU B 798 -30.54 10.06 -47.23
CA GLU B 798 -30.37 9.27 -48.44
C GLU B 798 -29.93 7.86 -48.16
N GLN B 799 -29.34 7.64 -46.98
CA GLN B 799 -28.87 6.31 -46.56
C GLN B 799 -27.84 5.62 -47.52
N LEU B 800 -26.81 6.36 -47.93
CA LEU B 800 -25.85 5.81 -48.85
C LEU B 800 -24.99 4.68 -48.27
N GLY B 801 -24.65 4.81 -47.00
CA GLY B 801 -23.98 3.72 -46.29
C GLY B 801 -23.73 4.24 -44.89
N TYR B 802 -23.26 3.36 -44.02
CA TYR B 802 -22.98 3.69 -42.66
C TYR B 802 -21.79 4.71 -42.51
N ILE B 803 -20.77 4.52 -43.34
CA ILE B 803 -19.64 5.43 -43.37
C ILE B 803 -19.85 6.52 -44.37
N VAL B 804 -19.88 7.75 -43.89
CA VAL B 804 -20.08 8.94 -44.70
C VAL B 804 -19.30 9.98 -43.96
N PHE B 805 -18.33 10.59 -44.60
CA PHE B 805 -17.41 11.46 -43.87
C PHE B 805 -17.13 12.66 -44.76
N SER B 806 -17.00 13.84 -44.16
CA SER B 806 -16.58 14.97 -44.97
C SER B 806 -15.65 15.76 -44.09
N GLY B 807 -14.79 16.61 -44.64
CA GLY B 807 -13.91 17.43 -43.82
C GLY B 807 -12.65 17.80 -44.57
N PRO B 808 -11.79 18.65 -43.99
CA PRO B 808 -10.50 19.05 -44.60
C PRO B 808 -9.53 17.89 -44.87
N ARG B 809 -8.78 17.91 -45.96
CA ARG B 809 -7.61 17.02 -46.09
C ARG B 809 -6.38 17.91 -46.10
N ARG B 810 -5.39 17.60 -45.26
CA ARG B 810 -4.09 18.33 -45.22
C ARG B 810 -2.95 17.39 -45.48
N ALA B 811 -2.11 17.68 -46.46
CA ALA B 811 -0.96 16.79 -46.72
C ALA B 811 0.16 17.52 -47.40
N ASN B 812 1.33 17.45 -46.74
CA ASN B 812 2.56 18.10 -47.14
C ASN B 812 2.37 19.46 -47.68
N GLY B 813 1.70 20.25 -46.86
CA GLY B 813 1.55 21.69 -47.03
C GLY B 813 0.30 22.11 -47.78
N ILE B 814 -0.35 21.15 -48.44
CA ILE B 814 -1.44 21.50 -49.31
C ILE B 814 -2.73 21.15 -48.57
N GLN B 815 -3.85 21.61 -49.09
CA GLN B 815 -5.10 21.22 -48.50
C GLN B 815 -6.23 21.20 -49.49
N GLY B 816 -7.38 20.79 -48.99
CA GLY B 816 -8.60 20.66 -49.78
C GLY B 816 -9.73 20.01 -49.00
N LEU B 817 -10.84 19.79 -49.68
CA LEU B 817 -12.00 19.29 -49.00
C LEU B 817 -12.23 17.88 -49.47
N ARG B 818 -12.59 17.01 -48.53
CA ARG B 818 -12.81 15.62 -48.92
C ARG B 818 -14.08 14.94 -48.42
N PHE B 819 -14.52 13.96 -49.17
CA PHE B 819 -15.71 13.25 -48.81
C PHE B 819 -15.33 11.82 -48.94
N ILE B 820 -15.76 11.00 -47.98
CA ILE B 820 -15.51 9.58 -48.06
C ILE B 820 -16.83 8.89 -47.83
N ILE B 821 -17.17 7.92 -48.66
CA ILE B 821 -18.38 7.15 -48.45
C ILE B 821 -18.15 5.69 -48.73
N GLN B 822 -18.73 4.82 -47.91
CA GLN B 822 -18.75 3.42 -48.28
C GLN B 822 -20.23 2.98 -48.43
N SER B 823 -20.55 2.27 -49.52
CA SER B 823 -21.94 2.13 -49.91
C SER B 823 -22.19 0.87 -50.70
N GLU B 824 -23.45 0.52 -50.89
CA GLU B 824 -23.79 -0.54 -51.79
C GLU B 824 -24.04 0.10 -53.15
N LYS B 825 -24.36 1.36 -53.18
CA LYS B 825 -24.46 2.01 -54.48
C LYS B 825 -23.09 2.14 -55.26
N PRO B 826 -23.12 2.15 -56.59
CA PRO B 826 -21.86 2.32 -57.34
C PRO B 826 -21.30 3.76 -57.26
N PRO B 827 -19.99 3.95 -57.39
CA PRO B 827 -19.42 5.25 -57.07
C PRO B 827 -19.85 6.40 -57.99
N HIS B 828 -20.06 6.12 -59.29
CA HIS B 828 -20.55 7.13 -60.21
C HIS B 828 -21.86 7.72 -59.65
N TYR B 829 -22.63 6.88 -58.96
CA TYR B 829 -23.85 7.34 -58.35
C TYR B 829 -23.49 8.20 -57.13
N LEU B 830 -22.56 7.70 -56.31
CA LEU B 830 -22.27 8.40 -55.10
C LEU B 830 -21.75 9.76 -55.45
N GLU B 831 -21.05 9.87 -56.59
CA GLU B 831 -20.51 11.16 -57.04
C GLU B 831 -21.60 12.17 -57.30
N SER B 832 -22.60 11.81 -58.10
CA SER B 832 -23.70 12.74 -58.37
C SER B 832 -24.37 13.23 -57.06
N ARG B 833 -24.59 12.29 -56.15
CA ARG B 833 -25.19 12.68 -54.87
C ARG B 833 -24.35 13.68 -54.09
N VAL B 834 -23.05 13.46 -53.96
CA VAL B 834 -22.22 14.50 -53.33
C VAL B 834 -22.34 15.86 -54.05
N GLU B 835 -22.34 15.84 -55.37
CA GLU B 835 -22.43 17.11 -56.09
C GLU B 835 -23.80 17.71 -55.86
N ALA B 836 -24.82 16.86 -55.78
CA ALA B 836 -26.19 17.33 -55.49
C ALA B 836 -26.22 18.02 -54.16
N PHE B 837 -25.60 17.38 -53.20
CA PHE B 837 -25.54 17.94 -51.90
C PHE B 837 -24.81 19.29 -51.88
N LEU B 838 -23.73 19.42 -52.65
CA LEU B 838 -22.95 20.66 -52.67
C LEU B 838 -23.85 21.79 -53.07
N ILE B 839 -24.75 21.51 -54.01
CA ILE B 839 -25.65 22.54 -54.44
C ILE B 839 -26.59 22.98 -53.33
N THR B 840 -27.36 22.04 -52.79
CA THR B 840 -28.17 22.22 -51.61
C THR B 840 -27.41 22.99 -50.52
N MET B 841 -26.10 22.74 -50.39
CA MET B 841 -25.32 23.53 -49.46
C MET B 841 -25.18 24.98 -49.87
N GLU B 842 -25.03 25.29 -51.16
CA GLU B 842 -24.90 26.69 -51.55
C GLU B 842 -26.17 27.47 -51.19
N LYS B 843 -27.32 26.92 -51.57
CA LYS B 843 -28.60 27.55 -51.33
C LYS B 843 -28.68 27.76 -49.83
N SER B 844 -28.37 26.71 -49.09
CA SER B 844 -28.51 26.73 -47.64
C SER B 844 -27.69 27.82 -46.94
N ILE B 845 -26.59 28.19 -47.55
CA ILE B 845 -25.72 29.24 -47.02
C ILE B 845 -26.19 30.60 -47.49
N GLU B 846 -26.69 30.67 -48.72
CA GLU B 846 -27.28 31.93 -49.21
C GLU B 846 -28.44 32.39 -48.32
N ASP B 847 -29.18 31.41 -47.79
CA ASP B 847 -30.36 31.69 -46.98
C ASP B 847 -30.09 31.66 -45.50
N MET B 848 -28.91 31.23 -45.05
CA MET B 848 -28.77 31.16 -43.57
C MET B 848 -28.59 32.53 -42.97
N THR B 849 -29.12 32.70 -41.76
CA THR B 849 -29.10 34.03 -41.16
C THR B 849 -27.71 34.42 -40.63
N GLU B 850 -27.57 35.71 -40.35
CA GLU B 850 -26.38 36.19 -39.74
C GLU B 850 -26.05 35.46 -38.45
N GLU B 851 -27.03 35.13 -37.63
CA GLU B 851 -26.62 34.57 -36.35
C GLU B 851 -26.37 33.06 -36.43
N ALA B 852 -27.00 32.39 -37.40
CA ALA B 852 -26.71 30.98 -37.64
C ALA B 852 -25.21 30.86 -38.00
N PHE B 853 -24.79 31.71 -38.91
CA PHE B 853 -23.41 31.82 -39.31
C PHE B 853 -22.43 32.06 -38.16
N GLN B 854 -22.69 33.09 -37.37
CA GLN B 854 -21.80 33.40 -36.27
C GLN B 854 -21.71 32.22 -35.34
N LYS B 855 -22.79 31.45 -35.25
CA LYS B 855 -22.84 30.27 -34.40
C LYS B 855 -21.77 29.29 -34.88
N HIS B 856 -21.67 29.09 -36.19
CA HIS B 856 -20.63 28.25 -36.77
C HIS B 856 -19.21 28.76 -36.47
N ILE B 857 -18.96 30.06 -36.75
CA ILE B 857 -17.70 30.69 -36.40
C ILE B 857 -17.36 30.35 -34.95
N GLN B 858 -18.37 30.47 -34.10
CA GLN B 858 -18.15 30.33 -32.69
C GLN B 858 -17.86 28.86 -32.38
N ALA B 859 -18.41 27.96 -33.18
CA ALA B 859 -18.24 26.55 -32.86
C ALA B 859 -16.86 26.14 -33.30
N LEU B 860 -16.45 26.65 -34.47
CA LEU B 860 -15.09 26.38 -34.92
C LEU B 860 -14.07 26.94 -33.90
N ALA B 861 -14.28 28.21 -33.53
CA ALA B 861 -13.46 28.83 -32.50
C ALA B 861 -13.32 27.93 -31.28
N ILE B 862 -14.42 27.52 -30.67
CA ILE B 862 -14.32 26.68 -29.48
C ILE B 862 -13.54 25.37 -29.76
N ARG B 863 -13.77 24.75 -30.91
CA ARG B 863 -13.02 23.53 -31.28
C ARG B 863 -11.52 23.81 -31.37
N ARG B 864 -11.13 24.89 -32.04
CA ARG B 864 -9.75 25.14 -32.32
C ARG B 864 -9.01 25.57 -31.08
N LEU B 865 -9.70 26.35 -30.24
CA LEU B 865 -9.10 26.85 -29.00
C LEU B 865 -9.15 25.90 -27.83
N ASP B 866 -9.74 24.73 -27.99
CA ASP B 866 -9.91 23.82 -26.88
C ASP B 866 -8.57 23.47 -26.25
N LYS B 867 -8.37 23.91 -25.00
CA LYS B 867 -7.09 23.72 -24.31
C LYS B 867 -6.83 22.19 -24.05
N PRO B 868 -5.62 21.68 -24.38
CA PRO B 868 -5.26 20.26 -24.08
C PRO B 868 -5.29 19.79 -22.60
N LYS B 869 -5.77 18.56 -22.34
CA LYS B 869 -6.01 18.11 -20.93
C LYS B 869 -4.92 17.24 -20.34
N LYS B 870 -4.02 16.73 -21.17
CA LYS B 870 -2.83 16.01 -20.68
C LYS B 870 -1.57 16.37 -21.49
N LEU B 871 -0.42 16.03 -20.95
CA LEU B 871 0.87 16.32 -21.59
C LEU B 871 0.92 15.83 -23.04
N SER B 872 0.50 14.60 -23.29
CA SER B 872 0.72 14.11 -24.63
C SER B 872 -0.19 14.73 -25.70
N ALA B 873 -1.34 15.26 -25.32
CA ALA B 873 -2.10 16.03 -26.28
C ALA B 873 -1.33 17.30 -26.61
N GLU B 874 -0.71 17.93 -25.64
CA GLU B 874 0.01 19.14 -25.94
C GLU B 874 1.27 18.85 -26.81
N SER B 875 2.04 17.83 -26.46
CA SER B 875 3.12 17.37 -27.31
C SER B 875 2.69 17.14 -28.73
N ALA B 876 1.60 16.42 -28.92
CA ALA B 876 1.14 16.09 -30.23
C ALA B 876 0.84 17.35 -31.04
N LYS B 877 0.26 18.37 -30.44
CA LYS B 877 0.19 19.68 -31.07
C LYS B 877 1.55 20.28 -31.49
N TYR B 878 2.49 20.33 -30.56
CA TYR B 878 3.81 20.85 -30.93
C TYR B 878 4.49 19.96 -31.97
N TRP B 879 4.44 18.66 -31.75
CA TRP B 879 4.95 17.71 -32.70
C TRP B 879 4.48 17.95 -34.14
N GLY B 880 3.20 18.30 -34.29
CA GLY B 880 2.54 18.52 -35.57
C GLY B 880 3.25 19.66 -36.27
N GLU B 881 3.46 20.77 -35.56
CA GLU B 881 4.07 21.95 -36.11
C GLU B 881 5.51 21.70 -36.53
N ILE B 882 6.20 20.85 -35.75
CA ILE B 882 7.57 20.40 -36.02
C ILE B 882 7.71 19.42 -37.24
N ILE B 883 7.06 18.27 -37.27
CA ILE B 883 7.22 17.47 -38.44
C ILE B 883 6.65 18.15 -39.69
N SER B 884 5.64 19.01 -39.56
CA SER B 884 5.09 19.63 -40.77
C SER B 884 6.06 20.73 -41.18
N GLN B 885 6.87 21.12 -40.23
CA GLN B 885 7.90 22.10 -40.46
C GLN B 885 7.37 23.48 -40.65
N GLN B 886 6.17 23.75 -40.16
CA GLN B 886 5.61 25.09 -40.19
C GLN B 886 5.91 25.83 -38.89
N TYR B 887 6.24 25.04 -37.87
CA TYR B 887 6.65 25.60 -36.59
C TYR B 887 5.74 26.68 -35.97
N ASN B 888 4.47 26.69 -36.27
CA ASN B 888 3.59 27.79 -35.88
C ASN B 888 2.87 27.44 -34.56
N PHE B 889 3.56 27.67 -33.46
CA PHE B 889 3.09 27.22 -32.16
C PHE B 889 1.92 27.96 -31.58
N ASP B 890 1.71 29.19 -32.04
CA ASP B 890 0.62 30.04 -31.59
C ASP B 890 -0.51 29.98 -32.61
N ARG B 891 -0.53 28.93 -33.45
CA ARG B 891 -1.43 28.85 -34.60
C ARG B 891 -2.92 29.12 -34.31
N ASP B 892 -3.44 28.41 -33.32
CA ASP B 892 -4.84 28.58 -32.89
C ASP B 892 -5.24 30.02 -32.59
N ASN B 893 -4.40 30.77 -31.86
CA ASN B 893 -4.83 32.12 -31.57
C ASN B 893 -4.93 32.97 -32.83
N THR B 894 -3.84 32.98 -33.60
CA THR B 894 -3.78 33.66 -34.86
C THR B 894 -4.95 33.25 -35.71
N GLU B 895 -5.13 31.95 -35.88
CA GLU B 895 -6.11 31.48 -36.85
C GLU B 895 -7.56 31.77 -36.41
N VAL B 896 -7.82 31.67 -35.11
CA VAL B 896 -9.18 32.02 -34.66
C VAL B 896 -9.43 33.55 -34.80
N ALA B 897 -8.44 34.36 -34.43
CA ALA B 897 -8.56 35.80 -34.59
C ALA B 897 -8.92 36.06 -36.05
N TYR B 898 -8.21 35.47 -36.97
CA TYR B 898 -8.60 35.68 -38.34
C TYR B 898 -10.02 35.18 -38.68
N LEU B 899 -10.41 34.01 -38.16
CA LEU B 899 -11.68 33.40 -38.49
C LEU B 899 -12.81 34.32 -38.14
N LYS B 900 -12.71 34.96 -36.99
CA LYS B 900 -13.79 35.86 -36.56
C LYS B 900 -14.04 37.03 -37.54
N THR B 901 -13.08 37.34 -38.38
CA THR B 901 -13.32 38.47 -39.26
C THR B 901 -13.98 38.04 -40.57
N LEU B 902 -14.17 36.72 -40.75
CA LEU B 902 -14.75 36.20 -41.99
C LEU B 902 -16.27 36.38 -42.07
N THR B 903 -16.76 36.62 -43.29
CA THR B 903 -18.20 36.90 -43.48
C THR B 903 -18.87 35.87 -44.33
N LYS B 904 -20.21 35.79 -44.26
CA LYS B 904 -21.00 34.92 -45.13
C LYS B 904 -20.47 35.12 -46.57
N GLU B 905 -20.26 36.38 -46.93
CA GLU B 905 -19.91 36.73 -48.29
C GLU B 905 -18.58 36.12 -48.68
N ASP B 906 -17.61 36.16 -47.77
CA ASP B 906 -16.32 35.52 -48.03
C ASP B 906 -16.48 34.03 -48.33
N ILE B 907 -17.18 33.33 -47.46
CA ILE B 907 -17.38 31.90 -47.61
C ILE B 907 -18.02 31.59 -48.93
N ILE B 908 -19.05 32.33 -49.30
CA ILE B 908 -19.57 32.21 -50.65
C ILE B 908 -18.53 32.47 -51.77
N LYS B 909 -17.75 33.58 -51.73
CA LYS B 909 -16.84 33.86 -52.90
C LYS B 909 -15.92 32.64 -53.08
N PHE B 910 -15.32 32.20 -51.97
CA PHE B 910 -14.49 31.01 -51.88
C PHE B 910 -15.13 29.74 -52.49
N TYR B 911 -16.36 29.43 -52.05
CA TYR B 911 -17.09 28.34 -52.69
C TYR B 911 -17.17 28.50 -54.18
N LYS B 912 -17.50 29.70 -54.65
CA LYS B 912 -17.70 29.90 -56.09
C LYS B 912 -16.39 29.90 -56.84
N GLU B 913 -15.29 30.28 -56.21
CA GLU B 913 -13.98 30.20 -56.88
C GLU B 913 -13.34 28.80 -56.93
N MET B 914 -13.57 27.99 -55.88
CA MET B 914 -12.76 26.79 -55.60
C MET B 914 -13.50 25.46 -55.70
N LEU B 915 -14.78 25.46 -55.33
CA LEU B 915 -15.54 24.21 -55.11
C LEU B 915 -16.74 23.99 -56.03
N ALA B 916 -17.52 25.03 -56.27
CA ALA B 916 -18.71 24.92 -57.10
C ALA B 916 -18.41 24.18 -58.39
N VAL B 917 -19.37 23.40 -58.85
CA VAL B 917 -19.20 22.55 -60.01
C VAL B 917 -18.73 23.32 -61.25
N ASP B 918 -18.87 24.66 -61.26
CA ASP B 918 -18.35 25.49 -62.36
C ASP B 918 -17.46 26.63 -61.85
N ALA B 919 -16.72 26.30 -60.82
CA ALA B 919 -15.71 27.18 -60.25
C ALA B 919 -14.52 27.22 -61.21
N PRO B 920 -13.94 28.41 -61.43
CA PRO B 920 -12.79 28.49 -62.37
C PRO B 920 -11.54 27.74 -61.85
N ARG B 921 -11.38 27.66 -60.53
CA ARG B 921 -10.22 27.01 -59.95
C ARG B 921 -10.55 25.66 -59.28
N ARG B 922 -11.53 24.94 -59.79
CA ARG B 922 -11.90 23.66 -59.22
C ARG B 922 -10.86 22.59 -59.59
N HIS B 923 -10.35 21.87 -58.59
CA HIS B 923 -9.39 20.82 -58.79
C HIS B 923 -9.91 19.57 -58.16
N LYS B 924 -10.49 18.70 -58.96
CA LYS B 924 -11.15 17.60 -58.39
C LYS B 924 -10.50 16.28 -58.72
N VAL B 925 -10.26 15.42 -57.73
CA VAL B 925 -9.83 14.03 -58.08
C VAL B 925 -10.63 13.03 -57.23
N SER B 926 -10.95 11.88 -57.80
CA SER B 926 -11.83 10.96 -57.17
C SER B 926 -11.28 9.59 -57.32
N VAL B 927 -11.30 8.84 -56.22
CA VAL B 927 -10.91 7.45 -56.26
C VAL B 927 -12.15 6.57 -56.09
N HIS B 928 -12.34 5.62 -56.98
CA HIS B 928 -13.52 4.79 -57.01
C HIS B 928 -13.12 3.38 -56.69
N VAL B 929 -13.61 2.84 -55.60
CA VAL B 929 -13.29 1.47 -55.36
C VAL B 929 -14.55 0.67 -55.50
N LEU B 930 -14.59 -0.23 -56.48
CA LEU B 930 -15.74 -1.03 -56.76
C LEU B 930 -15.80 -2.24 -55.86
N ALA B 931 -17.03 -2.65 -55.59
CA ALA B 931 -17.38 -3.85 -54.88
C ALA B 931 -16.90 -5.11 -55.59
N ARG B 932 -16.70 -6.17 -54.80
CA ARG B 932 -16.28 -7.45 -55.29
C ARG B 932 -17.03 -7.76 -56.62
N GLU B 933 -18.32 -7.45 -56.70
CA GLU B 933 -19.08 -7.89 -57.85
C GLU B 933 -19.68 -6.90 -58.86
N MET B 934 -19.29 -5.61 -58.90
CA MET B 934 -19.85 -4.66 -59.91
C MET B 934 -19.11 -4.58 -61.26
N ASP B 935 -19.49 -3.65 -62.17
CA ASP B 935 -18.51 -3.05 -63.19
C ASP B 935 -18.62 -1.53 -63.34
N LEU B 951 -35.56 13.72 -53.03
CA LEU B 951 -34.32 13.58 -53.84
C LEU B 951 -33.92 14.76 -54.72
N SER B 952 -33.01 15.61 -54.22
CA SER B 952 -32.65 16.83 -54.93
C SER B 952 -31.83 16.55 -56.19
N GLN B 953 -31.79 17.55 -57.08
CA GLN B 953 -31.27 17.46 -58.46
C GLN B 953 -29.74 17.52 -58.53
N ALA B 954 -29.15 16.46 -59.10
CA ALA B 954 -27.70 16.43 -59.25
C ALA B 954 -27.37 17.25 -60.48
N PRO B 955 -26.27 18.05 -60.42
CA PRO B 955 -25.81 18.84 -61.61
C PRO B 955 -25.25 17.93 -62.70
N ALA B 956 -25.15 18.36 -63.95
CA ALA B 956 -24.44 17.52 -64.93
C ALA B 956 -22.92 17.74 -64.84
N LEU B 957 -22.19 16.65 -64.92
CA LEU B 957 -20.75 16.68 -64.73
C LEU B 957 -19.99 16.42 -66.02
N PRO B 958 -18.79 17.02 -66.15
CA PRO B 958 -17.87 16.75 -67.28
C PRO B 958 -17.41 15.25 -67.39
N GLN B 959 -16.93 14.83 -68.56
CA GLN B 959 -16.32 13.51 -68.66
C GLN B 959 -15.00 13.64 -67.86
N PRO B 960 -14.72 12.70 -66.94
CA PRO B 960 -13.41 12.87 -66.30
C PRO B 960 -12.29 12.25 -67.10
N GLU B 961 -11.08 12.68 -66.83
CA GLU B 961 -9.94 11.96 -67.33
C GLU B 961 -9.62 10.77 -66.44
N VAL B 962 -9.55 9.58 -67.03
CA VAL B 962 -9.32 8.36 -66.31
C VAL B 962 -7.81 8.02 -66.22
N ILE B 963 -7.28 8.09 -65.01
CA ILE B 963 -5.92 7.74 -64.74
C ILE B 963 -5.77 6.26 -65.03
N GLN B 964 -4.82 5.91 -65.87
CA GLN B 964 -4.55 4.52 -66.12
C GLN B 964 -3.35 4.07 -65.36
N ASN B 965 -2.45 5.00 -65.05
CA ASN B 965 -1.17 4.65 -64.47
C ASN B 965 -0.74 5.77 -63.52
N MET B 966 -0.54 5.45 -62.24
CA MET B 966 -0.19 6.50 -61.24
C MET B 966 1.07 7.29 -61.56
N THR B 967 2.08 6.58 -62.00
CA THR B 967 3.26 7.22 -62.44
C THR B 967 3.01 8.16 -63.64
N GLU B 968 2.44 7.66 -64.76
CA GLU B 968 2.11 8.57 -65.90
C GLU B 968 1.32 9.78 -65.39
N PHE B 969 0.43 9.56 -64.44
CA PHE B 969 -0.36 10.68 -63.89
C PHE B 969 0.49 11.74 -63.18
N LYS B 970 1.34 11.33 -62.24
CA LYS B 970 2.16 12.27 -61.51
C LYS B 970 3.13 13.00 -62.45
N ARG B 971 3.82 12.24 -63.29
CA ARG B 971 4.74 12.77 -64.27
C ARG B 971 4.13 13.82 -65.20
N GLY B 972 2.84 13.71 -65.52
CA GLY B 972 2.16 14.72 -66.36
C GLY B 972 1.68 15.95 -65.62
N LEU B 973 1.98 16.08 -64.34
CA LEU B 973 1.51 17.23 -63.59
C LEU B 973 2.59 17.99 -62.84
N PRO B 974 2.36 19.26 -62.55
CA PRO B 974 3.33 20.03 -61.76
C PRO B 974 3.32 19.56 -60.29
N LEU B 975 4.32 19.93 -59.50
CA LEU B 975 4.30 19.68 -58.08
C LEU B 975 4.26 21.00 -57.38
N PHE B 976 3.53 21.08 -56.28
CA PHE B 976 3.45 22.31 -55.50
C PHE B 976 4.83 22.70 -54.97
N PRO B 977 5.03 23.97 -54.55
CA PRO B 977 6.14 24.25 -53.60
C PRO B 977 5.96 23.52 -52.26
N LEU B 978 6.98 23.54 -51.40
CA LEU B 978 6.86 23.17 -50.02
C LEU B 978 6.57 24.40 -49.21
N VAL B 979 5.86 24.26 -48.08
CA VAL B 979 5.43 25.44 -47.26
C VAL B 979 6.62 26.15 -46.57
N LYS B 980 6.51 27.47 -46.34
CA LYS B 980 7.52 28.24 -45.60
C LYS B 980 7.33 28.11 -44.05
N PRO B 981 8.44 27.94 -43.28
CA PRO B 981 8.40 28.01 -41.79
C PRO B 981 7.81 29.31 -41.12
N HIS B 982 7.76 29.34 -39.78
CA HIS B 982 7.39 30.52 -38.91
C HIS B 982 6.09 31.32 -39.22
#